data_9LZW
#
_entry.id   9LZW
#
_cell.length_a   1.00
_cell.length_b   1.00
_cell.length_c   1.00
_cell.angle_alpha   90.00
_cell.angle_beta   90.00
_cell.angle_gamma   90.00
#
_symmetry.space_group_name_H-M   'P 1'
#
loop_
_entity.id
_entity.type
_entity.pdbx_description
1 polymer 'Capsid protein alpha'
2 polymer 'Capsid protein alpha'
#
loop_
_entity_poly.entity_id
_entity_poly.type
_entity_poly.pdbx_seq_one_letter_code
_entity_poly.pdbx_strand_id
1 'polypeptide(L)'
;MVNNNRPRRQRAQRVVVTTTQTAPVPQQNVPRNGRRRRNRTRRNRRRVRGMNMAALTRLSQPGLAFLKCAFAPPDFNTDP
GKGIPDRFEGKVVSRKDVLNQSISFTAGQDTFILIAPTPGVAYWSASVPAGTFPTSATTFNPVNYPGFTSMFGTTSTSRS
DQVSSFRYASMNVGIYPTSNLMQFAGSITVWKCPVKLSTVQFPVATDPATSSLVHTLVGLDGVLAVGPDNFSESFIKGVF
SQSACNEPDFEFNDILEGIQTLPPANVSLGSTGQPFTMDSGAEATSGVVGWGNMDTIVIRVSAPEGAVNSAILKAWSCIE
YRPNPNAMLYQFGHDSPPLDEVALQEYRTVARSLPVAVIAAQN
;
A,B,C,G,H,I
2 'polypeptide(L)' ASMWERVKSIIKSSLAAASNIPGPIGVAASGISGLSALFEGFGF D,E,F,J,K,L
#
# COMPACT_ATOMS: atom_id res chain seq x y z
N GLN A 21 35.74 -32.24 -4.44
CA GLN A 21 37.18 -32.17 -4.21
C GLN A 21 37.82 -31.08 -5.07
N THR A 22 37.03 -30.51 -5.97
CA THR A 22 37.53 -29.45 -6.84
C THR A 22 37.93 -28.23 -6.03
N ALA A 23 39.10 -27.69 -6.33
CA ALA A 23 39.61 -26.54 -5.58
C ALA A 23 38.76 -25.30 -5.87
N PRO A 24 38.48 -24.49 -4.86
CA PRO A 24 37.69 -23.27 -5.10
C PRO A 24 38.44 -22.30 -6.00
N VAL A 25 37.69 -21.58 -6.82
CA VAL A 25 38.26 -20.56 -7.71
C VAL A 25 38.57 -19.31 -6.88
N PRO A 26 39.81 -18.83 -6.89
CA PRO A 26 40.14 -17.65 -6.08
C PRO A 26 39.45 -16.40 -6.58
N GLN A 27 39.19 -15.48 -5.65
CA GLN A 27 38.56 -14.20 -5.95
C GLN A 27 39.55 -13.07 -5.67
N GLN A 28 39.41 -11.99 -6.43
CA GLN A 28 40.30 -10.84 -6.30
C GLN A 28 39.48 -9.56 -6.38
N ASN A 29 40.10 -8.47 -5.92
CA ASN A 29 39.49 -7.13 -5.92
C ASN A 29 38.18 -7.12 -5.13
N VAL A 30 38.15 -7.86 -4.03
CA VAL A 30 37.00 -7.87 -3.13
C VAL A 30 37.09 -6.67 -2.21
N PRO A 31 36.06 -5.81 -2.16
CA PRO A 31 36.07 -4.61 -1.30
C PRO A 31 36.00 -4.94 0.18
N THR A 57 18.25 25.79 15.98
CA THR A 57 18.45 26.78 14.93
C THR A 57 17.14 27.44 14.54
N ARG A 58 17.21 28.61 13.91
CA ARG A 58 16.04 29.37 13.50
C ARG A 58 16.13 29.67 12.01
N LEU A 59 15.04 30.20 11.47
CA LEU A 59 14.94 30.51 10.06
C LEU A 59 15.72 31.78 9.73
N SER A 60 15.88 32.02 8.44
CA SER A 60 16.48 33.25 7.93
C SER A 60 15.43 34.06 7.19
N GLN A 61 15.73 35.34 6.99
CA GLN A 61 14.80 36.22 6.28
C GLN A 61 14.51 35.74 4.86
N PRO A 62 15.49 35.35 4.04
CA PRO A 62 15.14 34.81 2.72
C PRO A 62 14.30 33.55 2.79
N GLY A 63 14.48 32.71 3.82
CA GLY A 63 13.64 31.53 3.95
C GLY A 63 12.19 31.89 4.24
N LEU A 64 11.97 32.87 5.12
CA LEU A 64 10.61 33.33 5.40
C LEU A 64 10.00 33.95 4.15
N ALA A 65 10.77 34.72 3.39
CA ALA A 65 10.28 35.29 2.14
C ALA A 65 9.91 34.20 1.14
N PHE A 66 10.73 33.14 1.07
CA PHE A 66 10.44 32.03 0.19
C PHE A 66 9.13 31.34 0.59
N LEU A 67 8.95 31.10 1.89
CA LEU A 67 7.70 30.48 2.35
C LEU A 67 6.50 31.37 2.04
N LYS A 68 6.66 32.69 2.20
CA LYS A 68 5.56 33.60 1.92
C LYS A 68 5.20 33.63 0.44
N CYS A 69 6.20 33.68 -0.44
CA CYS A 69 5.91 33.59 -1.87
C CYS A 69 5.35 32.22 -2.26
N ALA A 70 5.65 31.19 -1.48
CA ALA A 70 5.19 29.85 -1.81
C ALA A 70 3.74 29.62 -1.41
N PHE A 71 3.35 30.03 -0.20
CA PHE A 71 2.08 29.58 0.36
C PHE A 71 1.03 30.67 0.56
N ALA A 72 1.42 31.91 0.82
CA ALA A 72 0.47 32.99 1.10
C ALA A 72 0.77 34.21 0.25
N PRO A 73 0.41 34.17 -1.04
CA PRO A 73 0.62 35.34 -1.91
C PRO A 73 -0.20 36.55 -1.48
N PRO A 74 -1.55 36.45 -1.41
CA PRO A 74 -2.35 37.67 -1.33
C PRO A 74 -2.51 38.25 0.07
N ASP A 75 -1.70 37.83 1.04
CA ASP A 75 -1.83 38.29 2.42
C ASP A 75 -0.83 39.39 2.77
N PHE A 76 -0.10 39.92 1.79
CA PHE A 76 0.91 40.94 2.05
C PHE A 76 0.79 42.05 1.02
N ASN A 77 1.24 43.25 1.42
CA ASN A 77 1.16 44.40 0.53
C ASN A 77 2.01 44.21 -0.72
N THR A 78 3.21 43.67 -0.55
CA THR A 78 4.13 43.43 -1.66
C THR A 78 4.61 41.99 -1.61
N ASP A 79 4.96 41.45 -2.76
CA ASP A 79 5.47 40.09 -2.84
C ASP A 79 6.79 40.00 -2.08
N PRO A 80 6.90 39.14 -1.05
CA PRO A 80 8.10 39.14 -0.23
C PRO A 80 9.23 38.28 -0.80
N GLY A 81 8.87 37.31 -1.64
CA GLY A 81 9.83 36.36 -2.16
C GLY A 81 10.98 36.97 -2.93
N LYS A 82 12.20 36.53 -2.62
CA LYS A 82 13.40 37.01 -3.28
C LYS A 82 14.20 35.91 -3.97
N GLY A 83 14.15 34.68 -3.47
CA GLY A 83 14.88 33.60 -4.10
C GLY A 83 14.68 32.30 -3.33
N ILE A 84 15.17 31.23 -3.93
CA ILE A 84 15.08 29.89 -3.33
C ILE A 84 16.37 29.65 -2.54
N PRO A 85 16.28 29.39 -1.24
CA PRO A 85 17.50 29.22 -0.42
C PRO A 85 18.10 27.83 -0.53
N ASP A 86 18.43 27.42 -1.75
CA ASP A 86 19.08 26.16 -2.01
C ASP A 86 20.59 26.38 -2.16
N ARG A 87 21.30 25.33 -2.59
CA ARG A 87 22.76 25.40 -2.69
C ARG A 87 23.21 26.40 -3.75
N PHE A 88 22.44 26.53 -4.83
CA PHE A 88 22.85 27.38 -5.94
C PHE A 88 22.87 28.85 -5.53
N GLU A 89 23.97 29.54 -5.84
CA GLU A 89 24.14 30.95 -5.52
C GLU A 89 24.71 31.70 -6.72
N GLY A 90 24.14 31.46 -7.90
CA GLY A 90 24.57 32.11 -9.11
C GLY A 90 23.86 33.44 -9.33
N LYS A 91 23.86 33.88 -10.58
CA LYS A 91 23.21 35.12 -10.98
C LYS A 91 21.85 34.79 -11.58
N VAL A 92 20.79 35.34 -10.98
CA VAL A 92 19.42 35.06 -11.39
C VAL A 92 18.63 36.36 -11.47
N VAL A 93 17.52 36.30 -12.20
CA VAL A 93 16.57 37.40 -12.28
C VAL A 93 15.20 36.85 -11.92
N SER A 94 14.61 37.34 -10.85
CA SER A 94 13.34 36.86 -10.35
C SER A 94 12.21 37.77 -10.84
N ARG A 95 11.16 37.16 -11.38
CA ARG A 95 10.01 37.89 -11.90
C ARG A 95 8.73 37.31 -11.32
N LYS A 96 7.82 38.20 -10.92
CA LYS A 96 6.53 37.81 -10.38
C LYS A 96 5.44 38.26 -11.35
N ASP A 97 4.60 37.32 -11.77
CA ASP A 97 3.54 37.58 -12.74
C ASP A 97 2.19 37.42 -12.07
N VAL A 98 1.32 38.42 -12.25
CA VAL A 98 -0.03 38.42 -11.72
C VAL A 98 -0.99 38.81 -12.83
N LEU A 99 -2.11 38.10 -12.92
CA LEU A 99 -3.13 38.35 -13.94
C LEU A 99 -4.47 38.56 -13.28
N ASN A 100 -5.23 39.53 -13.80
CA ASN A 100 -6.58 39.83 -13.34
C ASN A 100 -7.51 39.75 -14.54
N GLN A 101 -8.26 38.66 -14.65
CA GLN A 101 -9.11 38.38 -15.80
C GLN A 101 -10.55 38.23 -15.37
N SER A 102 -11.46 38.81 -16.16
CA SER A 102 -12.89 38.66 -15.95
C SER A 102 -13.44 37.67 -16.96
N ILE A 103 -14.13 36.63 -16.46
CA ILE A 103 -14.59 35.53 -17.27
C ILE A 103 -16.04 35.22 -16.94
N SER A 104 -16.85 35.00 -17.98
CA SER A 104 -18.22 34.56 -17.84
C SER A 104 -18.34 33.12 -18.30
N PHE A 105 -19.11 32.32 -17.57
CA PHE A 105 -19.24 30.90 -17.82
C PHE A 105 -20.56 30.61 -18.52
N THR A 106 -20.51 29.86 -19.61
CA THR A 106 -21.71 29.56 -20.39
C THR A 106 -22.60 28.58 -19.63
N ALA A 107 -23.91 28.76 -19.76
CA ALA A 107 -24.88 27.88 -19.14
C ALA A 107 -25.00 26.58 -19.93
N GLY A 108 -25.13 25.47 -19.21
CA GLY A 108 -25.25 24.17 -19.85
C GLY A 108 -23.95 23.60 -20.37
N GLN A 109 -22.81 24.11 -19.93
CA GLN A 109 -21.50 23.65 -20.38
C GLN A 109 -20.59 23.43 -19.17
N ASP A 110 -19.66 22.50 -19.33
CA ASP A 110 -18.60 22.28 -18.35
C ASP A 110 -17.34 22.99 -18.84
N THR A 111 -16.86 23.95 -18.07
CA THR A 111 -15.67 24.72 -18.42
C THR A 111 -14.49 24.18 -17.62
N PHE A 112 -13.45 23.76 -18.35
CA PHE A 112 -12.25 23.21 -17.73
C PHE A 112 -11.11 24.21 -17.84
N ILE A 113 -10.38 24.39 -16.74
CA ILE A 113 -9.27 25.34 -16.67
C ILE A 113 -8.04 24.58 -16.19
N LEU A 114 -6.93 24.75 -16.91
CA LEU A 114 -5.67 24.10 -16.58
C LEU A 114 -4.65 25.14 -16.16
N ILE A 115 -3.98 24.89 -15.05
CA ILE A 115 -2.89 25.75 -14.60
C ILE A 115 -1.59 24.96 -14.70
N ALA A 116 -0.91 25.08 -15.85
CA ALA A 116 0.27 24.31 -16.17
C ALA A 116 1.54 25.15 -15.99
N PRO A 117 2.67 24.52 -15.67
CA PRO A 117 3.93 25.26 -15.50
C PRO A 117 4.57 25.63 -16.83
N THR A 118 3.86 26.46 -17.60
CA THR A 118 4.38 26.99 -18.85
C THR A 118 4.69 28.47 -18.67
N PRO A 119 5.96 28.88 -18.74
CA PRO A 119 6.28 30.30 -18.53
C PRO A 119 5.59 31.20 -19.55
N GLY A 120 5.11 32.35 -19.08
CA GLY A 120 4.48 33.33 -19.94
C GLY A 120 3.02 33.10 -20.22
N VAL A 121 2.44 31.99 -19.74
CA VAL A 121 1.04 31.66 -19.98
C VAL A 121 0.36 31.45 -18.63
N ALA A 122 -0.85 32.00 -18.49
CA ALA A 122 -1.56 31.90 -17.21
C ALA A 122 -2.33 30.59 -17.12
N TYR A 123 -3.22 30.33 -18.08
CA TYR A 123 -4.07 29.15 -18.01
C TYR A 123 -4.54 28.78 -19.41
N TRP A 124 -5.07 27.57 -19.53
CA TRP A 124 -5.68 27.07 -20.76
C TRP A 124 -7.13 26.75 -20.48
N SER A 125 -8.00 26.98 -21.47
CA SER A 125 -9.43 26.88 -21.26
C SER A 125 -10.08 26.10 -22.40
N ALA A 126 -11.15 25.39 -22.06
CA ALA A 126 -11.98 24.68 -23.02
C ALA A 126 -13.35 24.46 -22.40
N SER A 127 -14.34 24.24 -23.27
CA SER A 127 -15.72 24.05 -22.82
C SER A 127 -16.33 22.86 -23.54
N VAL A 128 -17.12 22.07 -22.80
CA VAL A 128 -17.76 20.86 -23.32
C VAL A 128 -19.20 20.82 -22.84
N PRO A 129 -20.05 20.05 -23.51
CA PRO A 129 -21.44 19.93 -23.07
C PRO A 129 -21.55 19.43 -21.64
N ALA A 130 -22.64 19.83 -20.98
CA ALA A 130 -22.80 19.57 -19.55
C ALA A 130 -22.83 18.07 -19.25
N GLY A 131 -22.22 17.69 -18.13
CA GLY A 131 -22.22 16.33 -17.66
C GLY A 131 -21.21 15.41 -18.32
N THR A 132 -20.36 15.92 -19.20
CA THR A 132 -19.41 15.11 -19.94
C THR A 132 -17.98 15.56 -19.63
N PHE A 133 -17.04 14.98 -20.35
CA PHE A 133 -15.62 15.22 -20.19
C PHE A 133 -14.99 15.44 -21.55
N PRO A 134 -13.83 16.09 -21.61
CA PRO A 134 -13.22 16.39 -22.92
C PRO A 134 -12.93 15.13 -23.72
N THR A 135 -13.08 15.24 -25.03
CA THR A 135 -12.87 14.15 -25.97
C THR A 135 -11.71 14.48 -26.89
N SER A 136 -11.52 13.65 -27.92
CA SER A 136 -10.43 13.86 -28.86
C SER A 136 -10.61 15.10 -29.72
N ALA A 137 -11.80 15.69 -29.74
CA ALA A 137 -12.06 16.91 -30.50
C ALA A 137 -11.87 18.18 -29.70
N THR A 138 -11.47 18.07 -28.43
CA THR A 138 -11.28 19.23 -27.58
C THR A 138 -9.92 19.86 -27.82
N THR A 139 -9.90 21.20 -27.87
CA THR A 139 -8.67 21.95 -28.08
C THR A 139 -8.58 23.05 -27.02
N PHE A 140 -7.43 23.16 -26.37
CA PHE A 140 -7.21 24.17 -25.35
C PHE A 140 -6.48 25.37 -25.93
N ASN A 141 -6.78 26.55 -25.41
CA ASN A 141 -6.21 27.79 -25.88
C ASN A 141 -5.63 28.58 -24.71
N PRO A 142 -4.54 29.31 -24.94
CA PRO A 142 -3.85 29.98 -23.83
C PRO A 142 -4.32 31.42 -23.62
N VAL A 143 -4.09 31.89 -22.40
CA VAL A 143 -4.29 33.30 -22.03
C VAL A 143 -2.97 33.80 -21.45
N ASN A 144 -2.36 34.76 -22.14
CA ASN A 144 -1.00 35.17 -21.84
C ASN A 144 -0.92 36.07 -20.61
N TYR A 145 0.22 36.00 -19.93
CA TYR A 145 0.58 37.00 -18.95
C TYR A 145 0.95 38.30 -19.65
N PRO A 146 0.88 39.44 -18.96
CA PRO A 146 1.30 40.70 -19.57
C PRO A 146 2.78 40.69 -19.90
N GLY A 147 3.14 41.39 -20.97
CA GLY A 147 4.53 41.50 -21.37
C GLY A 147 5.18 40.23 -21.87
N PHE A 148 4.46 39.43 -22.66
CA PHE A 148 5.04 38.21 -23.22
C PHE A 148 6.04 38.53 -24.33
N THR A 149 5.70 39.48 -25.20
CA THR A 149 6.56 39.80 -26.34
C THR A 149 7.89 40.38 -25.88
N SER A 150 7.87 41.25 -24.87
CA SER A 150 9.08 41.89 -24.40
C SER A 150 10.07 40.92 -23.78
N MET A 151 9.65 39.68 -23.49
CA MET A 151 10.54 38.69 -22.89
C MET A 151 10.84 37.51 -23.79
N PHE A 152 9.90 37.11 -24.65
CA PHE A 152 10.08 35.92 -25.48
C PHE A 152 9.93 36.21 -26.97
N GLY A 153 10.16 37.47 -27.37
CA GLY A 153 10.23 37.80 -28.78
C GLY A 153 8.91 37.73 -29.51
N THR A 154 9.01 37.79 -30.83
CA THR A 154 7.85 37.74 -31.72
C THR A 154 7.96 36.65 -32.78
N THR A 155 8.90 35.72 -32.64
CA THR A 155 9.11 34.67 -33.62
C THR A 155 9.41 33.37 -32.87
N SER A 156 8.96 32.25 -33.44
CA SER A 156 9.10 30.95 -32.77
C SER A 156 10.55 30.57 -32.52
N THR A 157 11.50 31.19 -33.22
CA THR A 157 12.92 30.91 -33.03
C THR A 157 13.65 32.07 -32.33
N SER A 158 12.93 32.85 -31.53
CA SER A 158 13.51 33.96 -30.78
C SER A 158 13.15 33.88 -29.30
N ARG A 159 12.90 32.67 -28.79
CA ARG A 159 12.47 32.49 -27.41
C ARG A 159 13.62 32.60 -26.41
N SER A 160 14.86 32.46 -26.84
CA SER A 160 16.02 32.47 -25.95
C SER A 160 16.89 33.71 -26.14
N ASP A 161 16.33 34.79 -26.69
CA ASP A 161 17.10 36.00 -26.91
C ASP A 161 17.46 36.71 -25.61
N GLN A 162 16.58 36.65 -24.62
CA GLN A 162 16.77 37.34 -23.35
C GLN A 162 17.20 36.43 -22.21
N VAL A 163 16.67 35.21 -22.15
CA VAL A 163 16.94 34.29 -21.05
C VAL A 163 17.41 32.95 -21.60
N SER A 164 17.97 32.13 -20.72
CA SER A 164 18.52 30.83 -21.09
C SER A 164 17.86 29.67 -20.38
N SER A 165 17.46 29.84 -19.11
CA SER A 165 16.84 28.76 -18.35
C SER A 165 15.94 29.37 -17.28
N PHE A 166 15.22 28.50 -16.58
CA PHE A 166 14.25 28.95 -15.59
C PHE A 166 13.98 27.82 -14.59
N ARG A 167 13.36 28.20 -13.47
CA ARG A 167 12.85 27.23 -12.52
C ARG A 167 11.76 27.89 -11.69
N TYR A 168 10.75 27.11 -11.33
CA TYR A 168 9.58 27.61 -10.62
C TYR A 168 9.80 27.55 -9.10
N ALA A 169 9.00 28.32 -8.38
CA ALA A 169 9.03 28.28 -6.92
C ALA A 169 7.62 28.21 -6.34
N SER A 170 6.62 28.76 -7.04
CA SER A 170 5.25 28.73 -6.54
C SER A 170 4.29 28.86 -7.70
N MET A 171 3.03 28.53 -7.42
CA MET A 171 1.96 28.61 -8.42
C MET A 171 0.63 28.59 -7.68
N ASN A 172 -0.21 29.59 -7.94
CA ASN A 172 -1.46 29.76 -7.21
C ASN A 172 -2.56 30.19 -8.15
N VAL A 173 -3.80 29.99 -7.72
CA VAL A 173 -4.99 30.36 -8.49
C VAL A 173 -6.14 30.60 -7.53
N GLY A 174 -7.12 31.39 -7.97
CA GLY A 174 -8.29 31.67 -7.17
C GLY A 174 -9.42 32.21 -8.03
N ILE A 175 -10.64 31.91 -7.60
CA ILE A 175 -11.85 32.35 -8.31
C ILE A 175 -12.72 33.12 -7.33
N TYR A 176 -13.10 34.33 -7.68
CA TYR A 176 -13.94 35.17 -6.84
C TYR A 176 -15.26 35.45 -7.55
N PRO A 177 -16.38 34.91 -7.08
CA PRO A 177 -17.65 35.09 -7.80
C PRO A 177 -18.10 36.54 -7.81
N THR A 178 -18.87 36.88 -8.83
CA THR A 178 -19.40 38.23 -9.04
C THR A 178 -20.92 38.28 -9.03
N SER A 179 -21.58 37.23 -9.51
CA SER A 179 -23.03 37.22 -9.60
C SER A 179 -23.66 37.30 -8.21
N ASN A 180 -24.90 37.78 -8.17
CA ASN A 180 -25.63 37.93 -6.92
C ASN A 180 -26.15 36.57 -6.47
N LEU A 181 -26.97 36.56 -5.41
CA LEU A 181 -27.50 35.33 -4.84
C LEU A 181 -28.89 34.99 -5.38
N MET A 182 -29.17 35.38 -6.62
CA MET A 182 -30.47 35.15 -7.22
C MET A 182 -30.42 34.50 -8.59
N GLN A 183 -29.24 34.36 -9.20
CA GLN A 183 -29.13 33.85 -10.56
C GLN A 183 -28.08 32.76 -10.74
N PHE A 184 -27.27 32.46 -9.74
CA PHE A 184 -26.20 31.48 -9.91
C PHE A 184 -26.72 30.06 -9.68
N ALA A 185 -25.95 29.10 -10.20
CA ALA A 185 -26.22 27.68 -10.01
C ALA A 185 -25.02 26.89 -10.52
N GLY A 186 -24.67 25.82 -9.81
CA GLY A 186 -23.59 24.94 -10.21
C GLY A 186 -22.65 24.68 -9.06
N SER A 187 -21.46 24.18 -9.40
CA SER A 187 -20.45 23.80 -8.41
C SER A 187 -19.07 23.99 -9.01
N ILE A 188 -18.06 23.90 -8.15
CA ILE A 188 -16.66 24.02 -8.55
C ILE A 188 -15.88 22.84 -7.96
N THR A 189 -15.14 22.13 -8.81
CA THR A 189 -14.32 21.01 -8.40
C THR A 189 -12.88 21.23 -8.84
N VAL A 190 -11.94 20.84 -7.98
CA VAL A 190 -10.52 21.06 -8.23
C VAL A 190 -9.74 19.83 -7.80
N TRP A 191 -8.81 19.40 -8.66
CA TRP A 191 -7.89 18.32 -8.32
C TRP A 191 -6.63 18.48 -9.16
N LYS A 192 -5.58 17.76 -8.76
CA LYS A 192 -4.26 17.90 -9.36
C LYS A 192 -3.91 16.66 -10.18
N CYS A 193 -3.05 16.85 -11.18
CA CYS A 193 -2.58 15.75 -12.00
C CYS A 193 -1.07 15.84 -12.20
N PRO A 194 -0.38 14.70 -12.26
CA PRO A 194 1.08 14.71 -12.51
C PRO A 194 1.42 14.66 -14.00
N VAL A 195 1.22 15.79 -14.67
CA VAL A 195 1.46 15.90 -16.11
C VAL A 195 2.92 16.25 -16.34
N LYS A 196 3.58 15.52 -17.25
CA LYS A 196 4.97 15.74 -17.57
C LYS A 196 5.19 15.63 -19.07
N LEU A 197 6.36 16.08 -19.51
CA LEU A 197 6.70 16.14 -20.93
C LEU A 197 7.75 15.06 -21.24
N SER A 198 7.52 14.32 -22.32
CA SER A 198 8.41 13.24 -22.71
C SER A 198 8.42 13.16 -24.24
N THR A 199 8.92 12.04 -24.77
CA THR A 199 9.08 11.86 -26.21
C THR A 199 8.40 10.58 -26.66
N VAL A 200 7.98 10.57 -27.93
CA VAL A 200 7.35 9.41 -28.55
C VAL A 200 7.98 9.19 -29.92
N GLN A 201 8.19 7.93 -30.29
CA GLN A 201 8.79 7.58 -31.57
C GLN A 201 7.83 6.71 -32.37
N PHE A 202 7.89 6.88 -33.69
CA PHE A 202 7.01 6.16 -34.61
C PHE A 202 7.62 6.19 -36.00
N PRO A 203 7.37 5.18 -36.82
CA PRO A 203 7.98 5.14 -38.15
C PRO A 203 7.22 5.96 -39.17
N VAL A 204 7.95 6.47 -40.16
CA VAL A 204 7.39 7.24 -41.26
C VAL A 204 7.81 6.56 -42.57
N ALA A 205 6.85 6.46 -43.50
CA ALA A 205 7.07 5.76 -44.77
C ALA A 205 7.48 6.76 -45.85
N THR A 206 8.73 7.20 -45.76
CA THR A 206 9.33 8.05 -46.78
C THR A 206 10.21 7.19 -47.69
N ASP A 207 10.92 7.84 -48.61
CA ASP A 207 11.79 7.16 -49.56
C ASP A 207 13.20 7.71 -49.45
N PRO A 208 14.10 7.08 -48.68
CA PRO A 208 13.89 5.87 -47.86
C PRO A 208 13.16 6.16 -46.56
N ALA A 209 12.61 5.14 -45.92
CA ALA A 209 11.87 5.33 -44.68
C ALA A 209 12.81 5.70 -43.54
N THR A 210 12.27 6.38 -42.54
CA THR A 210 13.04 6.84 -41.39
C THR A 210 12.18 6.75 -40.14
N SER A 211 12.76 7.18 -39.02
CA SER A 211 12.07 7.23 -37.74
C SER A 211 11.98 8.68 -37.26
N SER A 212 10.93 8.97 -36.49
CA SER A 212 10.66 10.32 -36.01
C SER A 212 10.66 10.35 -34.49
N LEU A 213 11.12 11.47 -33.93
CA LEU A 213 11.13 11.69 -32.49
C LEU A 213 10.59 13.09 -32.23
N VAL A 214 9.43 13.16 -31.57
CA VAL A 214 8.77 14.43 -31.29
C VAL A 214 8.40 14.47 -29.81
N HIS A 215 7.89 15.63 -29.39
CA HIS A 215 7.48 15.84 -28.01
C HIS A 215 6.04 15.39 -27.80
N THR A 216 5.76 14.91 -26.59
CA THR A 216 4.41 14.52 -26.19
C THR A 216 4.28 14.68 -24.69
N LEU A 217 3.03 14.79 -24.23
CA LEU A 217 2.72 14.98 -22.82
C LEU A 217 2.14 13.69 -22.26
N VAL A 218 2.71 13.22 -21.15
CA VAL A 218 2.27 12.02 -20.47
C VAL A 218 1.59 12.41 -19.16
N GLY A 219 0.49 11.75 -18.84
CA GLY A 219 -0.27 12.04 -17.65
C GLY A 219 -1.51 12.87 -17.86
N LEU A 220 -1.82 13.24 -19.10
CA LEU A 220 -3.01 14.04 -19.38
C LEU A 220 -4.30 13.25 -19.21
N ASP A 221 -4.21 11.93 -19.04
CA ASP A 221 -5.41 11.11 -18.86
C ASP A 221 -6.11 11.35 -17.53
N GLY A 222 -5.47 12.03 -16.58
CA GLY A 222 -6.10 12.33 -15.32
C GLY A 222 -7.13 13.44 -15.38
N VAL A 223 -7.23 14.14 -16.51
CA VAL A 223 -8.25 15.17 -16.68
C VAL A 223 -9.60 14.57 -17.03
N LEU A 224 -9.64 13.32 -17.47
CA LEU A 224 -10.87 12.69 -17.96
C LEU A 224 -11.77 12.17 -16.84
N ALA A 225 -11.35 12.30 -15.59
CA ALA A 225 -12.17 11.83 -14.48
C ALA A 225 -11.83 12.63 -13.23
N VAL A 226 -12.75 12.61 -12.27
CA VAL A 226 -12.55 13.32 -11.01
C VAL A 226 -11.69 12.47 -10.10
N GLY A 227 -10.60 13.05 -9.59
CA GLY A 227 -9.69 12.34 -8.72
C GLY A 227 -10.32 12.07 -7.36
N PRO A 228 -9.86 10.99 -6.70
CA PRO A 228 -10.37 10.70 -5.35
C PRO A 228 -10.14 11.82 -4.37
N ASP A 229 -9.03 12.54 -4.49
CA ASP A 229 -8.70 13.66 -3.61
C ASP A 229 -9.07 14.95 -4.32
N ASN A 230 -10.14 15.61 -3.86
CA ASN A 230 -10.66 16.78 -4.54
C ASN A 230 -11.42 17.64 -3.55
N PHE A 231 -11.65 18.89 -3.94
CA PHE A 231 -12.48 19.82 -3.18
C PHE A 231 -13.69 20.17 -4.03
N SER A 232 -14.88 19.94 -3.48
CA SER A 232 -16.13 20.24 -4.18
C SER A 232 -17.03 21.05 -3.27
N GLU A 233 -17.65 22.09 -3.84
CA GLU A 233 -18.49 23.00 -3.07
C GLU A 233 -19.34 23.78 -4.06
N SER A 234 -20.19 24.66 -3.52
CA SER A 234 -21.04 25.49 -4.37
C SER A 234 -20.20 26.54 -5.09
N PHE A 235 -20.77 27.07 -6.17
CA PHE A 235 -20.07 28.06 -6.99
C PHE A 235 -19.84 29.36 -6.23
N ILE A 236 -20.82 29.79 -5.43
CA ILE A 236 -20.79 31.12 -4.82
C ILE A 236 -19.71 31.29 -3.77
N LYS A 237 -19.10 30.20 -3.29
CA LYS A 237 -18.10 30.29 -2.23
C LYS A 237 -16.68 30.45 -2.75
N GLY A 238 -16.46 30.33 -4.07
CA GLY A 238 -15.13 30.50 -4.61
C GLY A 238 -14.21 29.31 -4.31
N VAL A 239 -12.93 29.54 -4.59
CA VAL A 239 -11.91 28.51 -4.39
C VAL A 239 -10.55 29.19 -4.35
N PHE A 240 -9.58 28.51 -3.73
CA PHE A 240 -8.20 29.00 -3.69
C PHE A 240 -7.30 27.81 -3.43
N SER A 241 -6.40 27.52 -4.38
CA SER A 241 -5.53 26.36 -4.28
C SER A 241 -4.13 26.72 -4.73
N GLN A 242 -3.16 25.90 -4.34
CA GLN A 242 -1.77 26.09 -4.69
C GLN A 242 -1.15 24.75 -5.06
N SER A 243 -0.01 24.83 -5.75
CA SER A 243 0.75 23.65 -6.14
C SER A 243 2.10 23.63 -5.42
N ALA A 244 2.83 22.55 -5.61
CA ALA A 244 4.12 22.37 -4.95
C ALA A 244 5.04 21.58 -5.85
N CYS A 245 6.34 21.65 -5.55
CA CYS A 245 7.34 20.93 -6.33
C CYS A 245 7.15 19.42 -6.19
N ASN A 246 7.28 18.72 -7.31
CA ASN A 246 7.14 17.27 -7.36
C ASN A 246 8.47 16.58 -7.62
N GLU A 247 9.56 17.16 -7.13
CA GLU A 247 10.91 16.62 -7.28
C GLU A 247 11.63 16.76 -5.95
N PRO A 248 12.59 15.87 -5.66
CA PRO A 248 13.31 15.98 -4.38
C PRO A 248 14.10 17.26 -4.22
N ASP A 249 14.41 17.95 -5.31
CA ASP A 249 15.16 19.20 -5.24
C ASP A 249 14.82 20.05 -6.46
N PHE A 250 15.30 21.29 -6.44
CA PHE A 250 15.02 22.24 -7.50
C PHE A 250 16.10 22.17 -8.56
N GLU A 251 15.69 22.10 -9.83
CA GLU A 251 16.62 22.01 -10.94
C GLU A 251 16.21 22.99 -12.04
N PHE A 252 17.19 23.39 -12.84
CA PHE A 252 16.99 24.35 -13.91
C PHE A 252 16.55 23.64 -15.18
N ASN A 253 15.57 24.22 -15.86
CA ASN A 253 15.06 23.68 -17.12
C ASN A 253 15.40 24.65 -18.25
N ASP A 254 15.80 24.08 -19.40
CA ASP A 254 16.21 24.90 -20.53
C ASP A 254 14.99 25.44 -21.27
N ILE A 255 15.25 26.33 -22.21
CA ILE A 255 14.19 26.98 -22.99
C ILE A 255 14.02 26.20 -24.29
N LEU A 256 12.80 25.70 -24.52
CA LEU A 256 12.49 25.00 -25.75
C LEU A 256 12.14 25.99 -26.85
N GLU A 257 12.48 25.62 -28.08
CA GLU A 257 12.33 26.51 -29.23
C GLU A 257 11.50 25.82 -30.31
N GLY A 258 10.63 26.59 -30.96
CA GLY A 258 9.90 26.14 -32.13
C GLY A 258 8.58 25.46 -31.86
N ILE A 259 8.21 25.24 -30.61
CA ILE A 259 6.97 24.55 -30.27
C ILE A 259 5.82 25.55 -30.28
N GLN A 260 4.79 25.25 -31.07
CA GLN A 260 3.58 26.06 -31.12
C GLN A 260 2.30 25.26 -31.01
N THR A 261 2.37 23.93 -31.13
CA THR A 261 1.19 23.08 -31.02
C THR A 261 1.61 21.73 -30.47
N LEU A 262 0.68 21.06 -29.80
CA LEU A 262 0.90 19.71 -29.29
C LEU A 262 -0.37 18.90 -29.51
N PRO A 263 -0.36 17.94 -30.45
CA PRO A 263 0.76 17.50 -31.30
C PRO A 263 1.17 18.52 -32.34
N PRO A 264 2.43 18.48 -32.79
CA PRO A 264 2.90 19.45 -33.79
C PRO A 264 2.27 19.24 -35.15
N ALA A 265 2.62 20.10 -36.10
CA ALA A 265 2.07 20.00 -37.45
C ALA A 265 2.54 18.72 -38.13
N ASN A 266 1.69 18.21 -39.02
CA ASN A 266 1.95 17.02 -39.81
C ASN A 266 2.10 15.76 -38.95
N VAL A 267 1.55 15.77 -37.74
CA VAL A 267 1.55 14.62 -36.85
C VAL A 267 0.13 14.41 -36.35
N SER A 268 -0.38 13.19 -36.53
CA SER A 268 -1.74 12.88 -36.11
C SER A 268 -1.84 12.77 -34.60
N LEU A 269 -3.05 13.02 -34.08
CA LEU A 269 -3.25 12.93 -32.63
C LEU A 269 -3.13 11.50 -32.14
N GLY A 270 -3.61 10.53 -32.93
CA GLY A 270 -3.55 9.14 -32.52
C GLY A 270 -2.16 8.55 -32.49
N SER A 271 -1.23 9.12 -33.25
CA SER A 271 0.15 8.62 -33.24
C SER A 271 0.81 8.87 -31.89
N THR A 272 0.59 10.05 -31.30
CA THR A 272 1.24 10.39 -30.04
C THR A 272 0.57 9.67 -28.86
N GLY A 273 -0.75 9.51 -28.90
CA GLY A 273 -1.48 8.93 -27.80
C GLY A 273 -2.07 9.92 -26.82
N GLN A 274 -2.12 11.19 -27.17
CA GLN A 274 -2.67 12.19 -26.27
C GLN A 274 -4.20 12.11 -26.24
N PRO A 275 -4.83 12.52 -25.14
CA PRO A 275 -6.30 12.51 -25.10
C PRO A 275 -6.93 13.65 -25.89
N PHE A 276 -6.31 14.83 -25.89
CA PHE A 276 -6.85 15.97 -26.60
C PHE A 276 -5.68 16.77 -27.18
N THR A 277 -5.97 17.98 -27.66
CA THR A 277 -5.01 18.80 -28.39
C THR A 277 -4.79 20.12 -27.67
N MET A 278 -3.53 20.55 -27.61
CA MET A 278 -3.17 21.85 -27.06
C MET A 278 -2.67 22.74 -28.19
N ASP A 279 -3.20 23.96 -28.27
CA ASP A 279 -2.86 24.90 -29.32
C ASP A 279 -2.43 26.22 -28.70
N SER A 280 -1.60 26.96 -29.43
CA SER A 280 -1.04 28.22 -28.92
C SER A 280 -1.18 29.37 -29.90
N GLY A 281 -1.88 29.18 -31.02
CA GLY A 281 -2.11 30.28 -31.93
C GLY A 281 -0.88 30.69 -32.72
N ALA A 282 -0.90 31.95 -33.16
CA ALA A 282 0.19 32.48 -33.97
C ALA A 282 1.43 32.72 -33.14
N GLU A 283 2.60 32.67 -33.80
CA GLU A 283 3.87 32.85 -33.12
C GLU A 283 4.08 34.29 -32.64
N ALA A 284 3.38 35.25 -33.23
CA ALA A 284 3.56 36.65 -32.85
C ALA A 284 2.92 36.97 -31.50
N THR A 285 2.01 36.12 -31.01
CA THR A 285 1.26 36.39 -29.79
C THR A 285 1.64 35.46 -28.64
N SER A 286 1.73 34.16 -28.88
CA SER A 286 1.97 33.22 -27.79
C SER A 286 2.73 32.02 -28.33
N GLY A 287 3.15 31.17 -27.40
CA GLY A 287 3.86 29.94 -27.75
C GLY A 287 4.19 29.16 -26.50
N VAL A 288 4.75 27.98 -26.71
CA VAL A 288 5.16 27.10 -25.62
C VAL A 288 6.66 27.20 -25.48
N VAL A 289 7.12 27.52 -24.27
CA VAL A 289 8.54 27.76 -24.02
C VAL A 289 9.18 26.62 -23.26
N GLY A 290 8.48 26.05 -22.28
CA GLY A 290 9.03 24.95 -21.51
C GLY A 290 7.99 24.37 -20.58
N TRP A 291 8.42 23.36 -19.83
CA TRP A 291 7.58 22.68 -18.85
C TRP A 291 8.36 22.51 -17.57
N GLY A 292 7.85 23.06 -16.46
CA GLY A 292 8.53 23.00 -15.19
C GLY A 292 8.15 21.78 -14.38
N ASN A 293 8.76 21.69 -13.19
CA ASN A 293 8.52 20.57 -12.28
C ASN A 293 7.47 20.97 -11.24
N MET A 294 6.25 21.19 -11.73
CA MET A 294 5.12 21.52 -10.88
C MET A 294 3.90 20.70 -11.30
N ASP A 295 3.02 20.45 -10.34
CA ASP A 295 1.81 19.70 -10.60
C ASP A 295 0.78 20.58 -11.29
N THR A 296 -0.01 19.97 -12.18
CA THR A 296 -1.02 20.69 -12.95
C THR A 296 -2.33 20.71 -12.19
N ILE A 297 -2.95 21.88 -12.11
CA ILE A 297 -4.22 22.08 -11.41
C ILE A 297 -5.35 22.00 -12.44
N VAL A 298 -6.37 21.21 -12.14
CA VAL A 298 -7.53 21.03 -13.01
C VAL A 298 -8.75 21.56 -12.26
N ILE A 299 -9.46 22.50 -12.88
CA ILE A 299 -10.65 23.10 -12.30
C ILE A 299 -11.80 22.95 -13.29
N ARG A 300 -12.92 22.41 -12.82
CA ARG A 300 -14.11 22.21 -13.63
C ARG A 300 -15.25 23.03 -13.05
N VAL A 301 -15.88 23.85 -13.90
CA VAL A 301 -17.04 24.65 -13.50
C VAL A 301 -18.24 24.17 -14.32
N SER A 302 -19.27 23.71 -13.63
CA SER A 302 -20.47 23.19 -14.26
C SER A 302 -21.65 24.07 -13.89
N ALA A 303 -22.46 24.43 -14.90
CA ALA A 303 -23.63 25.26 -14.69
C ALA A 303 -24.78 24.69 -15.50
N PRO A 304 -25.96 24.52 -14.89
CA PRO A 304 -27.12 24.03 -15.64
C PRO A 304 -27.72 25.14 -16.48
N GLU A 305 -28.82 24.80 -17.16
CA GLU A 305 -29.50 25.76 -18.02
C GLU A 305 -30.13 26.88 -17.19
N GLY A 306 -30.13 28.09 -17.75
CA GLY A 306 -30.72 29.24 -17.11
C GLY A 306 -29.86 29.92 -16.07
N ALA A 307 -28.63 29.47 -15.87
CA ALA A 307 -27.75 30.06 -14.87
C ALA A 307 -26.89 31.16 -15.50
N VAL A 308 -26.52 32.13 -14.67
CA VAL A 308 -25.66 33.24 -15.07
C VAL A 308 -24.52 33.31 -14.06
N ASN A 309 -23.35 32.82 -14.44
CA ASN A 309 -22.18 32.77 -13.56
C ASN A 309 -21.11 33.72 -14.08
N SER A 310 -20.65 34.60 -13.21
CA SER A 310 -19.55 35.51 -13.52
C SER A 310 -18.61 35.57 -12.33
N ALA A 311 -17.31 35.72 -12.62
CA ALA A 311 -16.30 35.73 -11.58
C ALA A 311 -15.04 36.41 -12.11
N ILE A 312 -14.03 36.49 -11.26
CA ILE A 312 -12.73 37.05 -11.60
C ILE A 312 -11.67 36.01 -11.25
N LEU A 313 -10.79 35.72 -12.20
CA LEU A 313 -9.76 34.71 -12.04
C LEU A 313 -8.39 35.36 -11.91
N LYS A 314 -7.68 35.02 -10.83
CA LYS A 314 -6.36 35.57 -10.56
C LYS A 314 -5.34 34.44 -10.50
N ALA A 315 -4.11 34.77 -10.91
CA ALA A 315 -3.02 33.80 -10.90
C ALA A 315 -1.77 34.48 -10.37
N TRP A 316 -0.89 33.67 -9.74
CA TRP A 316 0.36 34.14 -9.19
C TRP A 316 1.49 33.23 -9.63
N SER A 317 2.70 33.79 -9.68
CA SER A 317 3.88 33.03 -10.08
C SER A 317 5.11 33.62 -9.41
N CYS A 318 5.99 32.73 -8.95
CA CYS A 318 7.25 33.09 -8.29
C CYS A 318 8.32 32.27 -9.01
N ILE A 319 8.99 32.88 -9.99
CA ILE A 319 9.86 32.14 -10.90
C ILE A 319 11.20 32.85 -11.04
N GLU A 320 12.26 32.07 -11.13
CA GLU A 320 13.62 32.56 -11.35
C GLU A 320 14.04 32.31 -12.78
N TYR A 321 14.97 33.13 -13.28
CA TYR A 321 15.44 33.04 -14.65
C TYR A 321 16.98 33.04 -14.68
N ARG A 322 17.52 33.00 -15.88
CA ARG A 322 18.96 33.04 -16.12
C ARG A 322 19.21 34.01 -17.28
N PRO A 323 19.68 35.21 -17.00
CA PRO A 323 19.77 36.24 -18.04
C PRO A 323 21.07 36.14 -18.84
N ASN A 324 21.00 36.65 -20.07
CA ASN A 324 22.03 36.81 -21.08
C ASN A 324 22.71 38.18 -20.92
N PRO A 325 24.04 38.22 -20.94
CA PRO A 325 24.72 39.50 -20.70
C PRO A 325 24.45 40.57 -21.73
N ASN A 326 24.02 40.21 -22.94
CA ASN A 326 23.73 41.19 -23.98
C ASN A 326 22.32 41.73 -23.90
N ALA A 327 21.51 41.26 -22.96
CA ALA A 327 20.14 41.71 -22.82
C ALA A 327 20.03 42.82 -21.80
N MET A 328 18.89 43.51 -21.81
CA MET A 328 18.64 44.61 -20.89
C MET A 328 18.18 44.13 -19.51
N LEU A 329 17.80 42.86 -19.37
CA LEU A 329 17.36 42.31 -18.09
C LEU A 329 18.51 42.04 -17.13
N TYR A 330 19.75 42.06 -17.63
CA TYR A 330 20.91 41.75 -16.79
C TYR A 330 21.12 42.76 -15.67
N GLN A 331 20.63 43.99 -15.84
CA GLN A 331 20.89 45.04 -14.86
C GLN A 331 20.13 44.84 -13.55
N PHE A 332 19.01 44.12 -13.58
CA PHE A 332 18.19 43.93 -12.40
C PHE A 332 18.55 42.67 -11.61
N GLY A 333 19.53 41.90 -12.06
CA GLY A 333 19.83 40.63 -11.43
C GLY A 333 20.53 40.76 -10.09
N HIS A 334 20.52 39.67 -9.35
CA HIS A 334 21.20 39.57 -8.07
C HIS A 334 21.65 38.12 -7.88
N ASP A 335 22.02 37.77 -6.65
CA ASP A 335 22.50 36.43 -6.34
C ASP A 335 21.47 35.68 -5.50
N SER A 336 21.37 34.37 -5.74
CA SER A 336 20.42 33.55 -5.02
C SER A 336 20.83 33.43 -3.54
N PRO A 337 19.85 33.34 -2.64
CA PRO A 337 20.18 33.23 -1.22
C PRO A 337 20.86 31.90 -0.92
N PRO A 338 21.70 31.85 0.13
CA PRO A 338 22.41 30.61 0.45
C PRO A 338 21.49 29.53 1.03
N LEU A 339 22.08 28.41 1.43
CA LEU A 339 21.31 27.25 1.87
C LEU A 339 20.58 27.53 3.18
N ASP A 340 19.45 26.85 3.36
CA ASP A 340 18.65 26.96 4.58
C ASP A 340 17.89 25.64 4.74
N GLU A 341 18.36 24.78 5.65
CA GLU A 341 17.79 23.45 5.80
C GLU A 341 16.42 23.49 6.48
N VAL A 342 16.30 24.31 7.54
CA VAL A 342 15.05 24.38 8.28
C VAL A 342 13.93 24.90 7.39
N ALA A 343 14.25 25.85 6.52
CA ALA A 343 13.26 26.38 5.59
C ALA A 343 12.75 25.28 4.66
N LEU A 344 13.66 24.43 4.15
CA LEU A 344 13.24 23.35 3.27
C LEU A 344 12.38 22.32 4.01
N GLN A 345 12.78 21.97 5.23
CA GLN A 345 11.98 21.01 6.00
C GLN A 345 10.59 21.55 6.30
N GLU A 346 10.51 22.83 6.69
CA GLU A 346 9.21 23.45 6.93
C GLU A 346 8.40 23.54 5.65
N TYR A 347 9.05 23.82 4.52
CA TYR A 347 8.36 23.82 3.23
C TYR A 347 7.71 22.48 2.96
N ARG A 348 8.47 21.38 3.12
CA ARG A 348 7.92 20.06 2.88
C ARG A 348 6.77 19.75 3.84
N THR A 349 6.94 20.06 5.13
CA THR A 349 5.90 19.74 6.11
C THR A 349 4.63 20.53 5.84
N VAL A 350 4.76 21.83 5.56
CA VAL A 350 3.59 22.67 5.30
C VAL A 350 2.92 22.24 4.01
N ALA A 351 3.70 21.88 2.99
CA ALA A 351 3.11 21.39 1.74
C ALA A 351 2.30 20.12 1.98
N ARG A 352 2.81 19.22 2.82
CA ARG A 352 2.04 18.02 3.14
C ARG A 352 0.78 18.35 3.92
N SER A 353 0.87 19.27 4.88
CA SER A 353 -0.21 19.45 5.84
C SER A 353 -1.44 20.13 5.24
N LEU A 354 -1.24 21.02 4.27
CA LEU A 354 -2.35 21.81 3.75
C LEU A 354 -3.36 20.92 3.02
N PRO A 355 -4.63 21.27 3.05
CA PRO A 355 -5.65 20.53 2.29
C PRO A 355 -5.55 20.87 0.80
N VAL A 356 -6.43 20.23 0.02
CA VAL A 356 -6.41 20.41 -1.43
C VAL A 356 -6.77 21.85 -1.79
N ALA A 357 -7.83 22.38 -1.19
CA ALA A 357 -8.27 23.73 -1.50
C ALA A 357 -9.15 24.24 -0.37
N VAL A 358 -9.35 25.56 -0.36
CA VAL A 358 -10.22 26.22 0.61
C VAL A 358 -11.12 27.18 -0.16
N ILE A 359 -12.17 27.64 0.52
CA ILE A 359 -13.13 28.57 -0.07
C ILE A 359 -12.47 29.95 -0.18
N ALA A 360 -13.09 30.85 -0.95
CA ALA A 360 -12.48 32.14 -1.23
C ALA A 360 -12.30 32.98 0.02
N ALA A 361 -13.10 32.76 1.06
CA ALA A 361 -13.00 33.55 2.29
C ALA A 361 -11.66 33.37 2.98
N GLN A 362 -10.94 32.29 2.71
CA GLN A 362 -9.66 32.00 3.34
C GLN A 362 -8.53 31.96 2.31
N ASN A 363 -8.53 32.95 1.41
CA ASN A 363 -7.55 33.00 0.33
C ASN A 363 -6.17 33.44 0.82
N SER B 2 -7.49 34.20 6.31
CA SER B 2 -7.09 33.35 7.42
C SER B 2 -6.17 32.24 6.94
N MET B 3 -5.10 32.61 6.24
CA MET B 3 -4.19 31.64 5.65
C MET B 3 -2.78 31.70 6.25
N TRP B 4 -2.26 32.91 6.49
CA TRP B 4 -0.91 33.02 7.03
C TRP B 4 -0.82 32.42 8.43
N GLU B 5 -1.84 32.66 9.27
CA GLU B 5 -1.84 32.09 10.61
C GLU B 5 -2.10 30.59 10.59
N ARG B 6 -2.73 30.07 9.54
CA ARG B 6 -2.88 28.63 9.40
C ARG B 6 -1.52 27.97 9.18
N VAL B 7 -0.67 28.58 8.36
CA VAL B 7 0.68 28.07 8.15
C VAL B 7 1.49 28.23 9.43
N LYS B 8 1.28 29.33 10.16
CA LYS B 8 1.99 29.54 11.42
C LYS B 8 1.66 28.45 12.43
N SER B 9 0.41 27.99 12.44
CA SER B 9 0.01 26.96 13.40
C SER B 9 0.78 25.66 13.19
N ILE B 10 1.00 25.27 11.94
CA ILE B 10 1.70 24.03 11.64
C ILE B 10 3.14 24.09 12.16
N ILE B 11 3.83 25.20 11.90
CA ILE B 11 5.21 25.34 12.34
C ILE B 11 5.30 25.38 13.86
N LYS B 12 4.39 26.11 14.51
CA LYS B 12 4.38 26.16 15.97
C LYS B 12 4.10 24.78 16.55
N SER B 13 3.16 24.04 15.96
CA SER B 13 2.85 22.70 16.46
C SER B 13 4.03 21.77 16.29
N SER B 14 4.87 22.00 15.30
CA SER B 14 6.04 21.16 15.05
C SER B 14 7.32 21.87 15.50
N ARG C 58 18.25 4.50 16.34
CA ARG C 58 18.47 5.79 15.69
C ARG C 58 17.75 5.85 14.35
N LEU C 59 17.45 4.67 13.80
CA LEU C 59 16.73 4.57 12.54
C LEU C 59 15.24 4.40 12.80
N SER C 60 14.43 5.16 12.07
CA SER C 60 12.99 4.99 12.13
C SER C 60 12.58 3.71 11.40
N GLN C 61 11.33 3.32 11.59
CA GLN C 61 10.81 2.13 10.92
C GLN C 61 10.92 2.20 9.40
N PRO C 62 10.57 3.31 8.73
CA PRO C 62 10.77 3.35 7.27
C PRO C 62 12.21 3.13 6.83
N GLY C 63 13.18 3.60 7.61
CA GLY C 63 14.58 3.38 7.24
C GLY C 63 14.94 1.90 7.27
N LEU C 64 14.53 1.21 8.34
CA LEU C 64 14.77 -0.23 8.42
C LEU C 64 14.06 -0.98 7.31
N ALA C 65 12.82 -0.57 7.00
CA ALA C 65 12.09 -1.21 5.91
C ALA C 65 12.78 -1.01 4.57
N PHE C 66 13.28 0.21 4.32
CA PHE C 66 14.01 0.47 3.09
C PHE C 66 15.27 -0.37 3.00
N LEU C 67 16.02 -0.46 4.11
CA LEU C 67 17.23 -1.28 4.12
C LEU C 67 16.90 -2.74 3.87
N LYS C 68 15.78 -3.22 4.42
CA LYS C 68 15.41 -4.62 4.23
C LYS C 68 15.00 -4.90 2.79
N CYS C 69 14.18 -4.03 2.19
CA CYS C 69 13.86 -4.22 0.78
C CYS C 69 15.06 -4.05 -0.13
N ALA C 70 16.09 -3.32 0.33
CA ALA C 70 17.27 -3.11 -0.49
C ALA C 70 18.28 -4.25 -0.40
N PHE C 71 18.45 -4.86 0.78
CA PHE C 71 19.59 -5.73 1.01
C PHE C 71 19.25 -7.14 1.49
N ALA C 72 18.00 -7.43 1.87
CA ALA C 72 17.63 -8.76 2.34
C ALA C 72 16.17 -9.05 1.99
N PRO C 73 15.88 -9.34 0.73
CA PRO C 73 14.52 -9.71 0.33
C PRO C 73 14.08 -11.05 0.92
N PRO C 74 14.82 -12.16 0.66
CA PRO C 74 14.21 -13.48 0.91
C PRO C 74 14.42 -13.99 2.33
N ASP C 75 14.79 -13.10 3.25
CA ASP C 75 15.07 -13.48 4.62
C ASP C 75 13.92 -13.12 5.58
N PHE C 76 12.75 -12.78 5.05
CA PHE C 76 11.63 -12.36 5.88
C PHE C 76 10.35 -12.98 5.36
N ASN C 77 9.36 -13.08 6.25
CA ASN C 77 8.07 -13.68 5.90
C ASN C 77 7.35 -12.85 4.84
N THR C 78 7.37 -11.53 4.97
CA THR C 78 6.61 -10.66 4.07
C THR C 78 7.45 -9.43 3.79
N ASP C 79 7.21 -8.82 2.63
CA ASP C 79 7.94 -7.61 2.24
C ASP C 79 7.65 -6.48 3.21
N PRO C 80 8.68 -5.88 3.83
CA PRO C 80 8.45 -4.78 4.77
C PRO C 80 8.56 -3.39 4.17
N GLY C 81 8.88 -3.28 2.88
CA GLY C 81 9.23 -1.98 2.32
C GLY C 81 8.05 -1.01 2.36
N LYS C 82 8.37 0.26 2.58
CA LYS C 82 7.38 1.33 2.62
C LYS C 82 7.67 2.48 1.68
N GLY C 83 8.91 2.68 1.26
CA GLY C 83 9.25 3.77 0.37
C GLY C 83 10.66 4.26 0.65
N ILE C 84 11.07 5.25 -0.13
CA ILE C 84 12.39 5.85 -0.02
C ILE C 84 12.29 7.03 0.92
N PRO C 85 13.01 7.02 2.06
CA PRO C 85 12.94 8.14 3.02
C PRO C 85 13.83 9.32 2.62
N ASP C 86 13.33 10.12 1.67
CA ASP C 86 14.07 11.27 1.17
C ASP C 86 13.22 12.54 1.24
N ARG C 87 13.71 13.62 0.62
CA ARG C 87 13.04 14.91 0.72
C ARG C 87 11.63 14.86 0.15
N PHE C 88 11.44 14.17 -0.98
CA PHE C 88 10.13 14.10 -1.60
C PHE C 88 9.12 13.44 -0.66
N GLU C 89 7.91 14.00 -0.61
CA GLU C 89 6.92 13.55 0.36
C GLU C 89 5.52 13.51 -0.25
N GLY C 90 5.42 13.29 -1.56
CA GLY C 90 4.15 13.32 -2.27
C GLY C 90 3.41 12.00 -2.26
N LYS C 91 2.55 11.83 -3.25
CA LYS C 91 1.71 10.65 -3.38
C LYS C 91 2.38 9.65 -4.32
N VAL C 92 2.55 8.41 -3.84
CA VAL C 92 3.20 7.35 -4.60
C VAL C 92 2.43 6.06 -4.43
N VAL C 93 2.71 5.10 -5.31
CA VAL C 93 2.18 3.75 -5.24
C VAL C 93 3.37 2.79 -5.27
N SER C 94 3.53 2.00 -4.22
CA SER C 94 4.65 1.08 -4.10
C SER C 94 4.24 -0.31 -4.55
N ARG C 95 5.00 -0.90 -5.45
CA ARG C 95 4.72 -2.22 -5.99
C ARG C 95 5.99 -3.07 -5.95
N LYS C 96 5.86 -4.28 -5.43
CA LYS C 96 6.97 -5.24 -5.37
C LYS C 96 6.65 -6.43 -6.27
N ASP C 97 7.57 -6.73 -7.18
CA ASP C 97 7.40 -7.80 -8.15
C ASP C 97 8.32 -8.97 -7.82
N VAL C 98 7.79 -10.18 -7.93
CA VAL C 98 8.54 -11.42 -7.68
C VAL C 98 8.23 -12.39 -8.81
N LEU C 99 9.27 -13.00 -9.35
CA LEU C 99 9.14 -14.00 -10.42
C LEU C 99 9.76 -15.31 -9.95
N ASN C 100 9.03 -16.41 -10.13
CA ASN C 100 9.49 -17.75 -9.76
C ASN C 100 9.35 -18.63 -11.00
N GLN C 101 10.46 -18.86 -11.69
CA GLN C 101 10.46 -19.59 -12.95
C GLN C 101 11.50 -20.70 -12.90
N SER C 102 11.12 -21.87 -13.40
CA SER C 102 12.02 -23.01 -13.51
C SER C 102 12.63 -23.01 -14.90
N ILE C 103 13.95 -22.89 -14.97
CA ILE C 103 14.68 -22.76 -16.23
C ILE C 103 15.73 -23.87 -16.31
N SER C 104 15.78 -24.54 -17.46
CA SER C 104 16.78 -25.56 -17.74
C SER C 104 17.64 -25.08 -18.89
N PHE C 105 18.95 -24.99 -18.66
CA PHE C 105 19.87 -24.43 -19.65
C PHE C 105 20.24 -25.47 -20.70
N THR C 106 20.42 -24.99 -21.92
CA THR C 106 20.80 -25.86 -23.02
C THR C 106 22.27 -26.25 -22.90
N ALA C 107 22.55 -27.55 -23.02
CA ALA C 107 23.92 -28.04 -22.94
C ALA C 107 24.66 -27.75 -24.24
N GLY C 108 25.94 -27.40 -24.12
CA GLY C 108 26.74 -27.08 -25.28
C GLY C 108 26.55 -25.68 -25.82
N GLN C 109 26.11 -24.75 -24.99
CA GLN C 109 25.87 -23.38 -25.43
C GLN C 109 26.03 -22.44 -24.23
N ASP C 110 26.18 -21.16 -24.52
CA ASP C 110 26.32 -20.13 -23.52
C ASP C 110 25.06 -19.28 -23.44
N THR C 111 24.64 -18.96 -22.23
CA THR C 111 23.43 -18.18 -21.98
C THR C 111 23.80 -16.89 -21.26
N PHE C 112 23.37 -15.76 -21.81
CA PHE C 112 23.61 -14.45 -21.23
C PHE C 112 22.30 -13.90 -20.68
N ILE C 113 22.33 -13.40 -19.44
CA ILE C 113 21.16 -12.85 -18.78
C ILE C 113 21.49 -11.44 -18.31
N LEU C 114 20.63 -10.49 -18.65
CA LEU C 114 20.79 -9.10 -18.26
C LEU C 114 19.65 -8.70 -17.33
N ILE C 115 19.99 -8.25 -16.13
CA ILE C 115 19.01 -7.71 -15.19
C ILE C 115 19.04 -6.20 -15.38
N ALA C 116 18.21 -5.71 -16.30
CA ALA C 116 18.18 -4.32 -16.68
C ALA C 116 17.08 -3.57 -15.93
N PRO C 117 17.26 -2.26 -15.69
CA PRO C 117 16.23 -1.46 -14.98
C PRO C 117 15.12 -0.99 -15.91
N THR C 118 14.41 -1.94 -16.51
CA THR C 118 13.24 -1.66 -17.32
C THR C 118 12.01 -2.13 -16.58
N PRO C 119 11.08 -1.23 -16.24
CA PRO C 119 9.91 -1.65 -15.44
C PRO C 119 9.06 -2.67 -16.18
N GLY C 120 8.60 -3.69 -15.44
CA GLY C 120 7.69 -4.68 -15.96
C GLY C 120 8.35 -5.89 -16.61
N VAL C 121 9.67 -5.89 -16.76
CA VAL C 121 10.38 -6.98 -17.40
C VAL C 121 11.40 -7.54 -16.41
N ALA C 122 11.37 -8.86 -16.21
CA ALA C 122 12.26 -9.48 -15.25
C ALA C 122 13.71 -9.46 -15.73
N TYR C 123 13.94 -9.90 -16.96
CA TYR C 123 15.31 -10.01 -17.48
C TYR C 123 15.25 -10.22 -18.99
N TRP C 124 16.41 -10.13 -19.61
CA TRP C 124 16.60 -10.41 -21.03
C TRP C 124 17.61 -11.53 -21.19
N SER C 125 17.40 -12.39 -22.20
CA SER C 125 18.24 -13.56 -22.38
C SER C 125 18.53 -13.78 -23.86
N ALA C 126 19.71 -14.35 -24.12
CA ALA C 126 20.12 -14.73 -25.46
C ALA C 126 21.08 -15.91 -25.36
N SER C 127 21.13 -16.71 -26.41
CA SER C 127 21.94 -17.92 -26.46
C SER C 127 22.97 -17.81 -27.57
N VAL C 128 24.22 -18.14 -27.25
CA VAL C 128 25.33 -18.07 -28.20
C VAL C 128 26.15 -19.34 -28.09
N PRO C 129 26.90 -19.67 -29.15
CA PRO C 129 27.79 -20.84 -29.08
C PRO C 129 28.82 -20.69 -27.97
N ALA C 130 29.24 -21.85 -27.43
CA ALA C 130 30.14 -21.86 -26.28
C ALA C 130 31.45 -21.17 -26.61
N GLY C 131 31.96 -20.38 -25.65
CA GLY C 131 33.20 -19.67 -25.84
C GLY C 131 33.10 -18.46 -26.74
N THR C 132 31.90 -17.93 -26.96
CA THR C 132 31.68 -16.82 -27.87
C THR C 132 30.79 -15.78 -27.19
N PHE C 133 31.16 -14.52 -27.31
CA PHE C 133 30.39 -13.39 -26.80
C PHE C 133 29.35 -12.95 -27.83
N PRO C 134 28.33 -12.22 -27.41
CA PRO C 134 27.31 -11.77 -28.37
C PRO C 134 27.90 -10.88 -29.46
N THR C 135 27.36 -11.04 -30.67
CA THR C 135 27.82 -10.33 -31.85
C THR C 135 26.70 -9.45 -32.39
N SER C 136 26.91 -8.87 -33.57
CA SER C 136 25.95 -7.96 -34.17
C SER C 136 24.66 -8.65 -34.60
N ALA C 137 24.63 -9.98 -34.63
CA ALA C 137 23.44 -10.72 -35.04
C ALA C 137 22.67 -11.30 -33.85
N THR C 138 23.01 -10.91 -32.63
CA THR C 138 22.39 -11.43 -31.43
C THR C 138 21.29 -10.48 -30.96
N THR C 139 20.10 -11.04 -30.72
CA THR C 139 18.96 -10.28 -30.23
C THR C 139 18.53 -10.84 -28.87
N PHE C 140 18.24 -9.95 -27.93
CA PHE C 140 17.81 -10.31 -26.59
C PHE C 140 16.29 -10.23 -26.50
N ASN C 141 15.67 -11.24 -25.88
CA ASN C 141 14.23 -11.27 -25.73
C ASN C 141 13.85 -11.16 -24.26
N PRO C 142 12.73 -10.51 -23.94
CA PRO C 142 12.36 -10.27 -22.55
C PRO C 142 11.47 -11.36 -21.98
N VAL C 143 11.45 -11.43 -20.65
CA VAL C 143 10.54 -12.27 -19.90
C VAL C 143 9.79 -11.39 -18.92
N ASN C 144 8.47 -11.33 -19.07
CA ASN C 144 7.66 -10.35 -18.35
C ASN C 144 7.40 -10.78 -16.91
N TYR C 145 7.18 -9.78 -16.06
CA TYR C 145 6.64 -10.02 -14.73
C TYR C 145 5.16 -10.37 -14.85
N PRO C 146 4.59 -11.01 -13.81
CA PRO C 146 3.14 -11.23 -13.81
C PRO C 146 2.39 -9.91 -13.83
N GLY C 147 1.29 -9.89 -14.59
CA GLY C 147 0.45 -8.71 -14.69
C GLY C 147 1.07 -7.51 -15.38
N PHE C 148 1.75 -7.73 -16.51
CA PHE C 148 2.31 -6.60 -17.26
C PHE C 148 1.22 -5.81 -17.96
N THR C 149 0.28 -6.49 -18.61
CA THR C 149 -0.76 -5.80 -19.37
C THR C 149 -1.74 -5.08 -18.46
N SER C 150 -1.86 -5.49 -17.20
CA SER C 150 -2.72 -4.76 -16.27
C SER C 150 -2.19 -3.36 -16.01
N MET C 151 -0.87 -3.19 -15.97
CA MET C 151 -0.26 -1.90 -15.68
C MET C 151 0.03 -1.09 -16.95
N PHE C 152 0.49 -1.74 -18.02
CA PHE C 152 0.99 -1.01 -19.18
C PHE C 152 0.18 -1.25 -20.44
N GLY C 153 -1.07 -1.71 -20.31
CA GLY C 153 -1.95 -1.80 -21.46
C GLY C 153 -1.54 -2.87 -22.46
N THR C 154 -2.19 -2.80 -23.63
CA THR C 154 -1.95 -3.75 -24.71
C THR C 154 -1.59 -3.06 -26.02
N THR C 155 -1.05 -1.85 -25.97
CA THR C 155 -0.69 -1.11 -27.18
C THR C 155 0.57 -0.30 -26.91
N SER C 156 1.29 0.02 -27.98
CA SER C 156 2.54 0.77 -27.84
C SER C 156 2.29 2.20 -27.39
N THR C 157 1.15 2.78 -27.75
CA THR C 157 0.82 4.15 -27.40
C THR C 157 -0.17 4.25 -26.25
N SER C 158 -0.12 3.31 -25.31
CA SER C 158 -0.98 3.34 -24.14
C SER C 158 -0.23 2.93 -22.88
N ARG C 159 1.08 3.22 -22.82
CA ARG C 159 1.90 2.80 -21.70
C ARG C 159 1.73 3.68 -20.47
N SER C 160 1.18 4.89 -20.62
CA SER C 160 1.10 5.85 -19.53
C SER C 160 -0.34 6.12 -19.11
N ASP C 161 -1.24 5.17 -19.35
CA ASP C 161 -2.64 5.36 -18.97
C ASP C 161 -2.86 5.20 -17.48
N GLN C 162 -2.01 4.44 -16.79
CA GLN C 162 -2.14 4.22 -15.35
C GLN C 162 -1.15 5.04 -14.54
N VAL C 163 0.14 5.00 -14.89
CA VAL C 163 1.17 5.76 -14.22
C VAL C 163 1.85 6.68 -15.22
N SER C 164 2.67 7.59 -14.71
CA SER C 164 3.39 8.54 -15.55
C SER C 164 4.87 8.65 -15.25
N SER C 165 5.34 8.20 -14.08
CA SER C 165 6.75 8.29 -13.72
C SER C 165 7.06 7.22 -12.68
N PHE C 166 8.35 6.97 -12.50
CA PHE C 166 8.79 5.91 -11.60
C PHE C 166 10.20 6.21 -11.12
N ARG C 167 10.60 5.51 -10.06
CA ARG C 167 11.99 5.50 -9.62
C ARG C 167 12.25 4.20 -8.87
N TYR C 168 13.35 3.54 -9.23
CA TYR C 168 13.71 2.27 -8.61
C TYR C 168 14.24 2.47 -7.20
N ALA C 169 14.09 1.43 -6.38
CA ALA C 169 14.68 1.39 -5.05
C ALA C 169 15.65 0.25 -4.87
N SER C 170 15.37 -0.92 -5.45
CA SER C 170 16.28 -2.06 -5.39
C SER C 170 15.86 -3.08 -6.44
N MET C 171 16.81 -3.96 -6.78
CA MET C 171 16.56 -5.08 -7.67
C MET C 171 17.70 -6.07 -7.53
N ASN C 172 17.37 -7.36 -7.49
CA ASN C 172 18.36 -8.40 -7.29
C ASN C 172 17.87 -9.70 -7.89
N VAL C 173 18.80 -10.65 -8.04
CA VAL C 173 18.53 -11.92 -8.71
C VAL C 173 19.12 -13.05 -7.88
N GLY C 174 18.65 -14.27 -8.14
CA GLY C 174 19.17 -15.44 -7.47
C GLY C 174 18.91 -16.68 -8.29
N ILE C 175 19.82 -17.65 -8.15
CA ILE C 175 19.75 -18.91 -8.88
C ILE C 175 19.96 -20.05 -7.89
N TYR C 176 19.01 -20.98 -7.86
CA TYR C 176 19.09 -22.14 -6.96
C TYR C 176 19.10 -23.42 -7.79
N PRO C 177 20.23 -24.12 -7.91
CA PRO C 177 20.26 -25.34 -8.71
C PRO C 177 19.44 -26.45 -8.08
N THR C 178 18.87 -27.30 -8.94
CA THR C 178 18.06 -28.42 -8.50
C THR C 178 18.56 -29.77 -9.00
N SER C 179 19.59 -29.80 -9.85
CA SER C 179 20.10 -31.06 -10.36
C SER C 179 20.87 -31.81 -9.27
N ASN C 180 20.96 -33.12 -9.44
CA ASN C 180 21.59 -33.98 -8.45
C ASN C 180 23.11 -33.96 -8.62
N LEU C 181 23.80 -34.85 -7.92
CA LEU C 181 25.26 -34.90 -7.92
C LEU C 181 25.83 -35.88 -8.94
N MET C 182 25.12 -36.12 -10.04
CA MET C 182 25.57 -37.04 -11.06
C MET C 182 25.39 -36.53 -12.48
N GLN C 183 24.85 -35.31 -12.66
CA GLN C 183 24.60 -34.82 -14.01
C GLN C 183 24.94 -33.34 -14.18
N PHE C 184 25.56 -32.69 -13.20
CA PHE C 184 25.80 -31.25 -13.26
C PHE C 184 27.20 -30.98 -13.77
N ALA C 185 27.34 -29.89 -14.54
CA ALA C 185 28.63 -29.42 -15.03
C ALA C 185 28.49 -28.01 -15.60
N GLY C 186 29.36 -27.11 -15.17
CA GLY C 186 29.34 -25.76 -15.67
C GLY C 186 29.83 -24.78 -14.62
N SER C 187 29.69 -23.49 -14.95
CA SER C 187 30.11 -22.42 -14.07
C SER C 187 29.25 -21.19 -14.33
N ILE C 188 29.25 -20.27 -13.36
CA ILE C 188 28.48 -19.03 -13.45
C ILE C 188 29.42 -17.87 -13.16
N THR C 189 29.31 -16.80 -13.96
CA THR C 189 30.11 -15.60 -13.78
C THR C 189 29.20 -14.37 -13.86
N VAL C 190 29.41 -13.42 -12.95
CA VAL C 190 28.60 -12.20 -12.89
C VAL C 190 29.50 -10.98 -12.86
N TRP C 191 29.04 -9.91 -13.49
CA TRP C 191 29.70 -8.60 -13.44
C TRP C 191 28.70 -7.54 -13.87
N LYS C 192 29.03 -6.29 -13.59
CA LYS C 192 28.11 -5.17 -13.76
C LYS C 192 28.58 -4.22 -14.85
N CYS C 193 27.61 -3.60 -15.53
CA CYS C 193 27.90 -2.63 -16.58
C CYS C 193 27.00 -1.40 -16.42
N PRO C 194 27.56 -0.19 -16.54
CA PRO C 194 26.77 1.06 -16.42
C PRO C 194 26.14 1.52 -17.74
N VAL C 195 25.04 0.89 -18.11
CA VAL C 195 24.34 1.18 -19.36
C VAL C 195 23.36 2.32 -19.13
N LYS C 196 23.32 3.27 -20.07
CA LYS C 196 22.39 4.39 -20.03
C LYS C 196 21.71 4.53 -21.39
N LEU C 197 20.74 5.43 -21.45
CA LEU C 197 19.98 5.70 -22.66
C LEU C 197 20.30 7.10 -23.16
N SER C 198 20.72 7.20 -24.42
CA SER C 198 21.11 8.47 -25.01
C SER C 198 20.52 8.55 -26.41
N THR C 199 20.96 9.55 -27.17
CA THR C 199 20.45 9.81 -28.52
C THR C 199 21.59 9.74 -29.53
N VAL C 200 21.22 9.88 -30.80
CA VAL C 200 22.18 9.92 -31.90
C VAL C 200 21.55 10.68 -33.06
N GLN C 201 22.38 11.40 -33.80
CA GLN C 201 21.92 12.24 -34.90
C GLN C 201 22.72 11.93 -36.15
N PHE C 202 22.03 11.74 -37.27
CA PHE C 202 22.66 11.41 -38.54
C PHE C 202 21.82 11.97 -39.68
N PRO C 203 22.43 12.29 -40.82
CA PRO C 203 21.67 12.85 -41.93
C PRO C 203 20.88 11.78 -42.69
N VAL C 204 19.89 12.26 -43.44
CA VAL C 204 19.06 11.41 -44.29
C VAL C 204 18.99 12.05 -45.68
N ALA C 205 19.20 11.24 -46.71
CA ALA C 205 19.22 11.72 -48.09
C ALA C 205 17.84 11.59 -48.73
N THR C 206 16.86 12.27 -48.13
CA THR C 206 15.51 12.32 -48.66
C THR C 206 15.35 13.58 -49.52
N ASP C 207 14.13 13.84 -49.99
CA ASP C 207 13.85 14.99 -50.85
C ASP C 207 12.82 15.90 -50.17
N PRO C 208 13.26 17.04 -49.61
CA PRO C 208 14.63 17.54 -49.52
C PRO C 208 15.41 16.89 -48.37
N ALA C 209 16.73 17.00 -48.38
CA ALA C 209 17.55 16.36 -47.35
C ALA C 209 17.29 16.99 -45.99
N THR C 210 17.32 16.16 -44.95
CA THR C 210 17.07 16.58 -43.58
C THR C 210 17.96 15.78 -42.64
N SER C 211 17.80 16.03 -41.35
CA SER C 211 18.53 15.30 -40.31
C SER C 211 17.54 14.65 -39.36
N SER C 212 17.94 13.51 -38.81
CA SER C 212 17.07 12.71 -37.95
C SER C 212 17.76 12.42 -36.62
N LEU C 213 16.95 12.27 -35.58
CA LEU C 213 17.43 11.96 -34.23
C LEU C 213 16.58 10.84 -33.66
N VAL C 214 17.24 9.84 -33.05
CA VAL C 214 16.58 8.68 -32.48
C VAL C 214 17.28 8.30 -31.19
N HIS C 215 16.71 7.33 -30.48
CA HIS C 215 17.28 6.84 -29.24
C HIS C 215 18.40 5.83 -29.52
N THR C 216 19.24 5.62 -28.51
CA THR C 216 20.37 4.70 -28.65
C THR C 216 20.89 4.36 -27.26
N LEU C 217 21.09 3.07 -26.99
CA LEU C 217 21.69 2.65 -25.73
C LEU C 217 23.19 2.91 -25.75
N VAL C 218 23.69 3.51 -24.68
CA VAL C 218 25.10 3.89 -24.56
C VAL C 218 25.70 3.12 -23.39
N GLY C 219 26.85 2.49 -23.63
CA GLY C 219 27.50 1.68 -22.63
C GLY C 219 27.29 0.19 -22.76
N LEU C 220 26.69 -0.27 -23.85
CA LEU C 220 26.45 -1.70 -24.05
C LEU C 220 27.72 -2.48 -24.37
N ASP C 221 28.84 -1.79 -24.61
CA ASP C 221 30.09 -2.47 -24.96
C ASP C 221 30.72 -3.21 -23.78
N GLY C 222 30.22 -3.02 -22.56
CA GLY C 222 30.76 -3.71 -21.42
C GLY C 222 30.36 -5.16 -21.27
N VAL C 223 29.45 -5.64 -22.13
CA VAL C 223 29.02 -7.03 -22.09
C VAL C 223 29.94 -7.95 -22.89
N LEU C 224 30.84 -7.40 -23.71
CA LEU C 224 31.69 -8.19 -24.57
C LEU C 224 33.00 -8.60 -23.90
N ALA C 225 33.18 -8.28 -22.62
CA ALA C 225 34.40 -8.64 -21.91
C ALA C 225 34.12 -8.60 -20.41
N VAL C 226 34.49 -9.66 -19.70
CA VAL C 226 34.29 -9.74 -18.26
C VAL C 226 35.33 -8.88 -17.56
N GLY C 227 34.88 -7.97 -16.71
CA GLY C 227 35.75 -7.04 -16.04
C GLY C 227 36.57 -7.68 -14.95
N PRO C 228 37.60 -6.97 -14.47
CA PRO C 228 38.43 -7.50 -13.39
C PRO C 228 37.65 -7.79 -12.11
N ASP C 229 36.62 -7.00 -11.81
CA ASP C 229 35.81 -7.21 -10.62
C ASP C 229 34.61 -8.08 -11.00
N ASN C 230 34.60 -9.32 -10.51
CA ASN C 230 33.57 -10.27 -10.89
C ASN C 230 33.53 -11.37 -9.83
N PHE C 231 32.57 -12.29 -10.01
CA PHE C 231 32.44 -13.48 -9.17
C PHE C 231 32.26 -14.68 -10.09
N SER C 232 32.99 -15.76 -9.79
CA SER C 232 32.91 -16.96 -10.61
C SER C 232 33.18 -18.18 -9.73
N GLU C 233 32.31 -19.19 -9.85
CA GLU C 233 32.43 -20.42 -9.10
C GLU C 233 31.75 -21.53 -9.87
N SER C 234 31.65 -22.70 -9.26
CA SER C 234 31.00 -23.84 -9.90
C SER C 234 29.48 -23.63 -9.96
N PHE C 235 28.85 -24.38 -10.87
CA PHE C 235 27.40 -24.24 -11.07
C PHE C 235 26.62 -24.70 -9.85
N ILE C 236 27.04 -25.80 -9.21
CA ILE C 236 26.27 -26.41 -8.14
C ILE C 236 26.11 -25.53 -6.91
N LYS C 237 26.85 -24.42 -6.82
CA LYS C 237 26.82 -23.59 -5.63
C LYS C 237 25.82 -22.44 -5.72
N GLY C 238 25.37 -22.08 -6.91
CA GLY C 238 24.42 -21.00 -7.07
C GLY C 238 25.08 -19.64 -7.03
N VAL C 239 24.23 -18.61 -6.97
CA VAL C 239 24.69 -17.22 -6.97
C VAL C 239 23.58 -16.35 -6.41
N PHE C 240 23.95 -15.17 -5.89
CA PHE C 240 22.98 -14.21 -5.38
C PHE C 240 23.65 -12.84 -5.39
N SER C 241 23.16 -11.95 -6.27
CA SER C 241 23.75 -10.64 -6.45
C SER C 241 22.68 -9.56 -6.36
N GLN C 242 23.13 -8.33 -6.11
CA GLN C 242 22.22 -7.21 -5.94
C GLN C 242 22.62 -6.04 -6.83
N SER C 243 21.99 -4.88 -6.62
CA SER C 243 22.28 -3.69 -7.38
C SER C 243 21.96 -2.47 -6.53
N ALA C 244 22.52 -1.32 -6.93
CA ALA C 244 22.36 -0.09 -6.17
C ALA C 244 22.29 1.10 -7.12
N CYS C 245 21.79 2.21 -6.60
CA CYS C 245 21.65 3.42 -7.40
C CYS C 245 23.02 3.97 -7.80
N ASN C 246 23.07 4.56 -8.99
CA ASN C 246 24.31 5.14 -9.52
C ASN C 246 24.21 6.66 -9.67
N GLU C 247 23.42 7.30 -8.83
CA GLU C 247 23.24 8.74 -8.87
C GLU C 247 23.31 9.30 -7.46
N PRO C 248 23.68 10.58 -7.32
CA PRO C 248 23.73 11.18 -5.97
C PRO C 248 22.38 11.23 -5.28
N ASP C 249 21.28 11.17 -6.01
CA ASP C 249 19.95 11.23 -5.42
C ASP C 249 18.97 10.50 -6.32
N PHE C 250 17.81 10.19 -5.77
CA PHE C 250 16.76 9.48 -6.51
C PHE C 250 15.89 10.50 -7.24
N GLU C 251 15.76 10.33 -8.55
CA GLU C 251 14.98 11.24 -9.38
C GLU C 251 13.99 10.46 -10.23
N PHE C 252 12.79 10.99 -10.37
CA PHE C 252 11.77 10.35 -11.19
C PHE C 252 12.12 10.43 -12.66
N ASN C 253 11.79 9.37 -13.40
CA ASN C 253 12.01 9.30 -14.83
C ASN C 253 10.67 9.21 -15.55
N ASP C 254 10.58 9.88 -16.71
CA ASP C 254 9.34 9.90 -17.46
C ASP C 254 9.10 8.55 -18.13
N ILE C 255 7.88 8.38 -18.64
CA ILE C 255 7.47 7.16 -19.33
C ILE C 255 7.56 7.40 -20.83
N LEU C 256 8.33 6.55 -21.51
CA LEU C 256 8.49 6.65 -22.95
C LEU C 256 7.40 5.86 -23.67
N GLU C 257 7.17 6.24 -24.93
CA GLU C 257 6.12 5.63 -25.73
C GLU C 257 6.66 5.23 -27.10
N GLY C 258 6.14 4.13 -27.63
CA GLY C 258 6.43 3.72 -28.99
C GLY C 258 7.66 2.87 -29.16
N ILE C 259 8.40 2.57 -28.09
CA ILE C 259 9.65 1.81 -28.19
C ILE C 259 9.31 0.32 -28.10
N GLN C 260 9.51 -0.40 -29.20
CA GLN C 260 9.38 -1.84 -29.24
C GLN C 260 10.70 -2.55 -29.50
N THR C 261 11.58 -1.96 -30.30
CA THR C 261 12.88 -2.53 -30.58
C THR C 261 13.93 -1.43 -30.56
N LEU C 262 15.18 -1.82 -30.28
CA LEU C 262 16.30 -0.89 -30.27
C LEU C 262 17.45 -1.53 -31.05
N PRO C 263 17.83 -0.98 -32.21
CA PRO C 263 17.34 0.25 -32.85
C PRO C 263 15.94 0.11 -33.42
N PRO C 264 15.22 1.23 -33.59
CA PRO C 264 13.84 1.17 -34.11
C PRO C 264 13.79 0.73 -35.57
N ALA C 265 12.58 0.52 -36.08
CA ALA C 265 12.41 0.07 -37.45
C ALA C 265 12.89 1.13 -38.44
N ASN C 266 13.28 0.67 -39.63
CA ASN C 266 13.78 1.48 -40.73
C ASN C 266 15.11 2.16 -40.41
N VAL C 267 15.79 1.74 -39.34
CA VAL C 267 17.09 2.27 -38.97
C VAL C 267 18.07 1.11 -38.87
N SER C 268 19.19 1.22 -39.58
CA SER C 268 20.19 0.17 -39.57
C SER C 268 20.96 0.17 -38.25
N LEU C 269 21.52 -1.00 -37.92
CA LEU C 269 22.29 -1.13 -36.68
C LEU C 269 23.60 -0.36 -36.75
N GLY C 270 24.17 -0.21 -37.94
CA GLY C 270 25.44 0.49 -38.06
C GLY C 270 25.33 1.97 -37.74
N SER C 271 24.20 2.59 -38.09
CA SER C 271 24.04 4.02 -37.87
C SER C 271 24.05 4.37 -36.39
N THR C 272 23.36 3.56 -35.56
CA THR C 272 23.28 3.87 -34.14
C THR C 272 24.61 3.65 -33.44
N GLY C 273 25.32 2.59 -33.78
CA GLY C 273 26.57 2.25 -33.15
C GLY C 273 26.48 1.25 -32.01
N GLN C 274 25.32 0.61 -31.83
CA GLN C 274 25.16 -0.38 -30.79
C GLN C 274 25.86 -1.69 -31.17
N PRO C 275 26.27 -2.49 -30.17
CA PRO C 275 26.88 -3.78 -30.51
C PRO C 275 25.89 -4.81 -31.02
N PHE C 276 24.68 -4.83 -30.47
CA PHE C 276 23.68 -5.81 -30.86
C PHE C 276 22.30 -5.18 -30.74
N THR C 277 21.26 -6.03 -30.77
CA THR C 277 19.88 -5.59 -30.87
C THR C 277 19.06 -6.11 -29.70
N MET C 278 18.16 -5.27 -29.21
CA MET C 278 17.17 -5.65 -28.19
C MET C 278 15.79 -5.61 -28.83
N ASP C 279 15.01 -6.67 -28.62
CA ASP C 279 13.68 -6.78 -29.19
C ASP C 279 12.70 -7.25 -28.11
N SER C 280 11.45 -6.80 -28.23
CA SER C 280 10.42 -7.15 -27.27
C SER C 280 9.23 -7.87 -27.90
N GLY C 281 9.24 -8.10 -29.20
CA GLY C 281 8.17 -8.85 -29.84
C GLY C 281 6.89 -8.07 -30.04
N ALA C 282 5.75 -8.74 -29.90
CA ALA C 282 4.46 -8.11 -30.13
C ALA C 282 4.17 -7.07 -29.06
N GLU C 283 3.53 -5.97 -29.48
CA GLU C 283 3.19 -4.89 -28.56
C GLU C 283 2.14 -5.30 -27.54
N ALA C 284 1.37 -6.35 -27.82
CA ALA C 284 0.32 -6.78 -26.91
C ALA C 284 0.84 -7.63 -25.75
N THR C 285 2.12 -7.97 -25.74
CA THR C 285 2.68 -8.82 -24.70
C THR C 285 3.78 -8.14 -23.89
N SER C 286 4.60 -7.30 -24.51
CA SER C 286 5.71 -6.68 -23.82
C SER C 286 6.10 -5.40 -24.54
N GLY C 287 7.03 -4.67 -23.93
CA GLY C 287 7.51 -3.43 -24.50
C GLY C 287 8.51 -2.78 -23.57
N VAL C 288 8.99 -1.61 -24.00
CA VAL C 288 9.95 -0.82 -23.23
C VAL C 288 9.28 0.50 -22.87
N VAL C 289 9.26 0.82 -21.57
CA VAL C 289 8.57 2.00 -21.08
C VAL C 289 9.51 2.98 -20.39
N GLY C 290 10.79 2.66 -20.27
CA GLY C 290 11.72 3.58 -19.63
C GLY C 290 13.04 2.89 -19.33
N TRP C 291 13.86 3.59 -18.54
CA TRP C 291 15.17 3.07 -18.15
C TRP C 291 15.58 3.78 -16.86
N GLY C 292 15.66 3.02 -15.77
CA GLY C 292 15.98 3.58 -14.48
C GLY C 292 17.47 3.82 -14.28
N ASN C 293 17.78 4.41 -13.13
CA ASN C 293 19.17 4.73 -12.77
C ASN C 293 19.74 3.63 -11.88
N MET C 294 19.95 2.47 -12.49
CA MET C 294 20.55 1.33 -11.81
C MET C 294 21.57 0.67 -12.73
N ASP C 295 22.54 0.01 -12.12
CA ASP C 295 23.55 -0.72 -12.87
C ASP C 295 22.99 -2.04 -13.38
N THR C 296 23.44 -2.45 -14.56
CA THR C 296 22.97 -3.68 -15.19
C THR C 296 23.86 -4.84 -14.79
N ILE C 297 23.24 -5.93 -14.34
CA ILE C 297 23.94 -7.14 -13.93
C ILE C 297 23.99 -8.11 -15.11
N VAL C 298 25.18 -8.60 -15.43
CA VAL C 298 25.39 -9.53 -16.53
C VAL C 298 25.77 -10.88 -15.94
N ILE C 299 25.07 -11.93 -16.36
CA ILE C 299 25.31 -13.29 -15.88
C ILE C 299 25.56 -14.19 -17.07
N ARG C 300 26.63 -14.98 -16.99
CA ARG C 300 26.97 -15.97 -18.02
C ARG C 300 26.96 -17.35 -17.40
N VAL C 301 26.22 -18.27 -18.02
CA VAL C 301 26.14 -19.66 -17.58
C VAL C 301 26.61 -20.54 -18.73
N SER C 302 27.63 -21.35 -18.47
CA SER C 302 28.21 -22.24 -19.46
C SER C 302 27.89 -23.69 -19.10
N ALA C 303 27.58 -24.50 -20.12
CA ALA C 303 27.25 -25.90 -19.89
C ALA C 303 27.91 -26.77 -20.96
N PRO C 304 28.81 -27.68 -20.57
CA PRO C 304 29.40 -28.59 -21.54
C PRO C 304 28.38 -29.56 -22.10
N GLU C 305 28.64 -30.02 -23.33
CA GLU C 305 27.75 -30.96 -23.98
C GLU C 305 27.70 -32.28 -23.23
N GLY C 306 26.48 -32.80 -23.04
CA GLY C 306 26.27 -34.03 -22.31
C GLY C 306 25.82 -33.85 -20.87
N ALA C 307 25.86 -32.63 -20.34
CA ALA C 307 25.44 -32.36 -18.98
C ALA C 307 23.98 -31.93 -18.94
N VAL C 308 23.40 -32.02 -17.74
CA VAL C 308 22.01 -31.61 -17.51
C VAL C 308 22.01 -30.63 -16.35
N ASN C 309 21.59 -29.39 -16.62
CA ASN C 309 21.58 -28.33 -15.63
C ASN C 309 20.16 -27.81 -15.46
N SER C 310 19.69 -27.78 -14.22
CA SER C 310 18.38 -27.23 -13.89
C SER C 310 18.50 -26.37 -12.64
N ALA C 311 17.69 -25.32 -12.59
CA ALA C 311 17.73 -24.37 -11.47
C ALA C 311 16.41 -23.61 -11.42
N ILE C 312 16.30 -22.74 -10.43
CA ILE C 312 15.14 -21.89 -10.23
C ILE C 312 15.60 -20.44 -10.20
N LEU C 313 14.96 -19.60 -10.99
CA LEU C 313 15.32 -18.19 -11.11
C LEU C 313 14.34 -17.32 -10.32
N LYS C 314 14.86 -16.37 -9.57
CA LYS C 314 14.07 -15.46 -8.76
C LYS C 314 14.56 -14.03 -8.93
N ALA C 315 13.64 -13.08 -8.85
CA ALA C 315 13.97 -11.66 -8.98
C ALA C 315 13.03 -10.85 -8.09
N TRP C 316 13.53 -9.69 -7.65
CA TRP C 316 12.75 -8.79 -6.81
C TRP C 316 12.99 -7.36 -7.27
N SER C 317 12.03 -6.48 -6.94
CA SER C 317 12.14 -5.07 -7.31
C SER C 317 11.27 -4.24 -6.39
N CYS C 318 11.89 -3.36 -5.60
CA CYS C 318 11.18 -2.33 -4.86
C CYS C 318 11.06 -1.11 -5.76
N ILE C 319 9.84 -0.77 -6.17
CA ILE C 319 9.60 0.28 -7.16
C ILE C 319 8.56 1.24 -6.63
N GLU C 320 8.73 2.53 -6.93
CA GLU C 320 7.78 3.58 -6.59
C GLU C 320 7.22 4.19 -7.88
N TYR C 321 5.93 4.53 -7.86
CA TYR C 321 5.23 5.02 -9.03
C TYR C 321 4.50 6.32 -8.72
N ARG C 322 4.12 7.02 -9.78
CA ARG C 322 3.28 8.22 -9.69
C ARG C 322 1.97 7.93 -10.41
N PRO C 323 0.90 7.60 -9.68
CA PRO C 323 -0.34 7.16 -10.34
C PRO C 323 -1.15 8.31 -10.90
N ASN C 324 -1.93 7.99 -11.93
CA ASN C 324 -2.89 8.93 -12.51
C ASN C 324 -4.16 8.98 -11.66
N PRO C 325 -4.81 10.15 -11.59
CA PRO C 325 -6.03 10.26 -10.77
C PRO C 325 -7.15 9.34 -11.22
N ASN C 326 -7.27 9.08 -12.52
CA ASN C 326 -8.38 8.29 -13.04
C ASN C 326 -8.12 6.79 -13.06
N ALA C 327 -6.91 6.35 -12.72
CA ALA C 327 -6.60 4.94 -12.72
C ALA C 327 -7.21 4.24 -11.51
N MET C 328 -7.35 2.93 -11.62
CA MET C 328 -7.83 2.12 -10.51
C MET C 328 -6.74 1.83 -9.48
N LEU C 329 -5.50 2.20 -9.78
CA LEU C 329 -4.39 2.01 -8.86
C LEU C 329 -4.29 3.11 -7.81
N TYR C 330 -5.04 4.20 -7.98
CA TYR C 330 -4.93 5.35 -7.09
C TYR C 330 -5.38 5.02 -5.67
N GLN C 331 -6.34 4.09 -5.53
CA GLN C 331 -6.91 3.82 -4.22
C GLN C 331 -5.96 3.04 -3.31
N PHE C 332 -4.90 2.46 -3.87
CA PHE C 332 -3.93 1.70 -3.10
C PHE C 332 -2.72 2.53 -2.67
N GLY C 333 -2.67 3.81 -3.04
CA GLY C 333 -1.51 4.64 -2.79
C GLY C 333 -1.46 5.21 -1.39
N HIS C 334 -0.36 5.89 -1.11
CA HIS C 334 -0.10 6.52 0.18
C HIS C 334 0.90 7.65 -0.03
N ASP C 335 1.45 8.16 1.07
CA ASP C 335 2.44 9.24 1.03
C ASP C 335 3.83 8.67 1.29
N SER C 336 4.82 9.24 0.60
CA SER C 336 6.20 8.80 0.75
C SER C 336 6.69 9.15 2.16
N PRO C 337 7.55 8.29 2.73
CA PRO C 337 8.04 8.56 4.09
C PRO C 337 8.91 9.80 4.12
N PRO C 338 9.01 10.46 5.28
CA PRO C 338 9.82 11.68 5.36
C PRO C 338 11.32 11.42 5.34
N LEU C 339 12.10 12.48 5.52
CA LEU C 339 13.55 12.39 5.38
C LEU C 339 14.18 11.57 6.51
N ASP C 340 15.25 10.86 6.16
CA ASP C 340 16.02 10.10 7.15
C ASP C 340 17.46 10.06 6.64
N GLU C 341 18.34 10.88 7.23
CA GLU C 341 19.72 10.98 6.75
C GLU C 341 20.54 9.76 7.13
N VAL C 342 20.35 9.25 8.35
CA VAL C 342 21.16 8.12 8.83
C VAL C 342 20.91 6.89 7.97
N ALA C 343 19.65 6.65 7.59
CA ALA C 343 19.34 5.53 6.72
C ALA C 343 20.02 5.68 5.36
N LEU C 344 20.05 6.89 4.81
CA LEU C 344 20.72 7.11 3.54
C LEU C 344 22.22 6.86 3.65
N GLN C 345 22.84 7.34 4.72
CA GLN C 345 24.27 7.09 4.91
C GLN C 345 24.56 5.61 5.05
N GLU C 346 23.73 4.89 5.81
CA GLU C 346 23.92 3.45 5.97
C GLU C 346 23.73 2.73 4.64
N TYR C 347 22.74 3.15 3.85
CA TYR C 347 22.51 2.57 2.53
C TYR C 347 23.74 2.75 1.65
N ARG C 348 24.29 3.97 1.61
CA ARG C 348 25.48 4.22 0.80
C ARG C 348 26.64 3.35 1.25
N THR C 349 26.90 3.31 2.58
CA THR C 349 28.03 2.55 3.08
C THR C 349 27.88 1.06 2.79
N VAL C 350 26.69 0.50 3.03
CA VAL C 350 26.48 -0.93 2.82
C VAL C 350 26.57 -1.28 1.34
N ALA C 351 25.98 -0.44 0.47
CA ALA C 351 26.10 -0.68 -0.96
C ALA C 351 27.54 -0.60 -1.44
N ARG C 352 28.35 0.27 -0.83
CA ARG C 352 29.74 0.37 -1.22
C ARG C 352 30.56 -0.81 -0.71
N SER C 353 30.25 -1.33 0.48
CA SER C 353 31.08 -2.34 1.12
C SER C 353 30.69 -3.77 0.77
N LEU C 354 29.70 -3.98 -0.10
CA LEU C 354 29.32 -5.35 -0.37
C LEU C 354 30.12 -5.94 -1.52
N PRO C 355 30.33 -7.26 -1.53
CA PRO C 355 30.97 -7.89 -2.68
C PRO C 355 30.03 -7.97 -3.87
N VAL C 356 30.57 -8.44 -4.99
CA VAL C 356 29.79 -8.52 -6.23
C VAL C 356 28.68 -9.55 -6.09
N ALA C 357 29.01 -10.75 -5.58
CA ALA C 357 28.02 -11.80 -5.43
C ALA C 357 28.50 -12.80 -4.39
N VAL C 358 27.56 -13.62 -3.92
CA VAL C 358 27.84 -14.66 -2.94
C VAL C 358 27.16 -15.94 -3.41
N ILE C 359 27.58 -17.07 -2.81
CA ILE C 359 26.99 -18.35 -3.16
C ILE C 359 25.57 -18.43 -2.59
N ALA C 360 24.77 -19.32 -3.18
CA ALA C 360 23.36 -19.43 -2.82
C ALA C 360 23.16 -19.93 -1.39
N ALA C 361 24.19 -20.53 -0.78
CA ALA C 361 24.06 -21.00 0.60
C ALA C 361 23.85 -19.85 1.57
N GLN C 362 24.49 -18.70 1.33
CA GLN C 362 24.38 -17.53 2.19
C GLN C 362 23.57 -16.47 1.44
N ASN C 363 22.28 -16.45 1.68
CA ASN C 363 21.39 -15.49 1.03
C ASN C 363 20.28 -15.03 1.97
N SER D 2 25.53 -15.28 7.10
CA SER D 2 24.21 -14.86 6.66
C SER D 2 24.25 -13.43 6.12
N MET D 3 23.29 -13.11 5.25
CA MET D 3 23.25 -11.79 4.64
C MET D 3 22.85 -10.72 5.67
N TRP D 4 21.76 -10.97 6.41
CA TRP D 4 21.34 -10.03 7.44
C TRP D 4 22.41 -9.88 8.52
N GLU D 5 23.09 -10.98 8.85
CA GLU D 5 24.18 -10.90 9.81
C GLU D 5 25.31 -10.03 9.26
N ARG D 6 25.59 -10.14 7.97
CA ARG D 6 26.61 -9.28 7.34
C ARG D 6 26.23 -7.81 7.45
N VAL D 7 24.97 -7.49 7.11
CA VAL D 7 24.53 -6.09 7.16
C VAL D 7 24.60 -5.56 8.60
N LYS D 8 24.14 -6.37 9.56
CA LYS D 8 24.18 -5.95 10.95
C LYS D 8 25.61 -5.76 11.43
N SER D 9 26.51 -6.66 11.04
CA SER D 9 27.91 -6.53 11.42
C SER D 9 28.53 -5.26 10.86
N ILE D 10 28.21 -4.93 9.60
CA ILE D 10 28.68 -3.68 9.02
C ILE D 10 28.14 -2.49 9.79
N ILE D 11 26.85 -2.55 10.17
CA ILE D 11 26.23 -1.45 10.91
C ILE D 11 26.91 -1.25 12.25
N LYS D 12 27.18 -2.35 12.97
CA LYS D 12 27.90 -2.25 14.24
C LYS D 12 29.30 -1.71 14.05
N SER D 13 30.00 -2.17 13.00
CA SER D 13 31.36 -1.71 12.75
C SER D 13 31.40 -0.27 12.30
N SER D 14 30.28 0.29 11.86
CA SER D 14 30.22 1.70 11.46
C SER D 14 30.55 2.61 12.65
N ALA E 55 42.45 25.66 11.52
CA ALA E 55 41.05 25.62 11.12
C ALA E 55 40.84 24.70 9.92
N LEU E 56 41.91 24.49 9.14
CA LEU E 56 41.84 23.62 7.98
C LEU E 56 41.77 22.14 8.35
N THR E 57 41.99 21.80 9.62
CA THR E 57 41.89 20.41 10.04
C THR E 57 40.45 19.91 10.12
N ARG E 58 39.47 20.81 10.04
CA ARG E 58 38.07 20.39 10.03
C ARG E 58 37.65 19.75 8.72
N LEU E 59 38.47 19.83 7.68
CA LEU E 59 38.20 19.21 6.40
C LEU E 59 39.02 17.95 6.23
N SER E 60 38.49 17.01 5.45
CA SER E 60 39.23 15.81 5.12
C SER E 60 40.20 16.09 3.98
N GLN E 61 41.06 15.11 3.71
CA GLN E 61 42.00 15.23 2.60
C GLN E 61 41.30 15.40 1.26
N PRO E 62 40.27 14.60 0.92
CA PRO E 62 39.61 14.81 -0.38
C PRO E 62 39.01 16.18 -0.55
N GLY E 63 38.48 16.79 0.51
CA GLY E 63 37.91 18.13 0.37
C GLY E 63 38.96 19.17 0.02
N LEU E 64 40.10 19.14 0.71
CA LEU E 64 41.18 20.06 0.41
C LEU E 64 41.72 19.83 -0.99
N ALA E 65 41.88 18.56 -1.38
CA ALA E 65 42.36 18.26 -2.73
C ALA E 65 41.37 18.73 -3.78
N PHE E 66 40.07 18.57 -3.54
CA PHE E 66 39.06 19.04 -4.46
C PHE E 66 39.10 20.56 -4.61
N LEU E 67 39.21 21.27 -3.49
CA LEU E 67 39.32 22.73 -3.56
C LEU E 67 40.56 23.15 -4.34
N LYS E 68 41.68 22.45 -4.12
CA LYS E 68 42.92 22.78 -4.80
C LYS E 68 42.80 22.56 -6.31
N CYS E 69 42.23 21.43 -6.73
CA CYS E 69 42.01 21.21 -8.16
C CYS E 69 41.00 22.21 -8.72
N ALA E 70 40.07 22.69 -7.89
CA ALA E 70 39.03 23.59 -8.38
C ALA E 70 39.55 25.00 -8.61
N PHE E 71 40.35 25.54 -7.69
CA PHE E 71 40.59 26.98 -7.66
C PHE E 71 42.01 27.43 -7.96
N ALA E 72 43.02 26.56 -7.89
CA ALA E 72 44.41 26.96 -8.09
C ALA E 72 45.25 25.79 -8.59
N PRO E 73 45.23 25.52 -9.89
CA PRO E 73 46.18 24.54 -10.47
C PRO E 73 47.61 25.03 -10.43
N PRO E 74 47.94 26.21 -10.99
CA PRO E 74 49.36 26.53 -11.21
C PRO E 74 50.15 26.78 -9.92
N ASP E 75 49.49 26.87 -8.77
CA ASP E 75 50.17 27.11 -7.52
C ASP E 75 50.82 25.85 -6.95
N PHE E 76 50.60 24.69 -7.57
CA PHE E 76 51.13 23.44 -7.07
C PHE E 76 51.85 22.70 -8.19
N ASN E 77 52.87 21.92 -7.80
CA ASN E 77 53.67 21.20 -8.79
C ASN E 77 52.85 20.11 -9.46
N THR E 78 52.38 19.13 -8.69
CA THR E 78 51.63 18.00 -9.21
C THR E 78 50.50 17.65 -8.26
N ASP E 79 49.67 16.68 -8.68
CA ASP E 79 48.60 16.08 -7.88
C ASP E 79 47.64 17.14 -7.34
N PRO E 80 46.81 17.76 -8.20
CA PRO E 80 45.86 18.76 -7.70
C PRO E 80 44.81 18.17 -6.76
N GLY E 81 44.10 17.14 -7.19
CA GLY E 81 43.03 16.58 -6.39
C GLY E 81 42.72 15.15 -6.78
N LYS E 82 41.72 14.59 -6.10
CA LYS E 82 41.32 13.20 -6.29
C LYS E 82 39.92 13.08 -6.88
N GLY E 83 38.92 13.69 -6.26
CA GLY E 83 37.56 13.57 -6.75
C GLY E 83 36.63 14.52 -6.04
N ILE E 84 35.34 14.36 -6.32
CA ILE E 84 34.30 15.20 -5.74
C ILE E 84 33.75 14.49 -4.51
N PRO E 85 33.90 15.06 -3.31
CA PRO E 85 33.40 14.40 -2.09
C PRO E 85 31.91 14.62 -1.85
N ASP E 86 31.11 13.95 -2.66
CA ASP E 86 29.64 14.03 -2.59
C ASP E 86 29.08 12.64 -2.27
N ARG E 87 27.74 12.55 -2.34
CA ARG E 87 27.05 11.34 -1.89
C ARG E 87 27.47 10.11 -2.69
N PHE E 88 27.73 10.29 -3.98
CA PHE E 88 28.06 9.15 -4.84
C PHE E 88 29.38 8.52 -4.42
N GLU E 89 29.39 7.18 -4.33
CA GLU E 89 30.58 6.42 -3.94
C GLU E 89 30.80 5.25 -4.89
N GLY E 90 30.58 5.47 -6.19
CA GLY E 90 30.85 4.45 -7.19
C GLY E 90 32.29 4.46 -7.64
N LYS E 91 32.54 3.78 -8.76
CA LYS E 91 33.86 3.68 -9.35
C LYS E 91 33.97 4.67 -10.51
N VAL E 92 34.96 5.55 -10.44
CA VAL E 92 35.16 6.60 -11.44
C VAL E 92 36.64 6.68 -11.80
N VAL E 93 36.91 7.32 -12.92
CA VAL E 93 38.27 7.61 -13.37
C VAL E 93 38.43 9.12 -13.46
N SER E 94 39.46 9.64 -12.80
CA SER E 94 39.71 11.09 -12.77
C SER E 94 40.73 11.42 -13.85
N ARG E 95 40.30 12.19 -14.84
CA ARG E 95 41.14 12.58 -15.96
C ARG E 95 41.52 14.05 -15.83
N LYS E 96 42.81 14.35 -15.91
CA LYS E 96 43.32 15.70 -15.80
C LYS E 96 43.93 16.11 -17.13
N ASP E 97 43.46 17.23 -17.68
CA ASP E 97 43.91 17.72 -18.98
C ASP E 97 44.62 19.06 -18.80
N VAL E 98 45.76 19.20 -19.47
CA VAL E 98 46.55 20.44 -19.47
C VAL E 98 46.86 20.80 -20.92
N LEU E 99 47.05 22.09 -21.16
CA LEU E 99 47.34 22.60 -22.50
C LEU E 99 48.48 23.61 -22.43
N ASN E 100 49.24 23.70 -23.52
CA ASN E 100 50.33 24.68 -23.63
C ASN E 100 50.43 25.05 -25.11
N GLN E 101 49.86 26.19 -25.47
CA GLN E 101 49.76 26.62 -26.85
C GLN E 101 50.24 28.06 -26.97
N SER E 102 50.97 28.34 -28.06
CA SER E 102 51.42 29.68 -28.39
C SER E 102 50.50 30.27 -29.45
N ILE E 103 49.96 31.46 -29.20
CA ILE E 103 48.99 32.09 -30.08
C ILE E 103 49.47 33.49 -30.43
N SER E 104 49.24 33.88 -31.68
CA SER E 104 49.59 35.22 -32.16
C SER E 104 48.32 35.89 -32.69
N PHE E 105 48.18 37.18 -32.38
CA PHE E 105 47.01 37.96 -32.74
C PHE E 105 47.38 38.93 -33.85
N THR E 106 46.67 38.83 -34.97
CA THR E 106 46.96 39.70 -36.11
C THR E 106 46.54 41.14 -35.81
N ALA E 107 47.25 42.07 -36.44
CA ALA E 107 46.98 43.49 -36.24
C ALA E 107 45.76 43.93 -37.05
N GLY E 108 44.89 44.69 -36.41
CA GLY E 108 43.69 45.19 -37.06
C GLY E 108 42.50 44.26 -37.00
N GLN E 109 42.53 43.24 -36.14
CA GLN E 109 41.44 42.29 -36.02
C GLN E 109 41.13 42.03 -34.56
N ASP E 110 39.90 41.61 -34.28
CA ASP E 110 39.48 41.21 -32.96
C ASP E 110 39.36 39.69 -32.91
N THR E 111 39.97 39.08 -31.90
CA THR E 111 40.00 37.63 -31.77
C THR E 111 39.20 37.23 -30.53
N PHE E 112 38.24 36.33 -30.72
CA PHE E 112 37.40 35.84 -29.64
C PHE E 112 37.79 34.41 -29.29
N ILE E 113 37.81 34.11 -28.00
CA ILE E 113 38.15 32.79 -27.51
C ILE E 113 37.07 32.35 -26.52
N LEU E 114 36.54 31.15 -26.71
CA LEU E 114 35.51 30.60 -25.85
C LEU E 114 36.04 29.35 -25.16
N ILE E 115 35.92 29.30 -23.84
CA ILE E 115 36.24 28.13 -23.06
C ILE E 115 34.92 27.48 -22.65
N ALA E 116 34.48 26.51 -23.45
CA ALA E 116 33.21 25.83 -23.29
C ALA E 116 33.39 24.51 -22.57
N PRO E 117 32.37 24.04 -21.84
CA PRO E 117 32.45 22.73 -21.16
C PRO E 117 32.21 21.57 -22.11
N THR E 118 33.02 21.49 -23.16
CA THR E 118 32.97 20.38 -24.11
C THR E 118 34.14 19.46 -23.84
N PRO E 119 33.91 18.21 -23.46
CA PRO E 119 35.04 17.32 -23.15
C PRO E 119 35.92 17.08 -24.35
N GLY E 120 37.24 17.05 -24.11
CA GLY E 120 38.21 16.76 -25.13
C GLY E 120 38.65 17.92 -25.99
N VAL E 121 38.07 19.11 -25.79
CA VAL E 121 38.39 20.29 -26.60
C VAL E 121 38.79 21.41 -25.66
N ALA E 122 39.86 22.13 -26.02
CA ALA E 122 40.36 23.19 -25.17
C ALA E 122 39.55 24.48 -25.33
N TYR E 123 39.55 25.05 -26.53
CA TYR E 123 38.87 26.32 -26.76
C TYR E 123 38.51 26.44 -28.23
N TRP E 124 37.61 27.38 -28.52
CA TRP E 124 37.20 27.72 -29.86
C TRP E 124 37.52 29.19 -30.13
N SER E 125 37.91 29.50 -31.36
CA SER E 125 38.41 30.83 -31.67
C SER E 125 37.91 31.27 -33.04
N ALA E 126 37.81 32.60 -33.21
CA ALA E 126 37.46 33.21 -34.48
C ALA E 126 37.99 34.64 -34.47
N SER E 127 38.15 35.20 -35.66
CA SER E 127 38.71 36.54 -35.83
C SER E 127 37.71 37.42 -36.55
N VAL E 128 37.51 38.64 -36.04
CA VAL E 128 36.58 39.60 -36.61
C VAL E 128 37.34 40.91 -36.80
N PRO E 129 36.98 41.74 -37.79
CA PRO E 129 37.60 43.05 -37.90
C PRO E 129 37.40 43.88 -36.63
N ALA E 130 38.38 44.74 -36.35
CA ALA E 130 38.38 45.50 -35.11
C ALA E 130 37.16 46.40 -35.00
N GLY E 131 36.63 46.52 -33.79
CA GLY E 131 35.47 47.34 -33.53
C GLY E 131 34.13 46.70 -33.85
N THR E 132 34.12 45.42 -34.22
CA THR E 132 32.91 44.72 -34.57
C THR E 132 32.76 43.48 -33.69
N PHE E 133 31.69 42.74 -33.94
CA PHE E 133 31.34 41.54 -33.19
C PHE E 133 30.95 40.44 -34.16
N PRO E 134 31.01 39.17 -33.74
CA PRO E 134 30.68 38.07 -34.66
C PRO E 134 29.27 38.20 -35.22
N THR E 135 29.14 37.84 -36.50
CA THR E 135 27.89 37.91 -37.24
C THR E 135 27.49 36.51 -37.69
N SER E 136 26.45 36.44 -38.52
CA SER E 136 25.96 35.16 -39.01
C SER E 136 26.94 34.47 -39.95
N ALA E 137 27.97 35.17 -40.42
CA ALA E 137 28.98 34.58 -41.29
C ALA E 137 30.20 34.08 -40.53
N THR E 138 30.23 34.23 -39.21
CA THR E 138 31.36 33.79 -38.41
C THR E 138 31.29 32.30 -38.15
N THR E 139 32.45 31.63 -38.20
CA THR E 139 32.57 30.21 -37.93
C THR E 139 33.71 29.99 -36.94
N PHE E 140 33.44 29.25 -35.88
CA PHE E 140 34.43 28.95 -34.85
C PHE E 140 35.07 27.59 -35.10
N ASN E 141 36.35 27.49 -34.74
CA ASN E 141 37.10 26.27 -34.92
C ASN E 141 37.73 25.82 -33.61
N PRO E 142 37.86 24.52 -33.37
CA PRO E 142 38.30 24.04 -32.08
C PRO E 142 39.81 23.80 -32.00
N VAL E 143 40.29 23.65 -30.76
CA VAL E 143 41.65 23.24 -30.47
C VAL E 143 41.57 22.13 -29.44
N ASN E 144 42.11 20.96 -29.78
CA ASN E 144 41.91 19.76 -28.98
C ASN E 144 42.93 19.66 -27.84
N TYR E 145 42.58 18.87 -26.84
CA TYR E 145 43.50 18.47 -25.78
C TYR E 145 44.38 17.32 -26.29
N PRO E 146 45.53 17.10 -25.65
CA PRO E 146 46.38 15.97 -26.07
C PRO E 146 45.75 14.62 -25.77
N GLY E 147 45.35 13.91 -26.81
CA GLY E 147 44.80 12.57 -26.65
C GLY E 147 43.31 12.46 -26.83
N PHE E 148 42.74 13.19 -27.78
CA PHE E 148 41.31 13.11 -28.05
C PHE E 148 40.94 11.77 -28.69
N THR E 149 41.67 11.38 -29.74
CA THR E 149 41.35 10.15 -30.44
C THR E 149 41.68 8.89 -29.63
N SER E 150 42.60 9.00 -28.68
CA SER E 150 42.91 7.88 -27.80
C SER E 150 41.76 7.55 -26.84
N MET E 151 40.78 8.44 -26.72
CA MET E 151 39.66 8.25 -25.81
C MET E 151 38.29 8.25 -26.47
N PHE E 152 38.14 8.94 -27.61
CA PHE E 152 36.84 9.07 -28.26
C PHE E 152 36.83 8.51 -29.68
N GLY E 153 37.82 7.71 -30.04
CA GLY E 153 37.83 7.03 -31.33
C GLY E 153 38.05 7.98 -32.49
N THR E 154 38.01 7.39 -33.69
CA THR E 154 38.22 8.13 -34.94
C THR E 154 36.99 8.07 -35.84
N THR E 155 35.81 7.88 -35.26
CA THR E 155 34.57 7.83 -36.02
C THR E 155 33.49 8.57 -35.22
N SER E 156 32.50 9.09 -35.95
CA SER E 156 31.43 9.85 -35.31
C SER E 156 30.53 8.98 -34.44
N THR E 157 30.56 7.66 -34.62
CA THR E 157 29.74 6.73 -33.86
C THR E 157 30.59 5.78 -33.02
N SER E 158 31.72 6.27 -32.52
CA SER E 158 32.61 5.48 -31.66
C SER E 158 32.95 6.21 -30.37
N ARG E 159 32.14 7.19 -29.97
CA ARG E 159 32.48 8.04 -28.84
C ARG E 159 32.29 7.33 -27.51
N SER E 160 31.34 6.41 -27.40
CA SER E 160 31.00 5.77 -26.14
C SER E 160 31.62 4.39 -25.97
N ASP E 161 32.59 4.04 -26.82
CA ASP E 161 33.22 2.72 -26.73
C ASP E 161 34.15 2.59 -25.54
N GLN E 162 34.52 3.69 -24.89
CA GLN E 162 35.41 3.65 -23.73
C GLN E 162 34.77 4.16 -22.45
N VAL E 163 33.99 5.23 -22.51
CA VAL E 163 33.33 5.80 -21.34
C VAL E 163 31.84 5.90 -21.63
N SER E 164 31.07 6.21 -20.57
CA SER E 164 29.62 6.26 -20.69
C SER E 164 29.06 7.59 -20.20
N SER E 165 29.67 8.17 -19.16
CA SER E 165 29.17 9.40 -18.58
C SER E 165 30.32 10.22 -18.05
N PHE E 166 30.05 11.49 -17.78
CA PHE E 166 31.07 12.43 -17.32
C PHE E 166 30.43 13.50 -16.46
N ARG E 167 31.27 14.18 -15.67
CA ARG E 167 30.84 15.37 -14.95
C ARG E 167 32.08 16.18 -14.59
N TYR E 168 31.97 17.50 -14.72
CA TYR E 168 33.09 18.41 -14.51
C TYR E 168 33.29 18.70 -13.02
N ALA E 169 34.50 19.17 -12.70
CA ALA E 169 34.82 19.67 -11.37
C ALA E 169 35.61 20.97 -11.38
N SER E 170 36.32 21.29 -12.45
CA SER E 170 37.07 22.54 -12.53
C SER E 170 37.31 22.89 -13.99
N MET E 171 37.55 24.18 -14.23
CA MET E 171 37.83 24.68 -15.58
C MET E 171 38.52 26.02 -15.44
N ASN E 172 39.77 26.10 -15.90
CA ASN E 172 40.60 27.28 -15.70
C ASN E 172 41.33 27.62 -16.99
N VAL E 173 41.83 28.86 -17.05
CA VAL E 173 42.54 29.34 -18.23
C VAL E 173 43.45 30.49 -17.81
N GLY E 174 44.52 30.71 -18.58
CA GLY E 174 45.43 31.80 -18.31
C GLY E 174 46.23 32.22 -19.54
N ILE E 175 46.46 33.52 -19.69
CA ILE E 175 47.19 34.08 -20.83
C ILE E 175 48.41 34.80 -20.31
N TYR E 176 49.57 34.50 -20.89
CA TYR E 176 50.84 35.09 -20.46
C TYR E 176 51.50 35.79 -21.64
N PRO E 177 51.53 37.13 -21.67
CA PRO E 177 52.13 37.83 -22.81
C PRO E 177 53.62 37.54 -22.92
N THR E 178 54.11 37.57 -24.17
CA THR E 178 55.51 37.27 -24.43
C THR E 178 56.15 38.24 -25.41
N SER E 179 55.54 39.40 -25.65
CA SER E 179 56.10 40.40 -26.56
C SER E 179 56.96 41.40 -25.80
N ASN E 180 57.70 42.21 -26.55
CA ASN E 180 58.56 43.22 -25.96
C ASN E 180 57.73 44.45 -25.58
N LEU E 181 58.37 45.36 -24.84
CA LEU E 181 57.68 46.48 -24.21
C LEU E 181 57.57 47.71 -25.09
N MET E 182 58.00 47.65 -26.35
CA MET E 182 57.97 48.82 -27.23
C MET E 182 57.27 48.54 -28.55
N GLN E 183 56.48 47.46 -28.63
CA GLN E 183 55.76 47.15 -29.85
C GLN E 183 54.31 46.75 -29.66
N PHE E 184 53.86 46.47 -28.44
CA PHE E 184 52.52 45.97 -28.22
C PHE E 184 51.50 47.12 -28.23
N ALA E 185 50.23 46.74 -28.37
CA ALA E 185 49.11 47.66 -28.32
C ALA E 185 47.82 46.86 -28.23
N GLY E 186 46.90 47.31 -27.36
CA GLY E 186 45.60 46.70 -27.24
C GLY E 186 45.25 46.42 -25.79
N SER E 187 44.11 45.74 -25.61
CA SER E 187 43.60 45.41 -24.28
C SER E 187 43.03 43.99 -24.30
N ILE E 188 42.54 43.55 -23.15
CA ILE E 188 41.95 42.22 -22.98
C ILE E 188 40.67 42.35 -22.18
N THR E 189 39.59 41.74 -22.67
CA THR E 189 38.30 41.75 -22.00
C THR E 189 37.82 40.32 -21.75
N VAL E 190 37.28 40.07 -20.56
CA VAL E 190 36.86 38.74 -20.14
C VAL E 190 35.49 38.86 -19.48
N TRP E 191 34.57 37.98 -19.89
CA TRP E 191 33.27 37.85 -19.23
C TRP E 191 32.72 36.46 -19.53
N LYS E 192 31.68 36.08 -18.80
CA LYS E 192 31.12 34.73 -18.84
C LYS E 192 29.69 34.76 -19.36
N CYS E 193 29.29 33.67 -20.01
CA CYS E 193 27.95 33.52 -20.55
C CYS E 193 27.36 32.16 -20.17
N PRO E 194 26.08 32.12 -19.81
CA PRO E 194 25.40 30.84 -19.47
C PRO E 194 24.80 30.10 -20.67
N VAL E 195 25.65 29.38 -21.38
CA VAL E 195 25.24 28.64 -22.57
C VAL E 195 24.80 27.25 -22.18
N LYS E 196 23.65 26.81 -22.72
CA LYS E 196 23.11 25.48 -22.49
C LYS E 196 22.78 24.82 -23.81
N LEU E 197 22.65 23.49 -23.79
CA LEU E 197 22.31 22.70 -24.96
C LEU E 197 20.86 22.26 -24.87
N SER E 198 20.09 22.53 -25.92
CA SER E 198 18.67 22.21 -25.95
C SER E 198 18.33 21.71 -27.36
N THR E 199 17.03 21.62 -27.64
CA THR E 199 16.53 21.11 -28.92
C THR E 199 15.57 22.10 -29.54
N VAL E 200 15.41 21.98 -30.86
CA VAL E 200 14.47 22.80 -31.62
C VAL E 200 13.58 21.86 -32.42
N GLN E 201 12.39 22.37 -32.78
CA GLN E 201 11.41 21.60 -33.53
C GLN E 201 10.83 22.48 -34.62
N PHE E 202 10.80 21.95 -35.85
CA PHE E 202 10.31 22.69 -37.01
C PHE E 202 9.78 21.69 -38.03
N PRO E 203 8.85 22.10 -38.88
CA PRO E 203 8.34 21.18 -39.90
C PRO E 203 9.21 21.17 -41.15
N VAL E 204 9.21 20.03 -41.83
CA VAL E 204 9.92 19.85 -43.09
C VAL E 204 8.93 19.33 -44.13
N ALA E 205 8.89 19.99 -45.28
CA ALA E 205 7.90 19.67 -46.33
C ALA E 205 8.45 18.58 -47.23
N THR E 206 8.18 17.33 -46.85
CA THR E 206 8.52 16.16 -47.65
C THR E 206 7.24 15.40 -47.97
N ASP E 207 7.39 14.23 -48.60
CA ASP E 207 6.26 13.40 -48.99
C ASP E 207 6.34 12.05 -48.29
N PRO E 208 5.52 11.79 -47.25
CA PRO E 208 4.54 12.69 -46.63
C PRO E 208 5.22 13.72 -45.72
N ALA E 209 4.54 14.82 -45.42
CA ALA E 209 5.13 15.86 -44.58
C ALA E 209 5.33 15.35 -43.16
N THR E 210 6.47 15.73 -42.56
CA THR E 210 6.83 15.23 -41.23
C THR E 210 7.25 16.39 -40.32
N SER E 211 7.78 16.04 -39.14
CA SER E 211 8.28 17.01 -38.19
C SER E 211 9.67 16.58 -37.72
N SER E 212 10.54 17.55 -37.48
CA SER E 212 11.93 17.29 -37.14
C SER E 212 12.25 17.75 -35.73
N LEU E 213 13.39 17.29 -35.22
CA LEU E 213 13.85 17.64 -33.88
C LEU E 213 15.36 17.48 -33.87
N VAL E 214 16.09 18.60 -33.81
CA VAL E 214 17.55 18.60 -33.86
C VAL E 214 18.08 19.35 -32.65
N HIS E 215 19.40 19.23 -32.44
CA HIS E 215 20.05 19.89 -31.32
C HIS E 215 20.40 21.33 -31.65
N THR E 216 20.26 22.20 -30.65
CA THR E 216 20.60 23.61 -30.78
C THR E 216 21.27 24.08 -29.50
N LEU E 217 21.92 25.24 -29.58
CA LEU E 217 22.56 25.88 -28.44
C LEU E 217 21.80 27.15 -28.09
N VAL E 218 21.38 27.26 -26.82
CA VAL E 218 20.64 28.42 -26.33
C VAL E 218 21.54 29.22 -25.40
N GLY E 219 21.52 30.53 -25.55
CA GLY E 219 22.36 31.41 -24.77
C GLY E 219 23.60 31.92 -25.47
N LEU E 220 23.77 31.61 -26.76
CA LEU E 220 24.94 32.05 -27.50
C LEU E 220 24.90 33.54 -27.83
N ASP E 221 23.78 34.22 -27.58
CA ASP E 221 23.68 35.64 -27.88
C ASP E 221 24.48 36.51 -26.92
N GLY E 222 25.02 35.95 -25.84
CA GLY E 222 25.80 36.72 -24.90
C GLY E 222 27.18 37.12 -25.39
N VAL E 223 27.61 36.59 -26.54
CA VAL E 223 28.91 36.95 -27.11
C VAL E 223 28.83 38.19 -27.98
N LEU E 224 27.63 38.71 -28.24
CA LEU E 224 27.45 39.85 -29.13
C LEU E 224 27.66 41.19 -28.43
N ALA E 225 27.90 41.18 -27.12
CA ALA E 225 28.14 42.42 -26.40
C ALA E 225 28.91 42.11 -25.12
N VAL E 226 29.60 43.12 -24.62
CA VAL E 226 30.38 42.98 -23.40
C VAL E 226 29.44 42.97 -22.20
N GLY E 227 29.64 42.01 -21.30
CA GLY E 227 28.82 41.89 -20.12
C GLY E 227 29.14 42.95 -19.09
N PRO E 228 28.15 43.32 -18.27
CA PRO E 228 28.41 44.33 -17.23
C PRO E 228 29.50 43.92 -16.25
N ASP E 229 29.58 42.63 -15.92
CA ASP E 229 30.62 42.11 -15.04
C ASP E 229 31.75 41.58 -15.93
N ASN E 230 32.79 42.40 -16.09
CA ASN E 230 33.88 42.07 -16.99
C ASN E 230 35.21 42.53 -16.38
N PHE E 231 36.28 41.95 -16.89
CA PHE E 231 37.64 42.33 -16.52
C PHE E 231 38.33 42.95 -17.73
N SER E 232 38.84 44.16 -17.58
CA SER E 232 39.51 44.88 -18.65
C SER E 232 40.82 45.45 -18.12
N GLU E 233 41.89 45.29 -18.90
CA GLU E 233 43.21 45.78 -18.54
C GLU E 233 44.06 45.85 -19.81
N SER E 234 45.31 46.27 -19.65
CA SER E 234 46.22 46.33 -20.78
C SER E 234 46.64 44.92 -21.20
N PHE E 235 47.07 44.80 -22.46
CA PHE E 235 47.40 43.51 -23.02
C PHE E 235 48.58 42.85 -22.30
N ILE E 236 49.61 43.65 -21.98
CA ILE E 236 50.86 43.09 -21.48
C ILE E 236 50.78 42.59 -20.05
N LYS E 237 49.65 42.73 -19.38
CA LYS E 237 49.52 42.31 -17.99
C LYS E 237 48.93 40.91 -17.83
N GLY E 238 48.32 40.36 -18.88
CA GLY E 238 47.79 39.01 -18.81
C GLY E 238 46.43 38.93 -18.15
N VAL E 239 45.98 37.70 -17.94
CA VAL E 239 44.67 37.44 -17.36
C VAL E 239 44.65 36.01 -16.85
N PHE E 240 43.84 35.76 -15.82
CA PHE E 240 43.64 34.43 -15.27
C PHE E 240 42.25 34.36 -14.67
N SER E 241 41.44 33.41 -15.14
CA SER E 241 40.04 33.32 -14.75
C SER E 241 39.69 31.87 -14.46
N GLN E 242 38.47 31.67 -13.96
CA GLN E 242 37.99 30.33 -13.61
C GLN E 242 36.48 30.29 -13.76
N SER E 243 35.94 29.08 -13.76
CA SER E 243 34.51 28.84 -13.85
C SER E 243 34.07 27.94 -12.69
N ALA E 244 32.76 27.81 -12.54
CA ALA E 244 32.20 27.03 -11.44
C ALA E 244 30.90 26.37 -11.90
N CYS E 245 30.45 25.40 -11.12
CA CYS E 245 29.22 24.69 -11.43
C CYS E 245 28.01 25.60 -11.34
N ASN E 246 27.05 25.37 -12.23
CA ASN E 246 25.83 26.18 -12.29
C ASN E 246 24.59 25.36 -11.98
N GLU E 247 24.73 24.34 -11.15
CA GLU E 247 23.62 23.49 -10.73
C GLU E 247 23.71 23.23 -9.24
N PRO E 248 22.58 22.95 -8.59
CA PRO E 248 22.61 22.73 -7.13
C PRO E 248 23.40 21.51 -6.71
N ASP E 249 23.64 20.56 -7.62
CA ASP E 249 24.38 19.35 -7.30
C ASP E 249 25.05 18.82 -8.55
N PHE E 250 26.05 17.96 -8.34
CA PHE E 250 26.78 17.36 -9.45
C PHE E 250 26.03 16.15 -9.96
N GLU E 251 25.70 16.15 -11.25
CA GLU E 251 24.97 15.05 -11.87
C GLU E 251 25.70 14.61 -13.14
N PHE E 252 25.60 13.32 -13.43
CA PHE E 252 26.25 12.75 -14.60
C PHE E 252 25.47 13.08 -15.87
N ASN E 253 26.20 13.25 -16.97
CA ASN E 253 25.62 13.52 -18.26
C ASN E 253 25.95 12.40 -19.23
N ASP E 254 25.04 12.14 -20.16
CA ASP E 254 25.22 11.07 -21.12
C ASP E 254 26.13 11.52 -22.26
N ILE E 255 26.61 10.54 -23.02
CA ILE E 255 27.51 10.79 -24.15
C ILE E 255 26.67 10.84 -25.42
N LEU E 256 26.83 11.91 -26.19
CA LEU E 256 26.11 12.06 -27.45
C LEU E 256 26.96 11.57 -28.61
N GLU E 257 26.29 11.12 -29.66
CA GLU E 257 26.95 10.57 -30.83
C GLU E 257 26.39 11.21 -32.09
N GLY E 258 27.25 11.31 -33.11
CA GLY E 258 26.85 11.84 -34.39
C GLY E 258 26.94 13.34 -34.55
N ILE E 259 27.30 14.06 -33.49
CA ILE E 259 27.37 15.52 -33.55
C ILE E 259 28.73 15.92 -34.12
N GLN E 260 28.71 16.65 -35.23
CA GLN E 260 29.91 17.21 -35.83
C GLN E 260 29.85 18.73 -35.95
N THR E 261 28.70 19.27 -36.37
CA THR E 261 28.53 20.71 -36.51
C THR E 261 27.22 21.13 -35.86
N LEU E 262 27.21 22.34 -35.32
CA LEU E 262 25.99 22.95 -34.79
C LEU E 262 25.78 24.29 -35.48
N PRO E 263 24.77 24.44 -36.35
CA PRO E 263 23.71 23.46 -36.69
C PRO E 263 24.22 22.27 -37.50
N PRO E 264 23.52 21.14 -37.42
CA PRO E 264 23.97 19.94 -38.15
C PRO E 264 23.88 20.09 -39.66
N ALA E 265 24.34 19.07 -40.38
CA ALA E 265 24.27 19.08 -41.83
C ALA E 265 22.82 19.04 -42.29
N ASN E 266 22.57 19.65 -43.46
CA ASN E 266 21.27 19.76 -44.10
C ASN E 266 20.28 20.61 -43.31
N VAL E 267 20.73 21.26 -42.25
CA VAL E 267 19.89 22.15 -41.46
C VAL E 267 20.49 23.54 -41.57
N SER E 268 19.78 24.45 -42.24
CA SER E 268 20.28 25.79 -42.48
C SER E 268 20.17 26.64 -41.22
N LEU E 269 21.01 27.67 -41.15
CA LEU E 269 20.95 28.63 -40.07
C LEU E 269 19.72 29.52 -40.23
N GLY E 270 19.21 30.00 -39.09
CA GLY E 270 17.97 30.75 -39.09
C GLY E 270 16.80 29.89 -38.69
N SER E 271 16.84 28.62 -39.10
CA SER E 271 15.85 27.64 -38.67
C SER E 271 16.20 27.04 -37.31
N THR E 272 17.35 27.39 -36.75
CA THR E 272 17.77 26.91 -35.43
C THR E 272 17.81 28.02 -34.38
N GLY E 273 17.88 29.28 -34.79
CA GLY E 273 17.92 30.39 -33.87
C GLY E 273 19.30 30.77 -33.38
N GLN E 274 20.35 30.12 -33.87
CA GLN E 274 21.70 30.43 -33.43
C GLN E 274 22.23 31.69 -34.10
N PRO E 275 23.05 32.47 -33.40
CA PRO E 275 23.62 33.68 -34.02
C PRO E 275 24.76 33.39 -34.97
N PHE E 276 25.58 32.39 -34.64
CA PHE E 276 26.70 32.00 -35.47
C PHE E 276 26.86 30.48 -35.43
N THR E 277 27.89 29.98 -36.11
CA THR E 277 28.07 28.56 -36.34
C THR E 277 29.33 28.05 -35.64
N MET E 278 29.25 26.83 -35.12
CA MET E 278 30.40 26.11 -34.58
C MET E 278 30.70 24.92 -35.46
N ASP E 279 31.95 24.84 -35.94
CA ASP E 279 32.35 23.80 -36.89
C ASP E 279 33.56 23.07 -36.33
N SER E 280 33.47 21.74 -36.29
CA SER E 280 34.54 20.90 -35.76
C SER E 280 35.38 20.23 -36.85
N GLY E 281 35.13 20.55 -38.11
CA GLY E 281 35.96 20.00 -39.18
C GLY E 281 35.76 18.51 -39.39
N ALA E 282 36.85 17.84 -39.74
CA ALA E 282 36.80 16.43 -40.07
C ALA E 282 36.47 15.58 -38.85
N GLU E 283 35.75 14.49 -39.09
CA GLU E 283 35.33 13.58 -38.01
C GLU E 283 36.47 12.72 -37.47
N ALA E 284 37.61 12.68 -38.17
CA ALA E 284 38.74 11.85 -37.75
C ALA E 284 39.65 12.54 -36.75
N THR E 285 39.40 13.81 -36.44
CA THR E 285 40.29 14.54 -35.55
C THR E 285 39.59 15.15 -34.34
N SER E 286 38.35 15.60 -34.50
CA SER E 286 37.66 16.29 -33.41
C SER E 286 36.15 16.13 -33.57
N GLY E 287 35.45 16.44 -32.50
CA GLY E 287 34.00 16.35 -32.50
C GLY E 287 33.44 16.86 -31.19
N VAL E 288 32.12 16.81 -31.09
CA VAL E 288 31.38 17.23 -29.89
C VAL E 288 30.73 16.00 -29.29
N VAL E 289 31.03 15.73 -28.02
CA VAL E 289 30.57 14.52 -27.35
C VAL E 289 29.73 14.83 -26.12
N GLY E 290 29.44 16.08 -25.83
CA GLY E 290 28.62 16.41 -24.68
C GLY E 290 28.74 17.87 -24.31
N TRP E 291 28.02 18.22 -23.25
CA TRP E 291 28.01 19.58 -22.72
C TRP E 291 27.74 19.51 -21.22
N GLY E 292 28.73 19.91 -20.42
CA GLY E 292 28.63 19.80 -18.98
C GLY E 292 27.89 20.97 -18.35
N ASN E 293 27.78 20.90 -17.02
CA ASN E 293 27.10 21.94 -16.25
C ASN E 293 28.10 22.95 -15.73
N MET E 294 28.60 23.77 -16.66
CA MET E 294 29.59 24.79 -16.35
C MET E 294 29.30 26.03 -17.20
N ASP E 295 29.92 27.13 -16.81
CA ASP E 295 29.75 28.40 -17.52
C ASP E 295 30.86 28.58 -18.55
N THR E 296 30.51 29.25 -19.65
CA THR E 296 31.45 29.51 -20.73
C THR E 296 32.16 30.84 -20.49
N ILE E 297 33.48 30.84 -20.66
CA ILE E 297 34.30 32.03 -20.48
C ILE E 297 34.61 32.63 -21.84
N VAL E 298 34.31 33.91 -22.00
CA VAL E 298 34.52 34.63 -23.26
C VAL E 298 35.67 35.60 -23.08
N ILE E 299 36.64 35.56 -23.99
CA ILE E 299 37.81 36.43 -23.96
C ILE E 299 37.95 37.09 -25.32
N ARG E 300 38.10 38.42 -25.32
CA ARG E 300 38.31 39.19 -26.53
C ARG E 300 39.63 39.94 -26.43
N VAL E 301 40.45 39.84 -27.48
CA VAL E 301 41.72 40.54 -27.57
C VAL E 301 41.68 41.44 -28.79
N SER E 302 41.93 42.73 -28.60
CA SER E 302 41.91 43.72 -29.66
C SER E 302 43.32 44.25 -29.89
N ALA E 303 43.74 44.29 -31.14
CA ALA E 303 45.07 44.75 -31.51
C ALA E 303 44.94 45.83 -32.58
N PRO E 304 45.33 47.07 -32.30
CA PRO E 304 45.28 48.12 -33.33
C PRO E 304 46.29 47.85 -34.44
N GLU E 305 46.22 48.69 -35.47
CA GLU E 305 47.11 48.55 -36.61
C GLU E 305 48.57 48.78 -36.21
N GLY E 306 49.46 47.96 -36.76
CA GLY E 306 50.88 48.07 -36.49
C GLY E 306 51.36 47.42 -35.22
N ALA E 307 50.49 46.73 -34.49
CA ALA E 307 50.89 46.09 -33.23
C ALA E 307 51.51 44.73 -33.49
N VAL E 308 52.36 44.31 -32.56
CA VAL E 308 53.03 43.01 -32.61
C VAL E 308 52.73 42.34 -31.27
N ASN E 309 51.73 41.44 -31.27
CA ASN E 309 51.27 40.81 -30.04
C ASN E 309 51.43 39.29 -30.13
N SER E 310 51.83 38.70 -29.01
CA SER E 310 51.95 37.26 -28.88
C SER E 310 51.88 36.89 -27.41
N ALA E 311 51.52 35.64 -27.14
CA ALA E 311 51.34 35.18 -25.77
C ALA E 311 51.35 33.66 -25.76
N ILE E 312 51.18 33.08 -24.57
CA ILE E 312 51.11 31.64 -24.36
C ILE E 312 49.84 31.33 -23.61
N LEU E 313 49.03 30.42 -24.15
CA LEU E 313 47.75 30.06 -23.57
C LEU E 313 47.85 28.72 -22.86
N LYS E 314 47.28 28.64 -21.66
CA LYS E 314 47.29 27.42 -20.86
C LYS E 314 45.86 27.10 -20.43
N ALA E 315 45.66 25.88 -19.96
CA ALA E 315 44.34 25.42 -19.55
C ALA E 315 44.49 24.27 -18.57
N TRP E 316 43.40 24.00 -17.84
CA TRP E 316 43.36 22.92 -16.87
C TRP E 316 41.94 22.36 -16.81
N SER E 317 41.83 21.12 -16.37
CA SER E 317 40.54 20.46 -16.24
C SER E 317 40.62 19.39 -15.16
N CYS E 318 39.49 19.16 -14.50
CA CYS E 318 39.38 18.19 -13.39
C CYS E 318 38.09 17.42 -13.66
N ILE E 319 38.20 16.29 -14.36
CA ILE E 319 37.05 15.60 -14.91
C ILE E 319 36.93 14.21 -14.29
N GLU E 320 35.68 13.76 -14.13
CA GLU E 320 35.34 12.43 -13.63
C GLU E 320 34.58 11.66 -14.69
N TYR E 321 34.93 10.39 -14.87
CA TYR E 321 34.32 9.55 -15.90
C TYR E 321 33.79 8.26 -15.29
N ARG E 322 32.88 7.62 -16.04
CA ARG E 322 32.43 6.27 -15.73
C ARG E 322 32.98 5.30 -16.77
N PRO E 323 33.93 4.44 -16.41
CA PRO E 323 34.56 3.58 -17.41
C PRO E 323 33.74 2.33 -17.67
N ASN E 324 34.10 1.65 -18.80
CA ASN E 324 33.52 0.38 -19.22
C ASN E 324 34.49 -0.76 -18.91
N PRO E 325 33.97 -1.95 -18.58
CA PRO E 325 34.85 -3.07 -18.23
C PRO E 325 35.74 -3.52 -19.38
N ASN E 326 35.39 -3.22 -20.62
CA ASN E 326 36.15 -3.65 -21.78
C ASN E 326 37.21 -2.65 -22.21
N ALA E 327 37.41 -1.58 -21.43
CA ALA E 327 38.39 -0.55 -21.75
C ALA E 327 39.65 -0.73 -20.93
N MET E 328 40.76 -0.18 -21.45
CA MET E 328 42.04 -0.28 -20.76
C MET E 328 42.09 0.60 -19.52
N LEU E 329 41.43 1.77 -19.56
CA LEU E 329 41.48 2.71 -18.45
C LEU E 329 40.70 2.23 -17.23
N TYR E 330 39.94 1.14 -17.36
CA TYR E 330 39.22 0.59 -16.21
C TYR E 330 40.15 0.15 -15.09
N GLN E 331 41.43 -0.13 -15.41
CA GLN E 331 42.37 -0.58 -14.40
C GLN E 331 42.68 0.52 -13.38
N PHE E 332 42.66 1.78 -13.80
CA PHE E 332 43.03 2.90 -12.94
C PHE E 332 41.85 3.52 -12.20
N GLY E 333 40.65 2.94 -12.33
CA GLY E 333 39.51 3.46 -11.61
C GLY E 333 39.57 3.18 -10.12
N HIS E 334 38.79 3.94 -9.37
CA HIS E 334 38.74 3.80 -7.92
C HIS E 334 37.41 4.31 -7.42
N ASP E 335 37.20 4.15 -6.11
CA ASP E 335 35.96 4.62 -5.48
C ASP E 335 36.01 6.12 -5.25
N SER E 336 34.89 6.79 -5.52
CA SER E 336 34.81 8.22 -5.31
C SER E 336 34.78 8.53 -3.80
N PRO E 337 35.28 9.70 -3.40
CA PRO E 337 35.35 10.00 -1.98
C PRO E 337 33.97 10.14 -1.37
N PRO E 338 33.82 9.88 -0.06
CA PRO E 338 32.51 10.01 0.57
C PRO E 338 32.12 11.46 0.81
N LEU E 339 30.99 11.67 1.50
CA LEU E 339 30.43 13.00 1.66
C LEU E 339 31.29 13.87 2.58
N ASP E 340 31.28 15.17 2.30
CA ASP E 340 31.95 16.16 3.16
C ASP E 340 31.19 17.46 3.02
N GLU E 341 30.43 17.81 4.07
CA GLU E 341 29.52 18.95 3.99
C GLU E 341 30.27 20.28 4.02
N VAL E 342 31.29 20.39 4.88
CA VAL E 342 31.99 21.66 5.05
C VAL E 342 32.67 22.07 3.76
N ALA E 343 33.31 21.12 3.08
CA ALA E 343 33.95 21.42 1.80
C ALA E 343 32.92 21.85 0.76
N LEU E 344 31.75 21.21 0.75
CA LEU E 344 30.71 21.56 -0.22
C LEU E 344 30.18 22.97 0.03
N GLN E 345 30.12 23.40 1.29
CA GLN E 345 29.71 24.77 1.59
C GLN E 345 30.82 25.76 1.23
N GLU E 346 32.07 25.41 1.56
CA GLU E 346 33.19 26.29 1.25
C GLU E 346 33.36 26.48 -0.25
N TYR E 347 33.04 25.45 -1.05
CA TYR E 347 33.08 25.59 -2.50
C TYR E 347 32.20 26.73 -2.97
N ARG E 348 30.92 26.72 -2.55
CA ARG E 348 30.01 27.79 -2.95
C ARG E 348 30.45 29.14 -2.40
N THR E 349 30.92 29.17 -1.14
CA THR E 349 31.34 30.44 -0.55
C THR E 349 32.50 31.05 -1.32
N VAL E 350 33.54 30.25 -1.59
CA VAL E 350 34.71 30.74 -2.32
C VAL E 350 34.33 31.13 -3.74
N ALA E 351 33.50 30.34 -4.41
CA ALA E 351 33.08 30.67 -5.76
C ALA E 351 32.29 31.98 -5.77
N ARG E 352 31.57 32.28 -4.69
CA ARG E 352 30.84 33.55 -4.61
C ARG E 352 31.77 34.72 -4.31
N SER E 353 32.81 34.51 -3.52
CA SER E 353 33.65 35.60 -3.02
C SER E 353 34.83 35.91 -3.92
N LEU E 354 34.89 35.33 -5.12
CA LEU E 354 36.09 35.58 -5.92
C LEU E 354 35.80 36.56 -7.05
N PRO E 355 36.82 37.28 -7.53
CA PRO E 355 36.61 38.20 -8.65
C PRO E 355 36.49 37.46 -9.98
N VAL E 356 36.18 38.23 -11.02
CA VAL E 356 36.01 37.65 -12.35
C VAL E 356 37.35 37.15 -12.88
N ALA E 357 38.38 37.98 -12.79
CA ALA E 357 39.71 37.61 -13.29
C ALA E 357 40.75 38.50 -12.62
N VAL E 358 41.99 38.03 -12.63
CA VAL E 358 43.12 38.75 -12.07
C VAL E 358 44.23 38.78 -13.12
N ILE E 359 45.21 39.65 -12.88
CA ILE E 359 46.34 39.74 -13.81
C ILE E 359 47.21 38.50 -13.71
N ALA E 360 48.05 38.30 -14.74
CA ALA E 360 48.82 37.07 -14.84
C ALA E 360 49.80 36.91 -13.69
N ALA E 361 50.29 38.02 -13.13
CA ALA E 361 51.26 37.95 -12.05
C ALA E 361 50.70 37.30 -10.79
N GLN E 362 49.38 37.27 -10.63
CA GLN E 362 48.72 36.74 -9.44
C GLN E 362 47.98 35.44 -9.75
N ASN E 363 48.40 34.71 -10.78
CA ASN E 363 47.73 33.50 -11.21
C ASN E 363 47.72 32.39 -10.14
N SER F 2 50.51 35.63 -3.67
CA SER F 2 49.93 34.73 -4.65
C SER F 2 48.40 34.74 -4.58
N MET F 3 47.79 33.60 -4.87
CA MET F 3 46.34 33.46 -4.85
C MET F 3 45.85 32.42 -3.86
N TRP F 4 46.61 31.33 -3.66
CA TRP F 4 46.26 30.36 -2.62
C TRP F 4 46.27 31.01 -1.26
N GLU F 5 47.13 32.01 -1.04
CA GLU F 5 47.08 32.78 0.20
C GLU F 5 45.75 33.51 0.33
N ARG F 6 45.27 34.09 -0.78
CA ARG F 6 43.96 34.76 -0.76
C ARG F 6 42.84 33.77 -0.43
N VAL F 7 42.87 32.58 -1.04
CA VAL F 7 41.83 31.58 -0.77
C VAL F 7 41.88 31.12 0.67
N LYS F 8 43.09 30.91 1.20
CA LYS F 8 43.24 30.51 2.60
C LYS F 8 42.72 31.59 3.54
N SER F 9 43.01 32.86 3.23
CA SER F 9 42.51 33.96 4.05
C SER F 9 40.99 34.01 4.02
N ILE F 10 40.40 33.81 2.83
CA ILE F 10 38.95 33.80 2.72
C ILE F 10 38.35 32.68 3.56
N ILE F 11 38.95 31.49 3.49
CA ILE F 11 38.44 30.34 4.24
C ILE F 11 38.57 30.58 5.74
N LYS F 12 39.71 31.11 6.18
CA LYS F 12 39.90 31.40 7.60
C LYS F 12 38.90 32.45 8.08
N SER F 13 38.69 33.50 7.31
CA SER F 13 37.72 34.52 7.70
C SER F 13 36.32 33.95 7.78
N SER F 14 35.95 33.10 6.83
CA SER F 14 34.63 32.47 6.86
C SER F 14 34.47 31.57 8.07
N LEU F 15 35.50 30.79 8.40
CA LEU F 15 35.41 29.87 9.53
C LEU F 15 35.46 30.59 10.86
N ALA F 16 36.08 31.77 10.91
CA ALA F 16 36.19 32.52 12.16
C ALA F 16 34.86 33.06 12.66
N ALA F 17 33.82 33.04 11.83
CA ALA F 17 32.51 33.57 12.19
C ALA F 17 31.48 32.47 12.36
N ALA F 18 31.90 31.32 12.89
CA ALA F 18 31.00 30.20 13.11
C ALA F 18 31.44 29.37 14.32
N PRO G 24 -23.46 -36.41 56.70
CA PRO G 24 -23.00 -35.66 55.53
C PRO G 24 -22.18 -36.53 54.58
N VAL G 25 -22.45 -36.41 53.27
CA VAL G 25 -21.72 -37.18 52.27
C VAL G 25 -20.40 -36.47 51.97
N PRO G 26 -19.36 -37.18 51.55
CA PRO G 26 -18.11 -36.51 51.20
C PRO G 26 -18.23 -35.73 49.90
N GLN G 27 -17.40 -34.70 49.78
CA GLN G 27 -17.29 -33.90 48.56
C GLN G 27 -15.84 -33.90 48.11
N GLN G 28 -15.64 -34.19 46.82
CA GLN G 28 -14.29 -34.31 46.26
C GLN G 28 -14.14 -33.37 45.07
N ASN G 29 -12.89 -33.21 44.63
CA ASN G 29 -12.54 -32.39 43.48
C ASN G 29 -13.01 -30.95 43.67
N VAL G 30 -12.87 -30.43 44.88
CA VAL G 30 -13.21 -29.04 45.18
C VAL G 30 -12.03 -28.16 44.79
N PRO G 31 -12.23 -27.16 43.95
CA PRO G 31 -11.12 -26.27 43.59
C PRO G 31 -10.58 -25.52 44.82
N ARG G 32 -9.27 -25.31 44.83
CA ARG G 32 -8.60 -24.67 45.95
C ARG G 32 -9.07 -23.22 46.11
N ARG G 58 3.07 7.94 23.99
CA ARG G 58 2.40 8.82 23.05
C ARG G 58 2.01 8.07 21.78
N LEU G 59 1.18 8.69 20.96
CA LEU G 59 0.70 8.06 19.74
C LEU G 59 1.83 7.89 18.73
N SER G 60 1.83 6.74 18.06
CA SER G 60 2.73 6.53 16.92
C SER G 60 2.12 7.12 15.66
N GLN G 61 2.94 7.21 14.62
CA GLN G 61 2.45 7.70 13.33
C GLN G 61 1.32 6.85 12.78
N PRO G 62 1.38 5.51 12.79
CA PRO G 62 0.20 4.73 12.34
C PRO G 62 -1.05 5.02 13.14
N GLY G 63 -0.94 5.25 14.44
CA GLY G 63 -2.11 5.58 15.23
C GLY G 63 -2.73 6.91 14.85
N LEU G 64 -1.89 7.93 14.65
CA LEU G 64 -2.39 9.23 14.21
C LEU G 64 -3.04 9.13 12.85
N ALA G 65 -2.44 8.36 11.94
CA ALA G 65 -3.03 8.15 10.62
C ALA G 65 -4.37 7.43 10.71
N PHE G 66 -4.46 6.44 11.60
CA PHE G 66 -5.72 5.73 11.81
C PHE G 66 -6.80 6.67 12.32
N LEU G 67 -6.45 7.53 13.28
CA LEU G 67 -7.41 8.51 13.78
C LEU G 67 -7.84 9.47 12.67
N LYS G 68 -6.89 9.89 11.83
CA LYS G 68 -7.20 10.81 10.75
C LYS G 68 -8.17 10.20 9.74
N CYS G 69 -7.92 8.94 9.35
CA CYS G 69 -8.86 8.29 8.44
C CYS G 69 -10.20 8.02 9.11
N ALA G 70 -10.20 7.80 10.43
CA ALA G 70 -11.43 7.48 11.14
C ALA G 70 -12.32 8.70 11.36
N PHE G 71 -11.74 9.89 11.52
CA PHE G 71 -12.54 11.02 11.98
C PHE G 71 -12.57 12.21 11.03
N ALA G 72 -11.44 12.58 10.41
CA ALA G 72 -11.35 13.79 9.61
C ALA G 72 -10.77 13.48 8.23
N PRO G 73 -11.58 12.90 7.33
CA PRO G 73 -11.09 12.62 5.97
C PRO G 73 -10.75 13.88 5.18
N PRO G 74 -11.70 14.83 5.00
CA PRO G 74 -11.55 15.79 3.89
C PRO G 74 -10.67 17.00 4.21
N ASP G 75 -9.90 16.95 5.29
CA ASP G 75 -9.12 18.10 5.73
C ASP G 75 -7.63 17.86 5.50
N PHE G 76 -7.29 17.04 4.50
CA PHE G 76 -5.90 16.77 4.17
C PHE G 76 -5.74 16.64 2.65
N ASN G 77 -4.53 16.94 2.18
CA ASN G 77 -4.25 16.81 0.76
C ASN G 77 -4.27 15.34 0.33
N THR G 78 -3.82 14.45 1.20
CA THR G 78 -3.79 13.02 0.91
C THR G 78 -4.41 12.26 2.06
N ASP G 79 -5.01 11.12 1.75
CA ASP G 79 -5.58 10.26 2.77
C ASP G 79 -4.45 9.59 3.54
N PRO G 80 -4.35 9.78 4.85
CA PRO G 80 -3.19 9.26 5.59
C PRO G 80 -3.36 7.87 6.18
N GLY G 81 -4.57 7.31 6.16
CA GLY G 81 -4.80 6.05 6.83
C GLY G 81 -3.91 4.94 6.28
N LYS G 82 -3.36 4.13 7.18
CA LYS G 82 -2.50 3.02 6.83
C LYS G 82 -3.01 1.67 7.31
N GLY G 83 -3.69 1.62 8.44
CA GLY G 83 -4.22 0.36 8.95
C GLY G 83 -4.66 0.50 10.38
N ILE G 84 -5.22 -0.59 10.90
CA ILE G 84 -5.72 -0.65 12.26
C ILE G 84 -4.58 -1.10 13.16
N PRO G 85 -4.15 -0.29 14.14
CA PRO G 85 -3.04 -0.68 15.02
C PRO G 85 -3.49 -1.61 16.15
N ASP G 86 -4.01 -2.77 15.77
CA ASP G 86 -4.45 -3.78 16.73
C ASP G 86 -3.40 -4.89 16.82
N ARG G 87 -3.75 -5.96 17.54
CA ARG G 87 -2.80 -7.06 17.75
C ARG G 87 -2.38 -7.71 16.45
N PHE G 88 -3.33 -7.87 15.51
CA PHE G 88 -3.06 -8.56 14.27
C PHE G 88 -1.99 -7.87 13.46
N GLU G 89 -1.01 -8.63 12.97
CA GLU G 89 0.10 -8.10 12.20
C GLU G 89 0.36 -8.98 10.98
N GLY G 90 -0.69 -9.32 10.26
CA GLY G 90 -0.59 -10.16 9.07
C GLY G 90 -0.39 -9.35 7.81
N LYS G 91 -0.76 -9.96 6.69
CA LYS G 91 -0.65 -9.33 5.38
C LYS G 91 -2.02 -8.83 4.95
N VAL G 92 -2.15 -7.52 4.77
CA VAL G 92 -3.41 -6.88 4.43
C VAL G 92 -3.22 -5.92 3.28
N VAL G 93 -4.33 -5.59 2.63
CA VAL G 93 -4.35 -4.61 1.54
C VAL G 93 -5.41 -3.57 1.86
N SER G 94 -5.02 -2.29 1.82
CA SER G 94 -5.90 -1.20 2.20
C SER G 94 -6.41 -0.46 0.96
N ARG G 95 -7.70 -0.14 0.97
CA ARG G 95 -8.33 0.61 -0.10
C ARG G 95 -9.16 1.75 0.50
N LYS G 96 -9.20 2.87 -0.21
CA LYS G 96 -9.92 4.06 0.23
C LYS G 96 -10.84 4.50 -0.90
N ASP G 97 -12.14 4.29 -0.72
CA ASP G 97 -13.12 4.55 -1.78
C ASP G 97 -13.75 5.93 -1.58
N VAL G 98 -13.80 6.70 -2.66
CA VAL G 98 -14.42 8.03 -2.67
C VAL G 98 -15.35 8.11 -3.87
N LEU G 99 -16.55 8.65 -3.65
CA LEU G 99 -17.55 8.80 -4.70
C LEU G 99 -18.04 10.23 -4.76
N ASN G 100 -18.12 10.77 -5.97
CA ASN G 100 -18.67 12.10 -6.22
C ASN G 100 -19.89 11.95 -7.12
N GLN G 101 -21.08 12.21 -6.59
CA GLN G 101 -22.32 12.02 -7.31
C GLN G 101 -23.21 13.24 -7.13
N SER G 102 -23.82 13.69 -8.22
CA SER G 102 -24.75 14.82 -8.22
C SER G 102 -26.17 14.29 -8.34
N ILE G 103 -27.04 14.69 -7.43
CA ILE G 103 -28.40 14.18 -7.36
C ILE G 103 -29.37 15.36 -7.29
N SER G 104 -30.59 15.15 -7.77
CA SER G 104 -31.68 16.11 -7.64
C SER G 104 -32.85 15.44 -6.94
N PHE G 105 -33.40 16.10 -5.94
CA PHE G 105 -34.47 15.54 -5.12
C PHE G 105 -35.82 15.97 -5.67
N THR G 106 -36.73 15.00 -5.80
CA THR G 106 -38.05 15.29 -6.36
C THR G 106 -38.88 16.10 -5.38
N ALA G 107 -39.68 17.02 -5.92
CA ALA G 107 -40.56 17.84 -5.11
C ALA G 107 -41.76 17.03 -4.65
N GLY G 108 -42.20 17.29 -3.41
CA GLY G 108 -43.32 16.56 -2.86
C GLY G 108 -43.04 15.09 -2.62
N GLN G 109 -41.80 14.75 -2.24
CA GLN G 109 -41.41 13.38 -2.00
C GLN G 109 -40.45 13.33 -0.83
N ASP G 110 -40.30 12.14 -0.25
CA ASP G 110 -39.35 11.89 0.82
C ASP G 110 -38.35 10.85 0.32
N THR G 111 -37.07 11.18 0.40
CA THR G 111 -36.00 10.31 -0.09
C THR G 111 -35.19 9.81 1.10
N PHE G 112 -35.02 8.49 1.18
CA PHE G 112 -34.27 7.84 2.24
C PHE G 112 -32.97 7.29 1.67
N ILE G 113 -31.86 7.57 2.36
CA ILE G 113 -30.54 7.12 1.95
C ILE G 113 -29.92 6.35 3.12
N LEU G 114 -29.43 5.15 2.85
CA LEU G 114 -28.83 4.30 3.85
C LEU G 114 -27.36 4.07 3.54
N ILE G 115 -26.51 4.28 4.54
CA ILE G 115 -25.09 3.98 4.40
C ILE G 115 -24.77 2.75 5.22
N ALA G 116 -24.82 1.58 4.58
CA ALA G 116 -24.63 0.29 5.24
C ALA G 116 -23.24 -0.25 4.97
N PRO G 117 -22.69 -1.05 5.89
CA PRO G 117 -21.33 -1.61 5.71
C PRO G 117 -21.33 -2.79 4.73
N THR G 118 -21.67 -2.51 3.48
CA THR G 118 -21.59 -3.49 2.41
C THR G 118 -20.44 -3.11 1.49
N PRO G 119 -19.40 -3.93 1.37
CA PRO G 119 -18.24 -3.55 0.54
C PRO G 119 -18.62 -3.34 -0.91
N GLY G 120 -18.01 -2.33 -1.52
CA GLY G 120 -18.19 -2.05 -2.93
C GLY G 120 -19.43 -1.26 -3.30
N VAL G 121 -20.27 -0.92 -2.32
CA VAL G 121 -21.53 -0.21 -2.56
C VAL G 121 -21.52 1.06 -1.73
N ALA G 122 -21.91 2.18 -2.34
CA ALA G 122 -21.90 3.45 -1.64
C ALA G 122 -23.12 3.62 -0.74
N TYR G 123 -24.31 3.63 -1.34
CA TYR G 123 -25.53 3.88 -0.57
C TYR G 123 -26.71 3.25 -1.28
N TRP G 124 -27.78 3.06 -0.52
CA TRP G 124 -29.05 2.58 -1.04
C TRP G 124 -30.11 3.67 -0.90
N SER G 125 -30.92 3.86 -1.94
CA SER G 125 -31.86 4.97 -1.98
C SER G 125 -33.25 4.47 -2.35
N ALA G 126 -34.25 5.16 -1.80
CA ALA G 126 -35.65 4.88 -2.10
C ALA G 126 -36.45 6.15 -1.85
N SER G 127 -37.55 6.29 -2.58
CA SER G 127 -38.39 7.48 -2.52
C SER G 127 -39.81 7.11 -2.10
N VAL G 128 -40.36 7.89 -1.18
CA VAL G 128 -41.73 7.69 -0.69
C VAL G 128 -42.42 9.04 -0.67
N PRO G 129 -43.76 9.05 -0.69
CA PRO G 129 -44.49 10.31 -0.64
C PRO G 129 -44.18 11.10 0.62
N ALA G 130 -44.53 12.38 0.59
CA ALA G 130 -44.17 13.29 1.67
C ALA G 130 -44.85 12.88 2.97
N GLY G 131 -44.11 12.99 4.07
CA GLY G 131 -44.64 12.66 5.38
C GLY G 131 -44.93 11.20 5.61
N THR G 132 -44.27 10.32 4.85
CA THR G 132 -44.52 8.89 4.93
C THR G 132 -43.20 8.15 5.05
N PHE G 133 -43.24 6.99 5.71
CA PHE G 133 -42.11 6.11 5.90
C PHE G 133 -42.23 4.89 5.01
N PRO G 134 -41.13 4.17 4.76
CA PRO G 134 -41.20 3.00 3.87
C PRO G 134 -42.16 1.94 4.38
N THR G 135 -42.86 1.31 3.45
CA THR G 135 -43.83 0.26 3.71
C THR G 135 -43.31 -1.06 3.13
N SER G 136 -44.16 -2.09 3.18
CA SER G 136 -43.79 -3.40 2.65
C SER G 136 -43.66 -3.40 1.13
N ALA G 137 -44.09 -2.35 0.45
CA ALA G 137 -44.01 -2.25 -1.00
C ALA G 137 -42.91 -1.28 -1.45
N THR G 138 -41.79 -1.26 -0.73
CA THR G 138 -40.67 -0.38 -1.05
C THR G 138 -39.40 -1.20 -1.16
N THR G 139 -38.63 -0.97 -2.23
CA THR G 139 -37.36 -1.64 -2.46
C THR G 139 -36.26 -0.60 -2.61
N PHE G 140 -35.10 -0.89 -2.04
CA PHE G 140 -33.95 0.00 -2.07
C PHE G 140 -32.99 -0.44 -3.16
N ASN G 141 -32.49 0.52 -3.95
CA ASN G 141 -31.57 0.22 -5.03
C ASN G 141 -30.18 0.76 -4.71
N PRO G 142 -29.13 0.05 -5.09
CA PRO G 142 -27.77 0.46 -4.73
C PRO G 142 -27.10 1.33 -5.79
N VAL G 143 -26.13 2.12 -5.33
CA VAL G 143 -25.25 2.89 -6.19
C VAL G 143 -23.81 2.50 -5.86
N ASN G 144 -23.05 2.09 -6.86
CA ASN G 144 -21.77 1.44 -6.66
C ASN G 144 -20.62 2.44 -6.61
N TYR G 145 -19.54 2.02 -5.95
CA TYR G 145 -18.27 2.71 -6.02
C TYR G 145 -17.63 2.47 -7.39
N PRO G 146 -16.69 3.32 -7.79
CA PRO G 146 -15.93 3.03 -9.02
C PRO G 146 -15.15 1.73 -8.90
N GLY G 147 -15.07 1.00 -10.00
CA GLY G 147 -14.31 -0.23 -10.04
C GLY G 147 -14.86 -1.36 -9.20
N PHE G 148 -16.18 -1.58 -9.24
CA PHE G 148 -16.77 -2.71 -8.50
C PHE G 148 -16.47 -4.03 -9.18
N THR G 149 -16.59 -4.09 -10.51
CA THR G 149 -16.39 -5.33 -11.24
C THR G 149 -14.93 -5.74 -11.32
N SER G 150 -14.01 -4.80 -11.11
CA SER G 150 -12.59 -5.14 -11.07
C SER G 150 -12.21 -5.82 -9.76
N MET G 151 -13.09 -5.80 -8.76
CA MET G 151 -12.83 -6.41 -7.47
C MET G 151 -13.74 -7.58 -7.15
N PHE G 152 -14.98 -7.57 -7.65
CA PHE G 152 -15.95 -8.62 -7.30
C PHE G 152 -16.53 -9.31 -8.53
N GLY G 153 -15.86 -9.20 -9.68
CA GLY G 153 -16.24 -9.98 -10.84
C GLY G 153 -17.58 -9.56 -11.45
N THR G 154 -18.10 -10.45 -12.29
CA THR G 154 -19.37 -10.22 -12.97
C THR G 154 -20.36 -11.37 -12.79
N THR G 155 -20.12 -12.26 -11.82
CA THR G 155 -20.98 -13.41 -11.57
C THR G 155 -21.25 -13.50 -10.07
N SER G 156 -22.48 -13.87 -9.71
CA SER G 156 -22.86 -13.94 -8.31
C SER G 156 -22.07 -15.00 -7.55
N THR G 157 -21.46 -15.95 -8.24
CA THR G 157 -20.63 -16.97 -7.61
C THR G 157 -19.15 -16.70 -7.77
N SER G 158 -18.77 -15.49 -8.18
CA SER G 158 -17.38 -15.11 -8.38
C SER G 158 -17.02 -13.91 -7.52
N ARG G 159 -17.55 -13.86 -6.29
CA ARG G 159 -17.32 -12.75 -5.38
C ARG G 159 -16.08 -12.92 -4.52
N SER G 160 -15.39 -14.06 -4.60
CA SER G 160 -14.23 -14.32 -3.76
C SER G 160 -13.03 -14.77 -4.58
N ASP G 161 -12.90 -14.26 -5.80
CA ASP G 161 -11.76 -14.60 -6.65
C ASP G 161 -10.55 -13.71 -6.41
N GLN G 162 -10.70 -12.61 -5.67
CA GLN G 162 -9.61 -11.70 -5.38
C GLN G 162 -9.33 -11.56 -3.89
N VAL G 163 -10.37 -11.53 -3.06
CA VAL G 163 -10.22 -11.41 -1.61
C VAL G 163 -11.07 -12.46 -0.93
N SER G 164 -10.78 -12.69 0.35
CA SER G 164 -11.50 -13.69 1.13
C SER G 164 -12.10 -13.16 2.43
N SER G 165 -11.64 -12.03 2.95
CA SER G 165 -12.19 -11.47 4.18
C SER G 165 -11.96 -9.97 4.18
N PHE G 166 -12.58 -9.29 5.14
CA PHE G 166 -12.49 -7.84 5.22
C PHE G 166 -12.90 -7.39 6.62
N ARG G 167 -12.56 -6.14 6.93
CA ARG G 167 -13.05 -5.48 8.13
C ARG G 167 -12.96 -3.98 7.93
N TYR G 168 -14.01 -3.27 8.35
CA TYR G 168 -14.11 -1.84 8.13
C TYR G 168 -13.24 -1.07 9.12
N ALA G 169 -12.90 0.16 8.74
CA ALA G 169 -12.12 1.04 9.60
C ALA G 169 -12.80 2.38 9.79
N SER G 170 -13.53 2.84 8.77
CA SER G 170 -14.21 4.13 8.85
C SER G 170 -15.34 4.18 7.85
N MET G 171 -16.25 5.11 8.07
CA MET G 171 -17.36 5.37 7.16
C MET G 171 -17.80 6.82 7.33
N ASN G 172 -18.03 7.50 6.20
CA ASN G 172 -18.31 8.93 6.22
C ASN G 172 -19.24 9.28 5.07
N VAL G 173 -19.91 10.42 5.21
CA VAL G 173 -20.83 10.91 4.19
C VAL G 173 -21.00 12.41 4.39
N GLY G 174 -21.19 13.12 3.28
CA GLY G 174 -21.42 14.56 3.33
C GLY G 174 -22.26 15.02 2.17
N ILE G 175 -22.99 16.11 2.38
CA ILE G 175 -23.90 16.67 1.38
C ILE G 175 -23.59 18.16 1.22
N TYR G 176 -23.48 18.60 -0.02
CA TYR G 176 -23.18 20.00 -0.34
C TYR G 176 -24.20 20.51 -1.34
N PRO G 177 -25.18 21.30 -0.90
CA PRO G 177 -26.19 21.82 -1.84
C PRO G 177 -25.58 22.78 -2.85
N THR G 178 -26.13 22.73 -4.07
CA THR G 178 -25.67 23.56 -5.18
C THR G 178 -26.84 24.29 -5.84
N SER G 179 -27.69 24.91 -5.01
CA SER G 179 -28.83 25.66 -5.50
C SER G 179 -28.80 27.07 -4.90
N ASN G 180 -29.42 28.01 -5.62
CA ASN G 180 -29.42 29.40 -5.21
C ASN G 180 -30.29 29.60 -3.97
N LEU G 181 -30.34 30.84 -3.49
CA LEU G 181 -30.93 31.17 -2.19
C LEU G 181 -32.42 31.52 -2.29
N MET G 182 -33.11 31.05 -3.33
CA MET G 182 -34.55 31.26 -3.44
C MET G 182 -35.33 29.97 -3.69
N GLN G 183 -34.80 29.07 -4.51
CA GLN G 183 -35.57 27.92 -4.99
C GLN G 183 -35.49 26.73 -4.05
N PHE G 184 -34.76 26.82 -2.94
CA PHE G 184 -34.63 25.70 -2.03
C PHE G 184 -35.71 25.74 -0.96
N ALA G 185 -36.09 24.56 -0.48
CA ALA G 185 -37.02 24.42 0.63
C ALA G 185 -37.01 22.99 1.15
N GLY G 186 -36.85 22.81 2.45
CA GLY G 186 -36.86 21.49 3.05
C GLY G 186 -35.93 21.43 4.24
N SER G 187 -35.59 20.20 4.61
CA SER G 187 -34.73 19.94 5.76
C SER G 187 -34.01 18.62 5.56
N ILE G 188 -33.06 18.33 6.45
CA ILE G 188 -32.27 17.11 6.41
C ILE G 188 -32.19 16.54 7.82
N THR G 189 -32.47 15.25 7.96
CA THR G 189 -32.42 14.56 9.24
C THR G 189 -31.56 13.31 9.13
N VAL G 190 -30.77 13.03 10.16
CA VAL G 190 -29.87 11.87 10.18
C VAL G 190 -29.99 11.17 11.53
N TRP G 191 -29.92 9.84 11.49
CA TRP G 191 -29.83 9.02 12.69
C TRP G 191 -29.29 7.65 12.29
N LYS G 192 -28.91 6.87 13.30
CA LYS G 192 -28.16 5.64 13.11
C LYS G 192 -28.92 4.45 13.69
N CYS G 193 -28.82 3.31 13.02
CA CYS G 193 -29.49 2.09 13.45
C CYS G 193 -28.52 0.91 13.42
N PRO G 194 -28.61 0.02 14.42
CA PRO G 194 -27.73 -1.18 14.50
C PRO G 194 -28.27 -2.42 13.78
N VAL G 195 -28.19 -2.41 12.46
CA VAL G 195 -28.66 -3.51 11.63
C VAL G 195 -27.59 -4.60 11.56
N LYS G 196 -28.01 -5.85 11.67
CA LYS G 196 -27.13 -7.00 11.53
C LYS G 196 -27.81 -8.08 10.70
N LEU G 197 -27.00 -9.02 10.21
CA LEU G 197 -27.47 -10.10 9.36
C LEU G 197 -27.61 -11.38 10.17
N SER G 198 -28.77 -12.02 10.08
CA SER G 198 -29.06 -13.22 10.85
C SER G 198 -29.82 -14.19 9.96
N THR G 199 -30.39 -15.24 10.58
CA THR G 199 -31.07 -16.29 9.86
C THR G 199 -32.49 -16.46 10.38
N VAL G 200 -33.33 -17.08 9.56
CA VAL G 200 -34.72 -17.37 9.90
C VAL G 200 -35.03 -18.79 9.44
N GLN G 201 -35.80 -19.51 10.24
CA GLN G 201 -36.12 -20.92 9.98
C GLN G 201 -37.63 -21.09 9.96
N PHE G 202 -38.13 -21.79 8.94
CA PHE G 202 -39.56 -22.00 8.76
C PHE G 202 -39.77 -23.26 7.93
N PRO G 203 -40.84 -24.00 8.17
CA PRO G 203 -41.09 -25.23 7.41
C PRO G 203 -41.66 -24.96 6.04
N VAL G 204 -41.45 -25.93 5.15
CA VAL G 204 -41.99 -25.89 3.79
C VAL G 204 -42.65 -27.23 3.50
N ALA G 205 -43.79 -27.20 2.83
CA ALA G 205 -44.59 -28.40 2.59
C ALA G 205 -44.26 -28.97 1.22
N THR G 206 -43.17 -29.72 1.16
CA THR G 206 -42.78 -30.46 -0.03
C THR G 206 -43.23 -31.91 0.11
N ASP G 207 -42.81 -32.76 -0.83
CA ASP G 207 -43.13 -34.18 -0.82
C ASP G 207 -41.83 -34.96 -0.97
N PRO G 208 -41.21 -35.36 0.15
CA PRO G 208 -41.63 -35.18 1.54
C PRO G 208 -41.34 -33.78 2.08
N ALA G 209 -42.00 -33.37 3.15
CA ALA G 209 -41.82 -32.05 3.72
C ALA G 209 -40.48 -31.96 4.45
N THR G 210 -39.97 -30.74 4.56
CA THR G 210 -38.70 -30.47 5.21
C THR G 210 -38.76 -29.08 5.85
N SER G 211 -37.60 -28.58 6.27
CA SER G 211 -37.49 -27.28 6.91
C SER G 211 -36.43 -26.44 6.19
N SER G 212 -36.60 -25.13 6.24
CA SER G 212 -35.75 -24.20 5.51
C SER G 212 -34.88 -23.39 6.47
N LEU G 213 -33.90 -22.71 5.88
CA LEU G 213 -33.01 -21.82 6.64
C LEU G 213 -32.42 -20.83 5.64
N VAL G 214 -32.74 -19.56 5.78
CA VAL G 214 -32.30 -18.52 4.86
C VAL G 214 -31.80 -17.32 5.64
N HIS G 215 -31.05 -16.46 4.94
CA HIS G 215 -30.52 -15.25 5.55
C HIS G 215 -31.64 -14.23 5.77
N THR G 216 -31.41 -13.33 6.72
CA THR G 216 -32.35 -12.27 7.02
C THR G 216 -31.60 -11.13 7.70
N LEU G 217 -32.25 -9.96 7.72
CA LEU G 217 -31.72 -8.78 8.37
C LEU G 217 -32.59 -8.41 9.57
N VAL G 218 -31.95 -8.25 10.73
CA VAL G 218 -32.63 -7.91 11.97
C VAL G 218 -32.21 -6.51 12.39
N GLY G 219 -33.18 -5.71 12.80
CA GLY G 219 -32.93 -4.33 13.17
C GLY G 219 -33.35 -3.30 12.14
N LEU G 220 -33.98 -3.72 11.05
CA LEU G 220 -34.42 -2.79 10.01
C LEU G 220 -35.61 -1.94 10.44
N ASP G 221 -36.23 -2.24 11.58
CA ASP G 221 -37.41 -1.50 12.01
C ASP G 221 -37.08 -0.08 12.46
N GLY G 222 -35.80 0.22 12.72
CA GLY G 222 -35.43 1.57 13.12
C GLY G 222 -35.60 2.61 12.03
N VAL G 223 -35.71 2.18 10.78
CA VAL G 223 -35.93 3.12 9.68
C VAL G 223 -37.36 3.64 9.71
N LEU G 224 -38.28 2.90 10.32
CA LEU G 224 -39.70 3.24 10.26
C LEU G 224 -40.07 4.42 11.15
N ALA G 225 -39.14 4.92 11.97
CA ALA G 225 -39.44 6.06 12.83
C ALA G 225 -38.16 6.82 13.11
N VAL G 226 -38.30 8.10 13.40
CA VAL G 226 -37.16 8.96 13.69
C VAL G 226 -36.67 8.68 15.11
N GLY G 227 -35.39 8.36 15.24
CA GLY G 227 -34.81 8.08 16.53
C GLY G 227 -34.72 9.30 17.42
N PRO G 228 -34.74 9.09 18.73
CA PRO G 228 -34.59 10.23 19.66
C PRO G 228 -33.29 10.99 19.48
N ASP G 229 -32.21 10.30 19.11
CA ASP G 229 -30.92 10.95 18.87
C ASP G 229 -30.79 11.22 17.38
N ASN G 230 -30.85 12.50 17.00
CA ASN G 230 -30.86 12.87 15.60
C ASN G 230 -30.33 14.28 15.44
N PHE G 231 -29.98 14.63 14.21
CA PHE G 231 -29.58 15.97 13.83
C PHE G 231 -30.53 16.47 12.75
N SER G 232 -31.14 17.63 12.99
CA SER G 232 -32.08 18.23 12.06
C SER G 232 -31.71 19.70 11.85
N GLU G 233 -31.76 20.14 10.59
CA GLU G 233 -31.40 21.50 10.24
C GLU G 233 -31.99 21.81 8.87
N SER G 234 -31.79 23.04 8.40
CA SER G 234 -32.27 23.42 7.09
C SER G 234 -31.45 22.73 6.00
N PHE G 235 -32.01 22.71 4.79
CA PHE G 235 -31.38 22.02 3.67
C PHE G 235 -30.09 22.70 3.24
N ILE G 236 -30.08 24.04 3.22
CA ILE G 236 -28.97 24.79 2.64
C ILE G 236 -27.68 24.69 3.45
N LYS G 237 -27.74 24.17 4.67
CA LYS G 237 -26.57 24.11 5.54
C LYS G 237 -25.73 22.85 5.37
N GLY G 238 -26.23 21.86 4.64
CA GLY G 238 -25.47 20.63 4.44
C GLY G 238 -25.44 19.75 5.68
N VAL G 239 -24.58 18.73 5.61
CA VAL G 239 -24.45 17.76 6.70
C VAL G 239 -23.12 17.04 6.52
N PHE G 240 -22.61 16.48 7.62
CA PHE G 240 -21.40 15.66 7.58
C PHE G 240 -21.42 14.75 8.80
N SER G 241 -21.45 13.43 8.57
CA SER G 241 -21.59 12.46 9.64
C SER G 241 -20.63 11.31 9.43
N GLN G 242 -20.34 10.60 10.53
CA GLN G 242 -19.43 9.46 10.51
C GLN G 242 -20.04 8.33 11.33
N SER G 243 -19.40 7.17 11.26
CA SER G 243 -19.84 5.98 11.98
C SER G 243 -18.66 5.37 12.73
N ALA G 244 -18.96 4.43 13.61
CA ALA G 244 -17.94 3.80 14.44
C ALA G 244 -18.29 2.34 14.66
N CYS G 245 -17.29 1.57 15.08
CA CYS G 245 -17.47 0.15 15.33
C CYS G 245 -18.43 -0.09 16.49
N ASN G 246 -19.20 -1.17 16.39
CA ASN G 246 -20.17 -1.54 17.41
C ASN G 246 -19.82 -2.86 18.09
N GLU G 247 -18.53 -3.19 18.13
CA GLU G 247 -18.03 -4.40 18.77
C GLU G 247 -16.81 -4.06 19.61
N PRO G 248 -16.53 -4.85 20.64
CA PRO G 248 -15.36 -4.58 21.50
C PRO G 248 -14.02 -4.92 20.85
N ASP G 249 -14.01 -5.33 19.59
CA ASP G 249 -12.76 -5.64 18.89
C ASP G 249 -13.03 -5.58 17.39
N PHE G 250 -11.95 -5.72 16.62
CA PHE G 250 -12.02 -5.70 15.17
C PHE G 250 -11.83 -7.13 14.67
N GLU G 251 -12.90 -7.72 14.16
CA GLU G 251 -12.92 -9.12 13.73
C GLU G 251 -13.14 -9.18 12.22
N PHE G 252 -12.34 -9.99 11.54
CA PHE G 252 -12.50 -10.19 10.11
C PHE G 252 -13.80 -10.92 9.82
N ASN G 253 -14.48 -10.52 8.74
CA ASN G 253 -15.72 -11.13 8.32
C ASN G 253 -15.53 -11.81 6.97
N ASP G 254 -16.27 -12.90 6.76
CA ASP G 254 -16.11 -13.70 5.56
C ASP G 254 -16.85 -13.06 4.39
N ILE G 255 -16.66 -13.65 3.21
CA ILE G 255 -17.29 -13.18 1.98
C ILE G 255 -18.47 -14.08 1.67
N LEU G 256 -19.64 -13.49 1.50
CA LEU G 256 -20.87 -14.24 1.22
C LEU G 256 -21.08 -14.34 -0.28
N GLU G 257 -21.50 -15.52 -0.73
CA GLU G 257 -21.65 -15.84 -2.15
C GLU G 257 -23.10 -16.13 -2.48
N GLY G 258 -23.54 -15.66 -3.65
CA GLY G 258 -24.85 -15.99 -4.16
C GLY G 258 -25.96 -15.03 -3.77
N ILE G 259 -25.69 -14.07 -2.90
CA ILE G 259 -26.72 -13.16 -2.43
C ILE G 259 -26.96 -12.08 -3.48
N GLN G 260 -28.20 -11.91 -3.90
CA GLN G 260 -28.60 -10.84 -4.80
C GLN G 260 -29.77 -10.03 -4.25
N THR G 261 -30.71 -10.67 -3.57
CA THR G 261 -31.85 -9.98 -2.98
C THR G 261 -32.08 -10.49 -1.57
N LEU G 262 -32.71 -9.66 -0.76
CA LEU G 262 -33.11 -10.03 0.60
C LEU G 262 -34.54 -9.55 0.83
N PRO G 263 -35.53 -10.45 0.89
CA PRO G 263 -35.44 -11.92 0.83
C PRO G 263 -35.10 -12.44 -0.57
N PRO G 264 -34.48 -13.62 -0.65
CA PRO G 264 -34.13 -14.17 -1.97
C PRO G 264 -35.35 -14.61 -2.77
N ALA G 265 -35.12 -15.15 -3.96
CA ALA G 265 -36.21 -15.62 -4.79
C ALA G 265 -36.91 -16.82 -4.15
N ASN G 266 -38.18 -17.01 -4.51
CA ASN G 266 -39.04 -18.07 -4.02
C ASN G 266 -39.32 -17.98 -2.52
N VAL G 267 -38.99 -16.86 -1.90
CA VAL G 267 -39.27 -16.62 -0.48
C VAL G 267 -40.07 -15.33 -0.36
N SER G 268 -41.20 -15.41 0.34
CA SER G 268 -42.07 -14.26 0.49
C SER G 268 -41.59 -13.35 1.63
N LEU G 269 -41.99 -12.09 1.57
CA LEU G 269 -41.60 -11.12 2.58
C LEU G 269 -42.23 -11.44 3.94
N GLY G 270 -43.40 -12.08 3.95
CA GLY G 270 -44.07 -12.37 5.21
C GLY G 270 -43.31 -13.38 6.06
N SER G 271 -42.69 -14.37 5.43
CA SER G 271 -42.00 -15.41 6.17
C SER G 271 -40.79 -14.86 6.92
N THR G 272 -40.04 -13.96 6.29
CA THR G 272 -38.81 -13.46 6.91
C THR G 272 -39.10 -12.46 8.03
N GLY G 273 -40.22 -11.74 7.96
CA GLY G 273 -40.51 -10.70 8.92
C GLY G 273 -39.87 -9.37 8.64
N GLN G 274 -39.15 -9.23 7.53
CA GLN G 274 -38.52 -7.97 7.21
C GLN G 274 -39.57 -6.91 6.85
N PRO G 275 -39.31 -5.64 7.17
CA PRO G 275 -40.29 -4.60 6.82
C PRO G 275 -40.34 -4.28 5.34
N PHE G 276 -39.20 -4.26 4.66
CA PHE G 276 -39.15 -3.91 3.25
C PHE G 276 -38.10 -4.78 2.57
N THR G 277 -37.87 -4.52 1.28
CA THR G 277 -37.04 -5.35 0.42
C THR G 277 -35.77 -4.60 0.02
N MET G 278 -34.68 -5.35 -0.12
CA MET G 278 -33.39 -4.81 -0.55
C MET G 278 -32.98 -5.53 -1.83
N ASP G 279 -33.22 -4.90 -2.98
CA ASP G 279 -32.87 -5.44 -4.28
C ASP G 279 -31.54 -4.86 -4.76
N SER G 280 -30.83 -5.65 -5.58
CA SER G 280 -29.53 -5.25 -6.07
C SER G 280 -29.41 -5.32 -7.59
N GLY G 281 -30.52 -5.48 -8.30
CA GLY G 281 -30.49 -5.40 -9.75
C GLY G 281 -29.81 -6.59 -10.42
N ALA G 282 -29.20 -6.33 -11.56
CA ALA G 282 -28.60 -7.37 -12.39
C ALA G 282 -27.38 -7.99 -11.71
N GLU G 283 -27.05 -9.21 -12.14
CA GLU G 283 -25.95 -9.96 -11.54
C GLU G 283 -24.59 -9.38 -11.90
N ALA G 284 -24.46 -8.79 -13.08
CA ALA G 284 -23.17 -8.33 -13.58
C ALA G 284 -22.86 -6.88 -13.22
N THR G 285 -23.74 -6.20 -12.48
CA THR G 285 -23.53 -4.80 -12.14
C THR G 285 -23.39 -4.53 -10.66
N SER G 286 -24.06 -5.30 -9.81
CA SER G 286 -24.00 -5.05 -8.37
C SER G 286 -24.42 -6.32 -7.63
N GLY G 287 -24.07 -6.38 -6.35
CA GLY G 287 -24.44 -7.51 -5.53
C GLY G 287 -24.06 -7.25 -4.09
N VAL G 288 -24.53 -8.14 -3.22
CA VAL G 288 -24.24 -8.08 -1.80
C VAL G 288 -23.10 -9.04 -1.51
N VAL G 289 -22.04 -8.53 -0.86
CA VAL G 289 -20.85 -9.32 -0.61
C VAL G 289 -20.65 -9.63 0.87
N GLY G 290 -21.08 -8.74 1.77
CA GLY G 290 -20.91 -8.98 3.19
C GLY G 290 -21.59 -7.91 3.99
N TRP G 291 -21.43 -8.01 5.31
CA TRP G 291 -22.01 -7.05 6.25
C TRP G 291 -21.04 -6.89 7.41
N GLY G 292 -20.40 -5.72 7.49
CA GLY G 292 -19.39 -5.48 8.51
C GLY G 292 -19.98 -5.12 9.85
N ASN G 293 -19.09 -4.93 10.82
CA ASN G 293 -19.48 -4.58 12.19
C ASN G 293 -19.49 -3.06 12.37
N MET G 294 -20.35 -2.41 11.60
CA MET G 294 -20.52 -0.96 11.65
C MET G 294 -22.00 -0.62 11.67
N ASP G 295 -22.30 0.58 12.16
CA ASP G 295 -23.69 1.03 12.25
C ASP G 295 -24.15 1.64 10.93
N THR G 296 -25.45 1.54 10.68
CA THR G 296 -26.05 2.06 9.47
C THR G 296 -26.52 3.50 9.71
N ILE G 297 -26.26 4.37 8.73
CA ILE G 297 -26.63 5.77 8.80
C ILE G 297 -27.85 6.00 7.91
N VAL G 298 -28.91 6.56 8.48
CA VAL G 298 -30.16 6.82 7.78
C VAL G 298 -30.26 8.33 7.57
N ILE G 299 -30.46 8.73 6.32
CA ILE G 299 -30.60 10.14 5.95
C ILE G 299 -31.92 10.32 5.22
N ARG G 300 -32.74 11.25 5.70
CA ARG G 300 -34.03 11.57 5.09
C ARG G 300 -34.02 13.01 4.63
N VAL G 301 -34.36 13.23 3.36
CA VAL G 301 -34.43 14.57 2.77
C VAL G 301 -35.88 14.81 2.37
N SER G 302 -36.47 15.86 2.92
CA SER G 302 -37.87 16.22 2.64
C SER G 302 -37.88 17.50 1.80
N ALA G 303 -38.64 17.47 0.71
CA ALA G 303 -38.77 18.63 -0.18
C ALA G 303 -40.24 18.86 -0.48
N PRO G 304 -40.83 19.96 -0.01
CA PRO G 304 -42.25 20.24 -0.31
C PRO G 304 -42.48 20.55 -1.77
N GLU G 305 -43.74 20.79 -2.14
CA GLU G 305 -44.07 21.05 -3.53
C GLU G 305 -43.48 22.37 -3.99
N GLY G 306 -43.00 22.39 -5.24
CA GLY G 306 -42.44 23.59 -5.83
C GLY G 306 -41.00 23.87 -5.49
N ALA G 307 -40.31 22.95 -4.83
CA ALA G 307 -38.92 23.13 -4.43
C ALA G 307 -37.99 22.53 -5.47
N VAL G 308 -36.80 23.13 -5.58
CA VAL G 308 -35.74 22.67 -6.48
C VAL G 308 -34.51 22.44 -5.63
N ASN G 309 -34.30 21.20 -5.21
CA ASN G 309 -33.17 20.83 -4.35
C ASN G 309 -32.15 20.07 -5.17
N SER G 310 -30.90 20.57 -5.17
CA SER G 310 -29.79 19.91 -5.84
C SER G 310 -28.57 19.97 -4.94
N ALA G 311 -27.79 18.90 -4.92
CA ALA G 311 -26.64 18.81 -4.04
C ALA G 311 -25.61 17.87 -4.63
N ILE G 312 -24.52 17.67 -3.91
CA ILE G 312 -23.44 16.76 -4.28
C ILE G 312 -23.18 15.83 -3.11
N LEU G 313 -23.14 14.54 -3.38
CA LEU G 313 -22.95 13.53 -2.34
C LEU G 313 -21.53 12.98 -2.41
N LYS G 314 -20.91 12.83 -1.24
CA LYS G 314 -19.57 12.28 -1.12
C LYS G 314 -19.56 11.22 -0.04
N ALA G 315 -18.78 10.16 -0.24
CA ALA G 315 -18.68 9.08 0.72
C ALA G 315 -17.25 8.55 0.76
N TRP G 316 -16.71 8.38 1.97
CA TRP G 316 -15.37 7.85 2.18
C TRP G 316 -15.46 6.53 2.94
N SER G 317 -14.42 5.72 2.80
CA SER G 317 -14.38 4.43 3.48
C SER G 317 -12.92 3.97 3.60
N CYS G 318 -12.41 3.93 4.83
CA CYS G 318 -11.15 3.27 5.11
C CYS G 318 -11.43 1.78 5.31
N ILE G 319 -10.85 0.93 4.47
CA ILE G 319 -11.17 -0.49 4.49
C ILE G 319 -9.87 -1.31 4.46
N GLU G 320 -9.99 -2.56 4.89
CA GLU G 320 -8.89 -3.51 4.92
C GLU G 320 -9.36 -4.84 4.35
N TYR G 321 -8.49 -5.50 3.58
CA TYR G 321 -8.82 -6.74 2.92
C TYR G 321 -7.77 -7.81 3.22
N ARG G 322 -8.04 -9.02 2.74
CA ARG G 322 -7.08 -10.13 2.79
C ARG G 322 -7.01 -10.73 1.39
N PRO G 323 -5.92 -10.53 0.65
CA PRO G 323 -5.89 -10.92 -0.75
C PRO G 323 -5.41 -12.35 -0.97
N ASN G 324 -5.90 -12.95 -2.06
CA ASN G 324 -5.43 -14.23 -2.51
C ASN G 324 -4.07 -14.10 -3.18
N PRO G 325 -3.19 -15.11 -3.01
CA PRO G 325 -1.86 -15.02 -3.65
C PRO G 325 -1.92 -14.94 -5.16
N ASN G 326 -2.95 -15.50 -5.79
CA ASN G 326 -3.04 -15.50 -7.25
C ASN G 326 -3.62 -14.19 -7.80
N ALA G 327 -4.14 -13.31 -6.96
CA ALA G 327 -4.73 -12.07 -7.42
C ALA G 327 -3.64 -11.06 -7.79
N MET G 328 -4.06 -10.04 -8.54
CA MET G 328 -3.16 -8.97 -8.92
C MET G 328 -2.98 -7.91 -7.85
N LEU G 329 -3.77 -7.97 -6.78
CA LEU G 329 -3.68 -7.00 -5.69
C LEU G 329 -2.58 -7.33 -4.70
N TYR G 330 -2.00 -8.53 -4.76
CA TYR G 330 -1.04 -8.97 -3.76
C TYR G 330 0.25 -8.16 -3.79
N GLN G 331 0.59 -7.55 -4.92
CA GLN G 331 1.85 -6.81 -5.03
C GLN G 331 1.80 -5.48 -4.29
N PHE G 332 0.61 -4.97 -3.98
CA PHE G 332 0.44 -3.71 -3.27
C PHE G 332 0.28 -3.90 -1.76
N GLY G 333 0.38 -5.13 -1.26
CA GLY G 333 0.14 -5.39 0.13
C GLY G 333 1.30 -5.01 1.03
N HIS G 334 1.00 -4.96 2.32
CA HIS G 334 1.99 -4.66 3.36
C HIS G 334 1.57 -5.39 4.63
N ASP G 335 2.16 -4.99 5.76
CA ASP G 335 1.87 -5.60 7.05
C ASP G 335 1.10 -4.61 7.93
N SER G 336 0.15 -5.13 8.70
CA SER G 336 -0.65 -4.30 9.58
C SER G 336 0.23 -3.71 10.69
N PRO G 337 -0.04 -2.48 11.12
CA PRO G 337 0.78 -1.86 12.16
C PRO G 337 0.62 -2.61 13.48
N PRO G 338 1.62 -2.55 14.35
CA PRO G 338 1.55 -3.27 15.62
C PRO G 338 0.56 -2.66 16.61
N LEU G 339 0.52 -3.20 17.81
CA LEU G 339 -0.46 -2.76 18.80
C LEU G 339 -0.14 -1.36 19.32
N ASP G 340 -1.20 -0.58 19.58
CA ASP G 340 -1.06 0.75 20.17
C ASP G 340 -2.30 1.00 21.01
N GLU G 341 -2.19 0.79 22.33
CA GLU G 341 -3.35 0.89 23.20
C GLU G 341 -3.85 2.32 23.35
N VAL G 342 -2.93 3.29 23.38
CA VAL G 342 -3.32 4.69 23.53
C VAL G 342 -4.18 5.14 22.35
N ALA G 343 -3.82 4.70 21.15
CA ALA G 343 -4.62 5.05 19.97
C ALA G 343 -6.04 4.48 20.08
N LEU G 344 -6.17 3.25 20.55
CA LEU G 344 -7.50 2.65 20.70
C LEU G 344 -8.32 3.38 21.76
N GLN G 345 -7.69 3.73 22.88
CA GLN G 345 -8.40 4.48 23.91
C GLN G 345 -8.85 5.85 23.40
N GLU G 346 -7.98 6.53 22.65
CA GLU G 346 -8.34 7.81 22.06
C GLU G 346 -9.47 7.65 21.04
N TYR G 347 -9.43 6.57 20.25
CA TYR G 347 -10.50 6.30 19.30
C TYR G 347 -11.83 6.13 20.01
N ARG G 348 -11.87 5.33 21.07
CA ARG G 348 -13.11 5.13 21.81
C ARG G 348 -13.61 6.44 22.42
N THR G 349 -12.71 7.21 23.04
CA THR G 349 -13.12 8.45 23.69
C THR G 349 -13.65 9.46 22.67
N VAL G 350 -12.96 9.62 21.55
CA VAL G 350 -13.40 10.59 20.54
C VAL G 350 -14.71 10.13 19.90
N ALA G 351 -14.86 8.82 19.67
CA ALA G 351 -16.12 8.33 19.14
C ALA G 351 -17.28 8.58 20.10
N ARG G 352 -17.03 8.42 21.41
CA ARG G 352 -18.08 8.69 22.38
C ARG G 352 -18.41 10.18 22.46
N SER G 353 -17.40 11.04 22.35
CA SER G 353 -17.57 12.47 22.61
C SER G 353 -18.03 13.26 21.40
N LEU G 354 -18.20 12.64 20.23
CA LEU G 354 -18.57 13.47 19.10
C LEU G 354 -20.10 13.56 18.97
N PRO G 355 -20.59 14.64 18.35
CA PRO G 355 -22.03 14.75 18.09
C PRO G 355 -22.44 13.84 16.94
N VAL G 356 -23.75 13.78 16.70
CA VAL G 356 -24.28 12.91 15.65
C VAL G 356 -23.86 13.42 14.27
N ALA G 357 -24.02 14.72 14.03
CA ALA G 357 -23.65 15.30 12.75
C ALA G 357 -23.43 16.80 12.92
N VAL G 358 -22.76 17.38 11.93
CA VAL G 358 -22.50 18.81 11.91
C VAL G 358 -22.81 19.35 10.52
N ILE G 359 -22.92 20.68 10.42
CA ILE G 359 -23.22 21.30 9.14
C ILE G 359 -22.02 21.17 8.20
N ALA G 360 -22.27 21.42 6.92
CA ALA G 360 -21.24 21.22 5.90
C ALA G 360 -20.13 22.26 6.00
N ALA G 361 -20.39 23.41 6.64
CA ALA G 361 -19.35 24.42 6.78
C ALA G 361 -18.21 23.99 7.69
N GLN G 362 -18.38 22.93 8.47
CA GLN G 362 -17.36 22.45 9.40
C GLN G 362 -16.94 21.02 9.08
N ASN G 363 -17.02 20.64 7.82
CA ASN G 363 -16.70 19.27 7.38
C ASN G 363 -15.21 18.95 7.50
N SER H 2 -12.44 22.87 10.48
CA SER H 2 -12.24 22.95 11.92
C SER H 2 -12.54 21.62 12.58
N MET H 3 -12.85 20.60 11.76
CA MET H 3 -13.15 19.28 12.31
C MET H 3 -11.93 18.68 13.00
N TRP H 4 -10.75 18.80 12.39
CA TRP H 4 -9.54 18.30 13.02
C TRP H 4 -9.16 19.12 14.25
N GLU H 5 -9.45 20.42 14.24
CA GLU H 5 -9.13 21.27 15.38
C GLU H 5 -9.93 20.83 16.62
N ARG H 6 -11.21 20.49 16.42
CA ARG H 6 -12.02 20.01 17.52
C ARG H 6 -11.52 18.68 18.06
N VAL H 7 -11.09 17.79 17.17
CA VAL H 7 -10.58 16.48 17.60
C VAL H 7 -9.34 16.66 18.46
N LYS H 8 -8.45 17.57 18.04
CA LYS H 8 -7.24 17.82 18.84
C LYS H 8 -7.59 18.35 20.22
N SER H 9 -8.68 19.11 20.33
CA SER H 9 -9.10 19.63 21.63
C SER H 9 -9.50 18.51 22.57
N ILE H 10 -10.19 17.49 22.05
CA ILE H 10 -10.64 16.38 22.88
C ILE H 10 -9.45 15.58 23.38
N ILE H 11 -8.47 15.33 22.50
CA ILE H 11 -7.31 14.52 22.86
C ILE H 11 -6.49 15.22 23.93
N LYS H 12 -6.21 16.52 23.73
CA LYS H 12 -5.36 17.25 24.67
C LYS H 12 -6.03 17.37 26.04
N SER H 13 -7.34 17.61 26.06
CA SER H 13 -8.04 17.75 27.33
C SER H 13 -8.00 16.46 28.13
N SER H 14 -8.20 15.33 27.45
CA SER H 14 -8.16 14.02 28.09
C SER H 14 -6.78 13.73 28.68
N LEU H 15 -5.72 14.05 27.94
CA LEU H 15 -4.36 13.82 28.39
C LEU H 15 -3.98 14.83 29.46
N ARG I 58 -8.84 0.21 43.96
CA ARG I 58 -8.42 0.30 42.56
C ARG I 58 -9.59 0.02 41.63
N LEU I 59 -10.73 -0.34 42.20
CA LEU I 59 -11.92 -0.66 41.44
C LEU I 59 -12.83 0.55 41.36
N SER I 60 -13.26 0.90 40.14
CA SER I 60 -14.26 1.93 39.97
C SER I 60 -15.64 1.39 40.34
N GLN I 61 -16.60 2.30 40.51
CA GLN I 61 -17.96 1.91 40.86
C GLN I 61 -18.58 0.93 39.87
N PRO I 62 -18.46 1.11 38.54
CA PRO I 62 -19.04 0.10 37.63
C PRO I 62 -18.48 -1.29 37.82
N GLY I 63 -17.19 -1.43 38.14
CA GLY I 63 -16.64 -2.76 38.38
C GLY I 63 -17.23 -3.42 39.59
N LEU I 64 -17.38 -2.67 40.69
CA LEU I 64 -18.00 -3.21 41.89
C LEU I 64 -19.44 -3.60 41.62
N ALA I 65 -20.19 -2.76 40.90
CA ALA I 65 -21.57 -3.09 40.57
C ALA I 65 -21.65 -4.34 39.69
N PHE I 66 -20.72 -4.47 38.74
CA PHE I 66 -20.67 -5.65 37.89
C PHE I 66 -20.44 -6.91 38.71
N LEU I 67 -19.47 -6.85 39.64
CA LEU I 67 -19.22 -8.00 40.49
C LEU I 67 -20.43 -8.33 41.37
N LYS I 68 -21.11 -7.29 41.87
CA LYS I 68 -22.26 -7.52 42.73
C LYS I 68 -23.40 -8.20 41.97
N CYS I 69 -23.68 -7.75 40.74
CA CYS I 69 -24.69 -8.46 39.95
C CYS I 69 -24.21 -9.85 39.57
N ALA I 70 -22.91 -10.04 39.38
CA ALA I 70 -22.40 -11.33 38.93
C ALA I 70 -22.50 -12.39 40.02
N PHE I 71 -22.17 -12.06 41.26
CA PHE I 71 -21.93 -13.08 42.27
C PHE I 71 -22.88 -13.06 43.45
N ALA I 72 -23.35 -11.90 43.90
CA ALA I 72 -24.16 -11.79 45.13
C ALA I 72 -25.43 -11.00 44.88
N PRO I 73 -26.44 -11.60 44.25
CA PRO I 73 -27.74 -10.94 44.12
C PRO I 73 -28.47 -10.81 45.45
N PRO I 74 -28.72 -11.89 46.19
CA PRO I 74 -29.67 -11.80 47.32
C PRO I 74 -29.14 -11.11 48.55
N ASP I 75 -27.88 -10.66 48.55
CA ASP I 75 -27.27 -10.09 49.74
C ASP I 75 -27.44 -8.58 49.85
N PHE I 76 -28.15 -7.94 48.91
CA PHE I 76 -28.28 -6.50 48.90
C PHE I 76 -29.74 -6.11 48.73
N ASN I 77 -30.05 -4.86 49.09
CA ASN I 77 -31.42 -4.37 49.01
C ASN I 77 -31.93 -4.37 47.57
N THR I 78 -31.13 -3.88 46.63
CA THR I 78 -31.51 -3.82 45.23
C THR I 78 -30.34 -4.29 44.37
N ASP I 79 -30.64 -4.60 43.13
CA ASP I 79 -29.61 -5.03 42.18
C ASP I 79 -28.73 -3.84 41.80
N PRO I 80 -27.43 -3.89 42.05
CA PRO I 80 -26.57 -2.72 41.76
C PRO I 80 -25.95 -2.71 40.37
N GLY I 81 -26.05 -3.78 39.60
CA GLY I 81 -25.37 -3.84 38.33
C GLY I 81 -25.90 -2.81 37.36
N LYS I 82 -25.00 -2.25 36.54
CA LYS I 82 -25.39 -1.24 35.57
C LYS I 82 -24.70 -1.41 34.22
N GLY I 83 -23.95 -2.48 34.00
CA GLY I 83 -23.32 -2.72 32.72
C GLY I 83 -22.03 -3.49 32.88
N ILE I 84 -21.50 -3.91 31.75
CA ILE I 84 -20.24 -4.66 31.68
C ILE I 84 -19.12 -3.67 31.34
N PRO I 85 -18.11 -3.50 32.20
CA PRO I 85 -17.06 -2.51 31.95
C PRO I 85 -16.00 -3.01 30.97
N ASP I 86 -16.41 -3.21 29.72
CA ASP I 86 -15.50 -3.60 28.65
C ASP I 86 -15.19 -2.40 27.76
N ARG I 87 -14.49 -2.66 26.65
CA ARG I 87 -14.09 -1.59 25.75
C ARG I 87 -15.30 -0.92 25.10
N PHE I 88 -16.35 -1.69 24.81
CA PHE I 88 -17.50 -1.17 24.12
C PHE I 88 -18.22 -0.13 24.98
N GLU I 89 -18.60 0.99 24.35
CA GLU I 89 -19.23 2.11 25.05
C GLU I 89 -20.41 2.65 24.24
N GLY I 90 -21.24 1.77 23.68
CA GLY I 90 -22.37 2.16 22.89
C GLY I 90 -23.64 2.28 23.70
N LYS I 91 -24.77 2.33 22.99
CA LYS I 91 -26.07 2.46 23.60
C LYS I 91 -26.64 1.07 23.89
N VAL I 92 -26.92 0.81 25.18
CA VAL I 92 -27.44 -0.48 25.61
C VAL I 92 -28.60 -0.26 26.59
N VAL I 93 -29.37 -1.31 26.79
CA VAL I 93 -30.45 -1.33 27.77
C VAL I 93 -30.23 -2.53 28.69
N SER I 94 -30.22 -2.28 29.98
CA SER I 94 -29.98 -3.32 30.98
C SER I 94 -31.30 -3.78 31.60
N ARG I 95 -31.43 -5.08 31.80
CA ARG I 95 -32.64 -5.68 32.35
C ARG I 95 -32.26 -6.78 33.32
N LYS I 96 -32.91 -6.80 34.48
CA LYS I 96 -32.71 -7.83 35.48
C LYS I 96 -34.01 -8.63 35.63
N ASP I 97 -33.92 -9.94 35.45
CA ASP I 97 -35.08 -10.82 35.49
C ASP I 97 -35.05 -11.65 36.76
N VAL I 98 -36.20 -11.71 37.45
CA VAL I 98 -36.35 -12.48 38.68
C VAL I 98 -37.63 -13.29 38.59
N LEU I 99 -37.54 -14.59 38.89
CA LEU I 99 -38.70 -15.47 38.93
C LEU I 99 -38.84 -16.05 40.34
N ASN I 100 -40.06 -16.06 40.85
CA ASN I 100 -40.35 -16.59 42.19
C ASN I 100 -41.57 -17.49 42.08
N GLN I 101 -41.33 -18.80 42.18
CA GLN I 101 -42.39 -19.80 42.05
C GLN I 101 -42.24 -20.85 43.13
N SER I 102 -43.37 -21.34 43.64
CA SER I 102 -43.40 -22.42 44.60
C SER I 102 -43.85 -23.70 43.91
N ILE I 103 -43.06 -24.76 44.06
CA ILE I 103 -43.29 -26.01 43.34
C ILE I 103 -43.29 -27.16 44.34
N SER I 104 -44.17 -28.14 44.10
CA SER I 104 -44.24 -29.36 44.89
C SER I 104 -43.90 -30.53 43.98
N PHE I 105 -42.91 -31.32 44.39
CA PHE I 105 -42.41 -32.41 43.55
C PHE I 105 -43.26 -33.66 43.70
N THR I 106 -43.43 -34.38 42.59
CA THR I 106 -44.21 -35.61 42.60
C THR I 106 -43.40 -36.73 43.26
N ALA I 107 -44.04 -37.46 44.17
CA ALA I 107 -43.37 -38.54 44.88
C ALA I 107 -43.19 -39.75 43.96
N GLY I 108 -42.08 -40.45 44.16
CA GLY I 108 -41.82 -41.64 43.37
C GLY I 108 -41.28 -41.38 41.98
N GLN I 109 -40.64 -40.24 41.76
CA GLN I 109 -40.16 -39.88 40.44
C GLN I 109 -38.96 -38.95 40.58
N ASP I 110 -38.24 -38.78 39.48
CA ASP I 110 -37.11 -37.86 39.40
C ASP I 110 -37.48 -36.68 38.52
N THR I 111 -36.99 -35.49 38.89
CA THR I 111 -37.26 -34.26 38.16
C THR I 111 -35.94 -33.62 37.76
N PHE I 112 -35.83 -33.27 36.47
CA PHE I 112 -34.63 -32.64 35.93
C PHE I 112 -34.96 -31.21 35.55
N ILE I 113 -34.11 -30.27 35.98
CA ILE I 113 -34.29 -28.85 35.70
C ILE I 113 -33.05 -28.33 35.00
N LEU I 114 -33.23 -27.70 33.85
CA LEU I 114 -32.14 -27.12 33.08
C LEU I 114 -32.22 -25.60 33.10
N ILE I 115 -31.07 -24.96 33.20
CA ILE I 115 -30.96 -23.51 33.24
C ILE I 115 -30.10 -23.11 32.05
N ALA I 116 -30.75 -22.82 30.91
CA ALA I 116 -30.04 -22.53 29.69
C ALA I 116 -30.01 -21.04 29.41
N PRO I 117 -28.96 -20.54 28.74
CA PRO I 117 -28.89 -19.11 28.44
C PRO I 117 -29.82 -18.71 27.30
N THR I 118 -31.12 -18.90 27.50
CA THR I 118 -32.13 -18.49 26.54
C THR I 118 -32.86 -17.26 27.08
N PRO I 119 -32.77 -16.11 26.43
CA PRO I 119 -33.42 -14.91 26.95
C PRO I 119 -34.93 -15.08 27.06
N GLY I 120 -35.49 -14.57 28.15
CA GLY I 120 -36.92 -14.59 28.37
C GLY I 120 -37.48 -15.87 28.96
N VAL I 121 -36.64 -16.87 29.21
CA VAL I 121 -37.08 -18.16 29.74
C VAL I 121 -36.26 -18.47 30.99
N ALA I 122 -36.93 -18.89 32.05
CA ALA I 122 -36.24 -19.14 33.31
C ALA I 122 -35.57 -20.52 33.32
N TYR I 123 -36.34 -21.58 33.12
CA TYR I 123 -35.77 -22.92 33.18
C TYR I 123 -36.65 -23.87 32.38
N TRP I 124 -36.08 -25.04 32.08
CA TRP I 124 -36.77 -26.13 31.41
C TRP I 124 -36.77 -27.35 32.32
N SER I 125 -37.91 -28.05 32.38
CA SER I 125 -38.07 -29.13 33.34
C SER I 125 -38.76 -30.32 32.68
N ALA I 126 -38.46 -31.51 33.21
CA ALA I 126 -39.09 -32.75 32.77
C ALA I 126 -39.01 -33.75 33.92
N SER I 127 -39.88 -34.76 33.87
CA SER I 127 -39.96 -35.78 34.90
C SER I 127 -39.82 -37.16 34.28
N VAL I 128 -39.14 -38.05 35.00
CA VAL I 128 -38.88 -39.41 34.54
C VAL I 128 -39.12 -40.38 35.70
N PRO I 129 -39.34 -41.65 35.40
CA PRO I 129 -39.45 -42.65 36.47
C PRO I 129 -38.18 -42.68 37.31
N ALA I 130 -38.36 -43.00 38.59
CA ALA I 130 -37.27 -42.93 39.55
C ALA I 130 -36.14 -43.88 39.17
N GLY I 131 -34.91 -43.39 39.30
CA GLY I 131 -33.74 -44.20 39.02
C GLY I 131 -33.31 -44.24 37.58
N THR I 132 -33.85 -43.37 36.73
CA THR I 132 -33.55 -43.36 35.30
C THR I 132 -33.06 -41.98 34.88
N PHE I 133 -32.85 -41.83 33.57
CA PHE I 133 -32.38 -40.61 32.94
C PHE I 133 -33.27 -40.30 31.74
N PRO I 134 -33.29 -39.05 31.28
CA PRO I 134 -34.10 -38.71 30.11
C PRO I 134 -33.68 -39.53 28.89
N THR I 135 -34.69 -39.91 28.09
CA THR I 135 -34.46 -40.74 26.92
C THR I 135 -35.04 -40.08 25.67
N SER I 136 -35.11 -40.83 24.57
CA SER I 136 -35.62 -40.29 23.31
C SER I 136 -37.10 -39.96 23.37
N ALA I 137 -37.83 -40.42 24.39
CA ALA I 137 -39.24 -40.13 24.54
C ALA I 137 -39.51 -39.01 25.53
N THR I 138 -38.47 -38.32 25.98
CA THR I 138 -38.60 -37.24 26.96
C THR I 138 -38.65 -35.89 26.26
N THR I 139 -39.41 -34.97 26.83
CA THR I 139 -39.56 -33.62 26.30
C THR I 139 -39.44 -32.62 27.45
N PHE I 140 -38.77 -31.50 27.18
CA PHE I 140 -38.55 -30.46 28.18
C PHE I 140 -39.44 -29.26 27.86
N ASN I 141 -40.13 -28.75 28.88
CA ASN I 141 -41.04 -27.63 28.71
C ASN I 141 -40.54 -26.42 29.49
N PRO I 142 -40.79 -25.21 28.98
CA PRO I 142 -40.20 -24.01 29.59
C PRO I 142 -41.11 -23.36 30.62
N VAL I 143 -40.49 -22.54 31.46
CA VAL I 143 -41.19 -21.65 32.39
C VAL I 143 -40.61 -20.25 32.18
N ASN I 144 -41.45 -19.32 31.79
CA ASN I 144 -41.00 -18.02 31.32
C ASN I 144 -40.80 -17.04 32.48
N TYR I 145 -39.99 -16.02 32.22
CA TYR I 145 -39.97 -14.84 33.05
C TYR I 145 -41.24 -14.02 32.81
N PRO I 146 -41.65 -13.21 33.78
CA PRO I 146 -42.81 -12.34 33.56
C PRO I 146 -42.56 -11.35 32.43
N GLY I 147 -43.61 -11.05 31.68
CA GLY I 147 -43.53 -10.09 30.59
C GLY I 147 -42.75 -10.56 29.37
N PHE I 148 -42.96 -11.80 28.94
CA PHE I 148 -42.30 -12.28 27.73
C PHE I 148 -42.94 -11.68 26.48
N THR I 149 -44.27 -11.62 26.43
CA THR I 149 -44.95 -11.14 25.23
C THR I 149 -44.80 -9.64 25.05
N SER I 150 -44.62 -8.89 26.14
CA SER I 150 -44.42 -7.45 26.04
C SER I 150 -43.07 -7.08 25.47
N MET I 151 -42.17 -8.05 25.31
CA MET I 151 -40.84 -7.81 24.78
C MET I 151 -40.52 -8.57 23.51
N PHE I 152 -41.10 -9.76 23.31
CA PHE I 152 -40.79 -10.57 22.14
C PHE I 152 -42.01 -10.88 21.29
N GLY I 153 -43.11 -10.14 21.49
CA GLY I 153 -44.26 -10.29 20.63
C GLY I 153 -45.03 -11.58 20.83
N THR I 154 -46.01 -11.78 19.95
CA THR I 154 -46.87 -12.95 19.99
C THR I 154 -46.77 -13.80 18.72
N THR I 155 -45.75 -13.58 17.90
CA THR I 155 -45.59 -14.31 16.66
C THR I 155 -44.14 -14.79 16.53
N SER I 156 -43.97 -15.91 15.82
CA SER I 156 -42.64 -16.45 15.61
C SER I 156 -41.78 -15.54 14.73
N THR I 157 -42.39 -14.73 13.86
CA THR I 157 -41.68 -13.81 12.98
C THR I 157 -41.71 -12.39 13.51
N SER I 158 -41.73 -12.21 14.83
CA SER I 158 -41.75 -10.88 15.42
C SER I 158 -40.86 -10.79 16.67
N ARG I 159 -39.86 -11.65 16.78
CA ARG I 159 -39.02 -11.67 17.97
C ARG I 159 -38.05 -10.50 18.00
N SER I 160 -37.71 -9.93 16.84
CA SER I 160 -36.72 -8.86 16.74
C SER I 160 -37.36 -7.50 16.45
N ASP I 161 -38.60 -7.30 16.90
CA ASP I 161 -39.29 -6.04 16.66
C ASP I 161 -38.93 -4.96 17.68
N GLN I 162 -38.23 -5.31 18.75
CA GLN I 162 -37.85 -4.35 19.78
C GLN I 162 -36.34 -4.28 20.00
N VAL I 163 -35.64 -5.41 19.98
CA VAL I 163 -34.20 -5.44 20.17
C VAL I 163 -33.56 -6.19 19.01
N SER I 164 -32.24 -6.15 18.96
CA SER I 164 -31.50 -6.75 17.85
C SER I 164 -30.37 -7.65 18.33
N SER I 165 -29.85 -7.40 19.53
CA SER I 165 -28.69 -8.13 20.03
C SER I 165 -28.75 -8.17 21.55
N PHE I 166 -27.93 -9.05 22.12
CA PHE I 166 -27.89 -9.25 23.57
C PHE I 166 -26.56 -9.88 23.95
N ARG I 167 -26.30 -9.87 25.26
CA ARG I 167 -25.18 -10.62 25.82
C ARG I 167 -25.44 -10.79 27.31
N TYR I 168 -25.03 -11.94 27.84
CA TYR I 168 -25.32 -12.30 29.22
C TYR I 168 -24.20 -11.82 30.16
N ALA I 169 -24.59 -11.61 31.42
CA ALA I 169 -23.64 -11.27 32.48
C ALA I 169 -23.65 -12.26 33.62
N SER I 170 -24.81 -12.78 34.01
CA SER I 170 -24.89 -13.78 35.07
C SER I 170 -26.22 -14.50 34.99
N MET I 171 -26.28 -15.67 35.65
CA MET I 171 -27.52 -16.43 35.77
C MET I 171 -27.39 -17.30 37.00
N ASN I 172 -28.26 -17.09 38.00
CA ASN I 172 -28.18 -17.79 39.27
C ASN I 172 -29.48 -18.54 39.53
N VAL I 173 -29.45 -19.35 40.59
CA VAL I 173 -30.60 -20.20 40.93
C VAL I 173 -30.46 -20.61 42.40
N GLY I 174 -31.58 -21.00 43.00
CA GLY I 174 -31.56 -21.49 44.36
C GLY I 174 -32.87 -22.19 44.69
N ILE I 175 -32.80 -23.15 45.60
CA ILE I 175 -33.96 -23.92 46.03
C ILE I 175 -34.05 -23.86 47.55
N TYR I 176 -35.21 -23.45 48.06
CA TYR I 176 -35.44 -23.34 49.49
C TYR I 176 -36.58 -24.26 49.89
N PRO I 177 -36.34 -25.33 50.65
CA PRO I 177 -37.43 -26.25 51.01
C PRO I 177 -38.39 -25.61 52.00
N THR I 178 -39.64 -26.09 51.97
CA THR I 178 -40.68 -25.60 52.86
C THR I 178 -41.41 -26.75 53.56
N SER I 179 -40.75 -27.88 53.75
CA SER I 179 -41.34 -29.02 54.44
C SER I 179 -40.83 -29.10 55.88
N ASN I 180 -41.61 -29.79 56.71
CA ASN I 180 -41.25 -29.98 58.11
C ASN I 180 -40.40 -31.24 58.24
N LEU I 181 -40.15 -31.66 59.49
CA LEU I 181 -39.25 -32.77 59.77
C LEU I 181 -39.96 -34.11 59.89
N MET I 182 -41.10 -34.28 59.20
CA MET I 182 -41.86 -35.52 59.28
C MET I 182 -42.30 -36.05 57.93
N GLN I 183 -41.97 -35.35 56.83
CA GLN I 183 -42.43 -35.76 55.51
C GLN I 183 -41.29 -35.87 54.51
N PHE I 184 -40.23 -35.07 54.71
CA PHE I 184 -39.23 -34.89 53.67
C PHE I 184 -38.43 -36.17 53.43
N ALA I 185 -38.06 -36.38 52.17
CA ALA I 185 -37.22 -37.50 51.76
C ALA I 185 -36.70 -37.29 50.35
N GLY I 186 -35.40 -37.40 50.15
CA GLY I 186 -34.82 -37.26 48.82
C GLY I 186 -33.45 -36.63 48.89
N SER I 187 -32.98 -36.15 47.74
CA SER I 187 -31.67 -35.55 47.62
C SER I 187 -31.66 -34.59 46.44
N ILE I 188 -30.64 -33.75 46.39
CA ILE I 188 -30.46 -32.75 45.33
C ILE I 188 -29.06 -32.88 44.78
N THR I 189 -28.94 -32.95 43.46
CA THR I 189 -27.64 -33.05 42.78
C THR I 189 -27.57 -32.04 41.66
N VAL I 190 -26.41 -31.39 41.53
CA VAL I 190 -26.18 -30.39 40.49
C VAL I 190 -24.84 -30.64 39.82
N TRP I 191 -24.76 -30.27 38.54
CA TRP I 191 -23.53 -30.27 37.76
C TRP I 191 -23.77 -29.46 36.49
N LYS I 192 -22.67 -29.10 35.83
CA LYS I 192 -22.69 -28.16 34.72
C LYS I 192 -22.28 -28.85 33.41
N CYS I 193 -22.88 -28.40 32.31
CA CYS I 193 -22.57 -28.93 30.99
C CYS I 193 -22.38 -27.80 29.99
N PRO I 194 -21.39 -27.92 29.10
CA PRO I 194 -21.14 -26.90 28.04
C PRO I 194 -21.95 -27.12 26.76
N VAL I 195 -23.22 -26.69 26.80
CA VAL I 195 -24.13 -26.85 25.66
C VAL I 195 -24.11 -25.58 24.82
N LYS I 196 -23.93 -25.73 23.52
CA LYS I 196 -23.93 -24.63 22.56
C LYS I 196 -24.80 -25.00 21.36
N LEU I 197 -24.95 -24.05 20.44
CA LEU I 197 -25.82 -24.19 19.28
C LEU I 197 -24.98 -24.29 18.01
N SER I 198 -25.32 -25.26 17.16
CA SER I 198 -24.60 -25.47 15.90
C SER I 198 -25.62 -25.86 14.84
N THR I 199 -25.13 -26.34 13.69
CA THR I 199 -25.95 -26.70 12.55
C THR I 199 -25.59 -28.10 12.07
N VAL I 200 -26.54 -28.72 11.38
CA VAL I 200 -26.35 -30.05 10.80
C VAL I 200 -26.76 -29.99 9.34
N GLN I 201 -26.25 -30.95 8.57
CA GLN I 201 -26.51 -31.02 7.14
C GLN I 201 -26.84 -32.46 6.76
N PHE I 202 -27.92 -32.64 6.00
CA PHE I 202 -28.37 -33.96 5.59
C PHE I 202 -29.13 -33.84 4.28
N PRO I 203 -29.05 -34.83 3.41
CA PRO I 203 -29.80 -34.77 2.15
C PRO I 203 -31.26 -35.15 2.34
N VAL I 204 -32.09 -34.71 1.39
CA VAL I 204 -33.51 -35.03 1.35
C VAL I 204 -33.83 -35.59 -0.03
N ALA I 205 -34.59 -36.70 -0.05
CA ALA I 205 -34.90 -37.39 -1.30
C ALA I 205 -36.14 -36.78 -1.95
N THR I 206 -36.04 -35.49 -2.27
CA THR I 206 -37.10 -34.78 -2.97
C THR I 206 -36.85 -34.85 -4.48
N ASP I 207 -37.65 -34.11 -5.26
CA ASP I 207 -37.55 -34.12 -6.71
C ASP I 207 -37.45 -32.68 -7.21
N PRO I 208 -36.25 -32.23 -7.60
CA PRO I 208 -34.95 -32.93 -7.56
C PRO I 208 -34.35 -32.96 -6.16
N ALA I 209 -33.41 -33.86 -5.89
CA ALA I 209 -32.80 -33.97 -4.57
C ALA I 209 -31.98 -32.73 -4.23
N THR I 210 -31.93 -32.42 -2.95
CA THR I 210 -31.18 -31.27 -2.43
C THR I 210 -30.54 -31.66 -1.11
N SER I 211 -30.04 -30.65 -0.39
CA SER I 211 -29.49 -30.82 0.94
C SER I 211 -30.03 -29.73 1.84
N SER I 212 -30.10 -30.04 3.14
CA SER I 212 -30.73 -29.15 4.11
C SER I 212 -29.71 -28.64 5.11
N LEU I 213 -30.18 -27.71 5.96
CA LEU I 213 -29.35 -27.13 7.02
C LEU I 213 -30.29 -26.59 8.08
N VAL I 214 -30.24 -27.15 9.28
CA VAL I 214 -31.11 -26.76 10.39
C VAL I 214 -30.28 -26.64 11.66
N HIS I 215 -30.87 -26.01 12.67
CA HIS I 215 -30.19 -25.80 13.94
C HIS I 215 -30.30 -27.03 14.83
N THR I 216 -29.18 -27.38 15.48
CA THR I 216 -29.13 -28.46 16.45
C THR I 216 -28.35 -28.00 17.67
N LEU I 217 -28.60 -28.67 18.79
CA LEU I 217 -27.92 -28.38 20.05
C LEU I 217 -26.80 -29.40 20.26
N VAL I 218 -25.59 -28.91 20.51
CA VAL I 218 -24.41 -29.73 20.66
C VAL I 218 -23.98 -29.71 22.12
N GLY I 219 -23.83 -30.89 22.72
CA GLY I 219 -23.40 -31.01 24.10
C GLY I 219 -24.48 -31.47 25.07
N LEU I 220 -25.62 -31.94 24.59
CA LEU I 220 -26.70 -32.37 25.47
C LEU I 220 -26.45 -33.71 26.13
N ASP I 221 -25.40 -34.42 25.72
CA ASP I 221 -25.10 -35.74 26.30
C ASP I 221 -24.60 -35.66 27.73
N GLY I 222 -24.24 -34.46 28.22
CA GLY I 222 -23.84 -34.33 29.60
C GLY I 222 -24.96 -34.50 30.60
N VAL I 223 -26.21 -34.35 30.16
CA VAL I 223 -27.35 -34.56 31.04
C VAL I 223 -27.51 -36.02 31.39
N LEU I 224 -27.15 -36.92 30.47
CA LEU I 224 -27.40 -38.35 30.65
C LEU I 224 -26.45 -39.01 31.65
N ALA I 225 -25.57 -38.26 32.30
CA ALA I 225 -24.69 -38.83 33.31
C ALA I 225 -24.28 -37.72 34.27
N VAL I 226 -23.76 -38.14 35.42
CA VAL I 226 -23.32 -37.22 36.47
C VAL I 226 -21.80 -37.17 36.45
N GLY I 227 -21.25 -35.98 36.27
CA GLY I 227 -19.82 -35.81 36.18
C GLY I 227 -19.14 -35.91 37.52
N PRO I 228 -17.81 -36.08 37.49
CA PRO I 228 -17.05 -36.14 38.75
C PRO I 228 -17.18 -34.88 39.59
N ASP I 229 -17.32 -33.71 38.97
CA ASP I 229 -17.49 -32.46 39.69
C ASP I 229 -18.99 -32.21 39.88
N ASN I 230 -19.45 -32.39 41.11
CA ASN I 230 -20.88 -32.29 41.41
C ASN I 230 -21.06 -31.96 42.88
N PHE I 231 -22.29 -31.55 43.21
CA PHE I 231 -22.69 -31.28 44.59
C PHE I 231 -23.93 -32.10 44.90
N SER I 232 -23.87 -32.89 45.97
CA SER I 232 -24.99 -33.74 46.37
C SER I 232 -25.15 -33.69 47.88
N GLU I 233 -26.38 -33.50 48.35
CA GLU I 233 -26.72 -33.42 49.76
C GLU I 233 -28.16 -33.87 49.92
N SER I 234 -28.65 -33.80 51.15
CA SER I 234 -30.04 -34.11 51.41
C SER I 234 -30.94 -32.99 50.89
N PHE I 235 -32.23 -33.31 50.75
CA PHE I 235 -33.17 -32.36 50.17
C PHE I 235 -33.39 -31.15 51.08
N ILE I 236 -33.40 -31.36 52.39
CA ILE I 236 -33.78 -30.30 53.32
C ILE I 236 -32.71 -29.24 53.50
N LYS I 237 -31.53 -29.42 52.90
CA LYS I 237 -30.46 -28.45 53.03
C LYS I 237 -30.45 -27.39 51.95
N GLY I 238 -31.12 -27.62 50.83
CA GLY I 238 -31.17 -26.64 49.76
C GLY I 238 -29.93 -26.66 48.88
N VAL I 239 -29.88 -25.70 47.97
CA VAL I 239 -28.78 -25.59 47.02
C VAL I 239 -28.73 -24.16 46.51
N PHE I 240 -27.55 -23.76 46.02
CA PHE I 240 -27.36 -22.44 45.44
C PHE I 240 -26.13 -22.50 44.54
N SER I 241 -26.27 -22.05 43.29
CA SER I 241 -25.20 -22.18 42.32
C SER I 241 -25.25 -21.01 41.34
N GLN I 242 -24.16 -20.83 40.61
CA GLN I 242 -24.04 -19.76 39.64
C GLN I 242 -23.20 -20.22 38.47
N SER I 243 -23.32 -19.49 37.36
CA SER I 243 -22.58 -19.75 36.14
C SER I 243 -21.67 -18.58 35.82
N ALA I 244 -20.88 -18.71 34.77
CA ALA I 244 -19.91 -17.69 34.40
C ALA I 244 -19.69 -17.73 32.89
N CYS I 245 -19.12 -16.65 32.37
CA CYS I 245 -18.83 -16.55 30.95
C CYS I 245 -17.77 -17.57 30.54
N ASN I 246 -17.96 -18.18 29.38
CA ASN I 246 -17.05 -19.19 28.84
C ASN I 246 -16.37 -18.72 27.57
N GLU I 247 -16.07 -17.43 27.49
CA GLU I 247 -15.42 -16.83 26.33
C GLU I 247 -14.36 -15.85 26.82
N PRO I 248 -13.29 -15.66 26.04
CA PRO I 248 -12.25 -14.70 26.45
C PRO I 248 -12.69 -13.25 26.42
N ASP I 249 -13.85 -12.95 25.84
CA ASP I 249 -14.34 -11.58 25.77
C ASP I 249 -15.86 -11.60 25.67
N PHE I 250 -16.46 -10.45 25.93
CA PHE I 250 -17.92 -10.28 25.90
C PHE I 250 -18.30 -9.69 24.55
N GLU I 251 -18.98 -10.47 23.72
CA GLU I 251 -19.45 -10.04 22.43
C GLU I 251 -20.96 -10.18 22.35
N PHE I 252 -21.54 -9.70 21.25
CA PHE I 252 -22.98 -9.66 21.06
C PHE I 252 -23.44 -10.80 20.18
N ASN I 253 -24.63 -11.32 20.46
CA ASN I 253 -25.24 -12.38 19.68
C ASN I 253 -26.49 -11.85 18.99
N ASP I 254 -26.85 -12.47 17.88
CA ASP I 254 -28.00 -12.05 17.11
C ASP I 254 -29.29 -12.62 17.69
N ILE I 255 -30.42 -12.15 17.17
CA ILE I 255 -31.73 -12.61 17.58
C ILE I 255 -32.26 -13.54 16.50
N LEU I 256 -32.43 -14.83 16.84
CA LEU I 256 -32.94 -15.79 15.90
C LEU I 256 -34.45 -15.65 15.73
N GLU I 257 -34.95 -16.17 14.61
CA GLU I 257 -36.35 -16.01 14.25
C GLU I 257 -36.94 -17.34 13.82
N GLY I 258 -38.22 -17.55 14.13
CA GLY I 258 -38.96 -18.69 13.64
C GLY I 258 -38.71 -20.00 14.35
N ILE I 259 -37.95 -20.00 15.45
CA ILE I 259 -37.63 -21.23 16.16
C ILE I 259 -38.63 -21.43 17.28
N GLN I 260 -39.33 -22.56 17.26
CA GLN I 260 -40.26 -22.95 18.32
C GLN I 260 -39.88 -24.27 18.97
N THR I 261 -39.37 -25.23 18.21
CA THR I 261 -38.98 -26.52 18.73
C THR I 261 -37.60 -26.90 18.19
N LEU I 262 -36.91 -27.76 18.93
CA LEU I 262 -35.60 -28.28 18.52
C LEU I 262 -35.59 -29.78 18.79
N PRO I 263 -35.63 -30.62 17.74
CA PRO I 263 -35.59 -30.30 16.30
C PRO I 263 -36.90 -29.69 15.79
N PRO I 264 -36.84 -28.98 14.66
CA PRO I 264 -38.05 -28.32 14.13
C PRO I 264 -39.04 -29.30 13.51
N ALA I 265 -40.10 -28.76 12.92
CA ALA I 265 -41.13 -29.58 12.32
C ALA I 265 -40.61 -30.26 11.06
N ASN I 266 -41.19 -31.42 10.75
CA ASN I 266 -40.86 -32.22 9.57
C ASN I 266 -39.42 -32.72 9.58
N VAL I 267 -38.77 -32.68 10.74
CA VAL I 267 -37.41 -33.20 10.91
C VAL I 267 -37.42 -34.22 12.03
N SER I 268 -36.90 -35.41 11.76
CA SER I 268 -36.89 -36.47 12.74
C SER I 268 -35.74 -36.31 13.71
N LEU I 269 -35.91 -36.88 14.91
CA LEU I 269 -34.88 -36.78 15.94
C LEU I 269 -33.64 -37.59 15.56
N GLY I 270 -33.80 -38.62 14.74
CA GLY I 270 -32.66 -39.45 14.37
C GLY I 270 -31.63 -38.72 13.53
N SER I 271 -32.06 -37.82 12.65
CA SER I 271 -31.17 -37.17 11.70
C SER I 271 -30.43 -35.97 12.28
N THR I 272 -30.69 -35.60 13.53
CA THR I 272 -30.03 -34.47 14.16
C THR I 272 -29.01 -34.85 15.21
N GLY I 273 -29.13 -36.03 15.81
CA GLY I 273 -28.18 -36.50 16.80
C GLY I 273 -28.45 -36.07 18.22
N GLN I 274 -29.53 -35.34 18.48
CA GLN I 274 -29.84 -34.91 19.83
C GLN I 274 -30.41 -36.07 20.64
N PRO I 275 -30.16 -36.10 21.95
CA PRO I 275 -30.71 -37.18 22.78
C PRO I 275 -32.21 -37.06 23.00
N PHE I 276 -32.70 -35.86 23.27
CA PHE I 276 -34.12 -35.65 23.55
C PHE I 276 -34.59 -34.40 22.81
N THR I 277 -35.80 -33.96 23.12
CA THR I 277 -36.45 -32.86 22.42
C THR I 277 -36.71 -31.70 23.37
N MET I 278 -36.66 -30.49 22.81
CA MET I 278 -37.01 -29.26 23.52
C MET I 278 -38.22 -28.64 22.85
N ASP I 279 -39.27 -28.39 23.63
CA ASP I 279 -40.51 -27.84 23.13
C ASP I 279 -40.90 -26.61 23.94
N SER I 280 -41.43 -25.60 23.26
CA SER I 280 -41.84 -24.36 23.90
C SER I 280 -43.35 -24.12 23.82
N GLY I 281 -44.09 -24.91 23.03
CA GLY I 281 -45.52 -24.77 22.96
C GLY I 281 -46.00 -23.78 21.92
N ALA I 282 -47.11 -23.11 22.19
CA ALA I 282 -47.67 -22.16 21.26
C ALA I 282 -46.76 -20.96 21.10
N GLU I 283 -46.73 -20.41 19.88
CA GLU I 283 -45.88 -19.27 19.58
C GLU I 283 -46.31 -18.00 20.30
N ALA I 284 -47.53 -17.97 20.84
CA ALA I 284 -48.02 -16.79 21.55
C ALA I 284 -47.64 -16.80 23.02
N THR I 285 -46.93 -17.82 23.50
CA THR I 285 -46.58 -17.92 24.91
C THR I 285 -45.08 -17.98 25.15
N SER I 286 -44.32 -18.68 24.33
CA SER I 286 -42.89 -18.85 24.57
C SER I 286 -42.21 -19.21 23.25
N GLY I 287 -40.89 -19.16 23.28
CA GLY I 287 -40.09 -19.49 22.11
C GLY I 287 -38.61 -19.34 22.42
N VAL I 288 -37.80 -19.66 21.41
CA VAL I 288 -36.35 -19.57 21.51
C VAL I 288 -35.90 -18.41 20.62
N VAL I 289 -35.10 -17.51 21.19
CA VAL I 289 -34.71 -16.30 20.49
C VAL I 289 -33.19 -16.14 20.50
N GLY I 290 -32.48 -17.19 20.86
CA GLY I 290 -31.04 -17.15 20.85
C GLY I 290 -30.45 -18.05 21.92
N TRP I 291 -29.12 -18.13 21.91
CA TRP I 291 -28.37 -18.93 22.86
C TRP I 291 -27.09 -18.20 23.20
N GLY I 292 -26.96 -17.78 24.47
CA GLY I 292 -25.82 -16.99 24.88
C GLY I 292 -24.59 -17.80 25.18
N ASN I 293 -23.52 -17.09 25.54
CA ASN I 293 -22.23 -17.71 25.83
C ASN I 293 -22.07 -17.90 27.34
N MET I 294 -22.87 -18.83 27.87
CA MET I 294 -22.81 -19.19 29.27
C MET I 294 -22.82 -20.71 29.40
N ASP I 295 -22.91 -21.19 30.63
CA ASP I 295 -22.92 -22.61 30.93
C ASP I 295 -24.29 -23.02 31.47
N THR I 296 -24.65 -24.28 31.21
CA THR I 296 -25.93 -24.83 31.61
C THR I 296 -25.80 -25.58 32.93
N ILE I 297 -26.76 -25.38 33.82
CA ILE I 297 -26.79 -26.02 35.12
C ILE I 297 -27.90 -27.07 35.12
N VAL I 298 -27.57 -28.29 35.54
CA VAL I 298 -28.49 -29.41 35.57
C VAL I 298 -28.75 -29.77 37.03
N ILE I 299 -30.02 -29.81 37.42
CA ILE I 299 -30.42 -30.11 38.78
C ILE I 299 -31.37 -31.30 38.75
N ARG I 300 -31.09 -32.29 39.60
CA ARG I 300 -31.93 -33.49 39.71
C ARG I 300 -32.47 -33.59 41.13
N VAL I 301 -33.78 -33.76 41.25
CA VAL I 301 -34.44 -33.91 42.54
C VAL I 301 -35.17 -35.26 42.54
N SER I 302 -34.90 -36.06 43.57
CA SER I 302 -35.51 -37.38 43.71
C SER I 302 -36.38 -37.42 44.96
N ALA I 303 -37.44 -38.22 44.89
CA ALA I 303 -38.36 -38.35 46.01
C ALA I 303 -38.91 -39.77 46.10
N PRO I 304 -38.71 -40.47 47.22
CA PRO I 304 -39.30 -41.80 47.36
C PRO I 304 -40.81 -41.73 47.45
N GLU I 305 -41.46 -42.82 47.04
CA GLU I 305 -42.91 -42.90 47.11
C GLU I 305 -43.38 -42.86 48.56
N GLY I 306 -44.42 -42.05 48.81
CA GLY I 306 -44.93 -41.87 50.14
C GLY I 306 -44.39 -40.68 50.89
N ALA I 307 -43.65 -39.79 50.22
CA ALA I 307 -43.08 -38.62 50.84
C ALA I 307 -43.68 -37.36 50.21
N VAL I 308 -43.53 -36.25 50.92
CA VAL I 308 -44.02 -34.94 50.48
C VAL I 308 -42.86 -33.96 50.51
N ASN I 309 -42.54 -33.38 49.36
CA ASN I 309 -41.48 -32.40 49.25
C ASN I 309 -42.03 -31.13 48.60
N SER I 310 -41.77 -29.99 49.24
CA SER I 310 -42.17 -28.69 48.73
C SER I 310 -41.02 -27.72 48.90
N ALA I 311 -40.90 -26.80 47.95
CA ALA I 311 -39.79 -25.84 47.96
C ALA I 311 -40.20 -24.60 47.17
N ILE I 312 -39.29 -23.62 47.13
CA ILE I 312 -39.46 -22.39 46.38
C ILE I 312 -38.27 -22.25 45.43
N LEU I 313 -38.54 -21.94 44.18
CA LEU I 313 -37.52 -21.86 43.14
C LEU I 313 -37.36 -20.42 42.69
N LYS I 314 -36.12 -19.94 42.65
CA LYS I 314 -35.81 -18.57 42.27
C LYS I 314 -34.67 -18.56 41.26
N ALA I 315 -34.68 -17.54 40.39
CA ALA I 315 -33.68 -17.40 39.35
C ALA I 315 -33.44 -15.92 39.07
N TRP I 316 -32.17 -15.56 38.89
CA TRP I 316 -31.78 -14.19 38.56
C TRP I 316 -31.11 -14.16 37.19
N SER I 317 -30.92 -12.95 36.67
CA SER I 317 -30.27 -12.76 35.38
C SER I 317 -29.86 -11.30 35.22
N CYS I 318 -28.58 -11.08 34.94
CA CYS I 318 -28.06 -9.77 34.55
C CYS I 318 -27.80 -9.81 33.04
N ILE I 319 -28.50 -8.96 32.29
CA ILE I 319 -28.46 -9.02 30.83
C ILE I 319 -28.37 -7.62 30.25
N GLU I 320 -27.99 -7.56 28.97
CA GLU I 320 -27.85 -6.32 28.22
C GLU I 320 -28.49 -6.50 26.84
N TYR I 321 -28.90 -5.38 26.24
CA TYR I 321 -29.59 -5.42 24.96
C TYR I 321 -29.10 -4.27 24.08
N ARG I 322 -29.49 -4.33 22.80
CA ARG I 322 -29.26 -3.26 21.83
C ARG I 322 -30.62 -2.76 21.34
N PRO I 323 -31.09 -1.61 21.81
CA PRO I 323 -32.43 -1.15 21.47
C PRO I 323 -32.51 -0.60 20.05
N ASN I 324 -33.76 -0.53 19.53
CA ASN I 324 -34.11 0.02 18.24
C ASN I 324 -34.64 1.44 18.40
N PRO I 325 -34.37 2.31 17.41
CA PRO I 325 -34.83 3.70 17.52
C PRO I 325 -36.34 3.83 17.62
N ASN I 326 -37.10 2.94 16.99
CA ASN I 326 -38.56 3.02 17.00
C ASN I 326 -39.17 2.26 18.18
N ALA I 327 -38.38 1.52 18.94
CA ALA I 327 -38.91 0.77 20.07
C ALA I 327 -39.25 1.70 21.23
N MET I 328 -40.18 1.25 22.07
CA MET I 328 -40.56 2.02 23.25
C MET I 328 -39.59 1.83 24.41
N LEU I 329 -38.63 0.92 24.29
CA LEU I 329 -37.62 0.69 25.31
C LEU I 329 -36.42 1.62 25.17
N TYR I 330 -36.37 2.42 24.11
CA TYR I 330 -35.19 3.23 23.83
C TYR I 330 -34.99 4.31 24.89
N GLN I 331 -36.07 4.90 25.39
CA GLN I 331 -35.96 6.00 26.35
C GLN I 331 -35.33 5.59 27.67
N PHE I 332 -35.25 4.29 27.96
CA PHE I 332 -34.63 3.80 29.18
C PHE I 332 -33.16 3.45 29.00
N GLY I 333 -32.60 3.66 27.81
CA GLY I 333 -31.23 3.27 27.54
C GLY I 333 -30.20 4.25 28.05
N HIS I 334 -28.94 3.84 27.97
CA HIS I 334 -27.81 4.65 28.40
C HIS I 334 -26.55 4.10 27.72
N ASP I 335 -25.40 4.65 28.08
CA ASP I 335 -24.12 4.25 27.52
C ASP I 335 -23.44 3.21 28.39
N SER I 336 -22.71 2.31 27.75
CA SER I 336 -21.98 1.27 28.47
C SER I 336 -20.81 1.89 29.25
N PRO I 337 -20.50 1.36 30.43
CA PRO I 337 -19.40 1.91 31.22
C PRO I 337 -18.07 1.67 30.53
N PRO I 338 -17.07 2.52 30.80
CA PRO I 338 -15.76 2.33 30.16
C PRO I 338 -14.97 1.15 30.71
N LEU I 339 -13.74 1.00 30.23
CA LEU I 339 -12.93 -0.18 30.56
C LEU I 339 -12.47 -0.14 32.02
N ASP I 340 -12.29 -1.35 32.58
CA ASP I 340 -11.71 -1.50 33.92
C ASP I 340 -11.04 -2.88 33.95
N GLU I 341 -9.72 -2.89 33.81
CA GLU I 341 -8.97 -4.15 33.73
C GLU I 341 -9.02 -4.91 35.06
N VAL I 342 -8.92 -4.18 36.18
CA VAL I 342 -8.89 -4.83 37.49
C VAL I 342 -10.19 -5.58 37.74
N ALA I 343 -11.32 -4.99 37.35
CA ALA I 343 -12.60 -5.65 37.51
C ALA I 343 -12.65 -6.96 36.71
N LEU I 344 -12.15 -6.94 35.48
CA LEU I 344 -12.15 -8.15 34.66
C LEU I 344 -11.26 -9.22 35.27
N GLN I 345 -10.07 -8.85 35.75
CA GLN I 345 -9.18 -9.83 36.36
C GLN I 345 -9.80 -10.42 37.63
N GLU I 346 -10.42 -9.57 38.46
CA GLU I 346 -11.08 -10.05 39.67
C GLU I 346 -12.24 -10.97 39.32
N TYR I 347 -13.01 -10.62 38.29
CA TYR I 347 -14.11 -11.48 37.84
C TYR I 347 -13.59 -12.84 37.42
N ARG I 348 -12.52 -12.87 36.62
CA ARG I 348 -11.97 -14.15 36.18
C ARG I 348 -11.49 -14.98 37.37
N THR I 349 -10.77 -14.35 38.29
CA THR I 349 -10.24 -15.08 39.45
C THR I 349 -11.36 -15.64 40.32
N VAL I 350 -12.36 -14.80 40.63
CA VAL I 350 -13.45 -15.24 41.49
C VAL I 350 -14.28 -16.32 40.82
N ALA I 351 -14.50 -16.20 39.51
CA ALA I 351 -15.23 -17.24 38.78
C ALA I 351 -14.46 -18.56 38.79
N ARG I 352 -13.13 -18.50 38.67
CA ARG I 352 -12.35 -19.73 38.67
C ARG I 352 -12.27 -20.35 40.06
N SER I 353 -12.34 -19.53 41.11
CA SER I 353 -12.11 -20.00 42.48
C SER I 353 -13.41 -20.24 43.25
N LEU I 354 -14.43 -20.79 42.60
CA LEU I 354 -15.66 -21.08 43.32
C LEU I 354 -16.06 -22.54 43.18
N PRO I 355 -16.76 -23.11 44.16
CA PRO I 355 -17.23 -24.49 44.04
C PRO I 355 -18.46 -24.55 43.15
N VAL I 356 -18.92 -25.80 42.92
CA VAL I 356 -20.07 -26.00 42.04
C VAL I 356 -21.34 -25.44 42.67
N ALA I 357 -21.57 -25.75 43.95
CA ALA I 357 -22.75 -25.28 44.64
C ALA I 357 -22.51 -25.33 46.15
N VAL I 358 -23.38 -24.63 46.88
CA VAL I 358 -23.36 -24.60 48.33
C VAL I 358 -24.77 -24.82 48.85
N ILE I 359 -24.88 -25.02 50.16
CA ILE I 359 -26.20 -25.21 50.76
C ILE I 359 -26.94 -23.87 50.84
N ALA I 360 -28.26 -23.95 51.01
CA ALA I 360 -29.09 -22.75 51.02
C ALA I 360 -28.79 -21.84 52.19
N ALA I 361 -28.22 -22.38 53.28
CA ALA I 361 -27.93 -21.55 54.46
C ALA I 361 -26.85 -20.51 54.17
N GLN I 362 -26.04 -20.70 53.15
CA GLN I 362 -24.99 -19.74 52.81
C GLN I 362 -25.20 -19.17 51.42
N SER J 2 -21.02 -15.79 54.63
CA SER J 2 -21.89 -15.59 53.47
C SER J 2 -21.08 -15.61 52.17
N MET J 3 -21.78 -15.58 51.04
CA MET J 3 -21.11 -15.61 49.74
C MET J 3 -20.29 -14.34 49.51
N TRP J 4 -20.83 -13.19 49.93
CA TRP J 4 -20.09 -11.93 49.79
C TRP J 4 -18.82 -11.96 50.62
N GLU J 5 -18.86 -12.55 51.81
CA GLU J 5 -17.65 -12.73 52.60
C GLU J 5 -16.64 -13.60 51.87
N ARG J 6 -17.12 -14.66 51.21
CA ARG J 6 -16.23 -15.52 50.43
C ARG J 6 -15.56 -14.73 49.31
N VAL J 7 -16.33 -13.92 48.59
CA VAL J 7 -15.78 -13.14 47.49
C VAL J 7 -14.76 -12.13 48.01
N LYS J 8 -15.09 -11.45 49.11
CA LYS J 8 -14.17 -10.47 49.69
C LYS J 8 -12.88 -11.13 50.16
N SER J 9 -12.98 -12.30 50.80
CA SER J 9 -11.78 -13.01 51.24
C SER J 9 -10.94 -13.46 50.06
N ILE J 10 -11.58 -13.94 48.99
CA ILE J 10 -10.84 -14.35 47.80
C ILE J 10 -10.10 -13.17 47.20
N ILE J 11 -10.78 -12.03 47.09
CA ILE J 11 -10.15 -10.83 46.53
C ILE J 11 -8.99 -10.38 47.41
N LYS J 12 -9.19 -10.37 48.74
CA LYS J 12 -8.14 -9.92 49.65
C LYS J 12 -6.93 -10.84 49.60
N SER J 13 -7.16 -12.15 49.49
CA SER J 13 -6.06 -13.09 49.33
C SER J 13 -5.37 -12.93 47.98
N SER J 14 -6.11 -12.50 46.96
CA SER J 14 -5.56 -12.26 45.64
C SER J 14 -5.10 -10.81 45.46
N LEU J 15 -5.27 -9.96 46.47
CA LEU J 15 -4.87 -8.56 46.37
C LEU J 15 -3.36 -8.43 46.47
N ALA K 55 16.68 -12.35 31.35
CA ALA K 55 15.64 -11.64 30.62
C ALA K 55 14.43 -12.53 30.38
N LEU K 56 14.65 -13.84 30.35
CA LEU K 56 13.58 -14.80 30.15
C LEU K 56 12.77 -15.06 31.42
N THR K 57 13.22 -14.55 32.56
CA THR K 57 12.45 -14.69 33.80
C THR K 57 11.23 -13.79 33.84
N ARG K 58 11.13 -12.83 32.93
CA ARG K 58 9.93 -11.99 32.84
C ARG K 58 8.72 -12.76 32.31
N LEU K 59 8.92 -13.97 31.79
CA LEU K 59 7.85 -14.81 31.30
C LEU K 59 7.63 -15.99 32.25
N SER K 60 6.37 -16.27 32.56
CA SER K 60 6.06 -17.40 33.40
C SER K 60 6.27 -18.70 32.64
N GLN K 61 6.26 -19.80 33.39
CA GLN K 61 6.44 -21.13 32.77
C GLN K 61 5.36 -21.45 31.74
N PRO K 62 4.06 -21.22 32.00
CA PRO K 62 3.07 -21.50 30.95
C PRO K 62 3.30 -20.73 29.66
N GLY K 63 3.76 -19.47 29.76
CA GLY K 63 4.05 -18.72 28.55
C GLY K 63 5.20 -19.31 27.75
N LEU K 64 6.27 -19.71 28.44
CA LEU K 64 7.40 -20.32 27.75
C LEU K 64 7.00 -21.64 27.10
N ALA K 65 6.20 -22.46 27.80
CA ALA K 65 5.74 -23.71 27.23
C ALA K 65 4.83 -23.47 26.02
N PHE K 66 3.97 -22.46 26.10
CA PHE K 66 3.10 -22.12 24.98
C PHE K 66 3.93 -21.69 23.77
N LEU K 67 4.96 -20.87 23.99
CA LEU K 67 5.84 -20.48 22.89
C LEU K 67 6.55 -21.70 22.31
N LYS K 68 6.99 -22.62 23.16
CA LYS K 68 7.70 -23.80 22.68
C LYS K 68 6.81 -24.67 21.81
N CYS K 69 5.56 -24.91 22.24
CA CYS K 69 4.66 -25.68 21.38
C CYS K 69 4.28 -24.90 20.13
N ALA K 70 4.26 -23.57 20.20
CA ALA K 70 3.86 -22.77 19.05
C ALA K 70 4.93 -22.78 17.96
N PHE K 71 6.20 -22.70 18.33
CA PHE K 71 7.26 -22.45 17.35
C PHE K 71 8.22 -23.60 17.14
N ALA K 72 8.70 -24.27 18.19
CA ALA K 72 9.74 -25.30 18.07
C ALA K 72 9.34 -26.58 18.78
N PRO K 73 8.47 -27.39 18.17
CA PRO K 73 8.18 -28.72 18.72
C PRO K 73 9.40 -29.64 18.69
N PRO K 74 10.05 -29.85 17.54
CA PRO K 74 10.98 -30.98 17.43
C PRO K 74 12.32 -30.77 18.12
N ASP K 75 12.48 -29.73 18.94
CA ASP K 75 13.71 -29.48 19.65
C ASP K 75 13.71 -30.04 21.07
N PHE K 76 12.66 -30.74 21.46
CA PHE K 76 12.53 -31.25 22.81
C PHE K 76 12.05 -32.70 22.77
N ASN K 77 12.40 -33.45 23.81
CA ASN K 77 12.01 -34.85 23.90
C ASN K 77 10.50 -34.97 24.15
N THR K 78 10.01 -34.34 25.21
CA THR K 78 8.59 -34.31 25.51
C THR K 78 8.03 -32.93 25.19
N ASP K 79 6.81 -32.91 24.63
CA ASP K 79 6.23 -31.66 24.20
C ASP K 79 5.95 -30.76 25.40
N PRO K 80 6.46 -29.53 25.40
CA PRO K 80 6.15 -28.60 26.49
C PRO K 80 4.88 -27.80 26.20
N GLY K 81 3.97 -27.76 27.16
CA GLY K 81 2.74 -27.01 26.97
C GLY K 81 1.63 -27.37 27.94
N LYS K 82 0.91 -26.35 28.41
CA LYS K 82 -0.25 -26.55 29.27
C LYS K 82 -1.52 -25.93 28.69
N GLY K 83 -1.41 -24.79 28.03
CA GLY K 83 -2.55 -24.17 27.40
C GLY K 83 -2.20 -22.75 26.98
N ILE K 84 -3.17 -22.11 26.33
CA ILE K 84 -2.98 -20.73 25.87
C ILE K 84 -3.09 -19.80 27.07
N PRO K 85 -2.10 -18.95 27.31
CA PRO K 85 -2.16 -18.01 28.46
C PRO K 85 -3.00 -16.78 28.15
N ASP K 86 -4.29 -17.00 27.92
CA ASP K 86 -5.23 -15.93 27.65
C ASP K 86 -6.17 -15.75 28.83
N ARG K 87 -7.16 -14.86 28.66
CA ARG K 87 -8.07 -14.53 29.76
C ARG K 87 -8.93 -15.72 30.17
N PHE K 88 -9.23 -16.62 29.24
CA PHE K 88 -10.09 -17.77 29.55
C PHE K 88 -9.37 -18.71 30.51
N GLU K 89 -10.06 -19.10 31.58
CA GLU K 89 -9.52 -19.99 32.61
C GLU K 89 -10.53 -21.07 32.97
N GLY K 90 -11.17 -21.67 31.97
CA GLY K 90 -12.09 -22.75 32.19
C GLY K 90 -11.41 -24.11 32.14
N LYS K 91 -12.25 -25.15 32.12
CA LYS K 91 -11.76 -26.53 32.09
C LYS K 91 -11.60 -26.97 30.64
N VAL K 92 -10.39 -27.39 30.28
CA VAL K 92 -10.07 -27.80 28.92
C VAL K 92 -9.22 -29.07 28.98
N VAL K 93 -9.06 -29.70 27.81
CA VAL K 93 -8.20 -30.86 27.65
C VAL K 93 -7.22 -30.55 26.53
N SER K 94 -5.93 -30.65 26.82
CA SER K 94 -4.89 -30.35 25.84
C SER K 94 -4.53 -31.62 25.08
N ARG K 95 -4.73 -31.60 23.77
CA ARG K 95 -4.47 -32.74 22.90
C ARG K 95 -3.23 -32.48 22.06
N LYS K 96 -2.29 -33.42 22.10
CA LYS K 96 -1.05 -33.33 21.35
C LYS K 96 -1.08 -34.38 20.24
N ASP K 97 -1.16 -33.93 19.00
CA ASP K 97 -1.25 -34.81 17.84
C ASP K 97 0.09 -34.88 17.13
N VAL K 98 0.56 -36.09 16.86
CA VAL K 98 1.83 -36.33 16.18
C VAL K 98 1.60 -37.40 15.12
N LEU K 99 2.10 -37.17 13.91
CA LEU K 99 1.98 -38.10 12.81
C LEU K 99 3.36 -38.43 12.26
N ASN K 100 3.55 -39.70 11.88
CA ASN K 100 4.80 -40.19 11.29
C ASN K 100 4.42 -41.01 10.06
N GLN K 101 4.41 -40.35 8.91
CA GLN K 101 3.98 -40.94 7.66
C GLN K 101 5.11 -40.91 6.64
N SER K 102 5.28 -42.01 5.92
CA SER K 102 6.26 -42.12 4.85
C SER K 102 5.53 -41.99 3.52
N ILE K 103 5.90 -40.96 2.74
CA ILE K 103 5.23 -40.65 1.48
C ILE K 103 6.27 -40.68 0.36
N SER K 104 5.93 -41.36 -0.73
CA SER K 104 6.78 -41.43 -1.91
C SER K 104 6.08 -40.71 -3.06
N PHE K 105 6.79 -39.81 -3.71
CA PHE K 105 6.22 -38.99 -4.78
C PHE K 105 6.47 -39.63 -6.13
N THR K 106 5.42 -39.75 -6.94
CA THR K 106 5.55 -40.33 -8.25
C THR K 106 6.34 -39.40 -9.17
N ALA K 107 6.88 -39.98 -10.24
CA ALA K 107 7.75 -39.27 -11.16
C ALA K 107 6.94 -38.77 -12.36
N GLY K 108 7.10 -37.49 -12.68
CA GLY K 108 6.40 -36.89 -13.78
C GLY K 108 5.12 -36.16 -13.43
N GLN K 109 4.86 -35.94 -12.14
CA GLN K 109 3.64 -35.29 -11.70
C GLN K 109 3.97 -34.28 -10.62
N ASP K 110 3.00 -33.42 -10.32
CA ASP K 110 3.10 -32.44 -9.25
C ASP K 110 2.22 -32.87 -8.09
N THR K 111 2.80 -32.89 -6.89
CA THR K 111 2.09 -33.31 -5.69
C THR K 111 1.79 -32.07 -4.85
N PHE K 112 0.52 -31.87 -4.52
CA PHE K 112 0.08 -30.75 -3.70
C PHE K 112 -0.38 -31.27 -2.34
N ILE K 113 0.13 -30.67 -1.28
CA ILE K 113 -0.20 -31.05 0.08
C ILE K 113 -0.71 -29.81 0.82
N LEU K 114 -1.90 -29.92 1.40
CA LEU K 114 -2.52 -28.82 2.14
C LEU K 114 -2.58 -29.18 3.61
N ILE K 115 -2.00 -28.33 4.44
CA ILE K 115 -2.08 -28.48 5.90
C ILE K 115 -3.20 -27.55 6.35
N ALA K 116 -4.40 -28.11 6.49
CA ALA K 116 -5.57 -27.33 6.85
C ALA K 116 -5.88 -27.48 8.33
N PRO K 117 -6.49 -26.46 8.95
CA PRO K 117 -6.86 -26.56 10.38
C PRO K 117 -8.16 -27.33 10.59
N THR K 118 -8.15 -28.60 10.19
CA THR K 118 -9.28 -29.50 10.38
C THR K 118 -8.95 -30.47 11.50
N PRO K 119 -9.70 -30.48 12.60
CA PRO K 119 -9.35 -31.36 13.73
C PRO K 119 -9.43 -32.82 13.33
N GLY K 120 -8.47 -33.60 13.83
CA GLY K 120 -8.42 -35.03 13.61
C GLY K 120 -7.90 -35.47 12.27
N VAL K 121 -7.47 -34.54 11.41
CA VAL K 121 -6.97 -34.86 10.08
C VAL K 121 -5.61 -34.21 9.91
N ALA K 122 -4.65 -34.96 9.39
CA ALA K 122 -3.30 -34.43 9.24
C ALA K 122 -3.19 -33.49 8.05
N TYR K 123 -3.51 -33.98 6.84
CA TYR K 123 -3.38 -33.17 5.65
C TYR K 123 -4.24 -33.77 4.54
N TRP K 124 -4.31 -33.04 3.43
CA TRP K 124 -5.00 -33.47 2.22
C TRP K 124 -4.03 -33.37 1.05
N SER K 125 -4.12 -34.31 0.12
CA SER K 125 -3.16 -34.38 -0.98
C SER K 125 -3.84 -34.81 -2.26
N ALA K 126 -3.23 -34.40 -3.38
CA ALA K 126 -3.68 -34.78 -4.71
C ALA K 126 -2.50 -34.59 -5.67
N SER K 127 -2.63 -35.16 -6.86
CA SER K 127 -1.56 -35.13 -7.84
C SER K 127 -2.08 -34.62 -9.18
N VAL K 128 -1.21 -33.91 -9.89
CA VAL K 128 -1.52 -33.35 -11.21
C VAL K 128 -0.30 -33.50 -12.10
N PRO K 129 -0.50 -33.48 -13.42
CA PRO K 129 0.66 -33.55 -14.33
C PRO K 129 1.60 -32.38 -14.13
N ALA K 130 2.88 -32.62 -14.42
CA ALA K 130 3.92 -31.63 -14.15
C ALA K 130 3.68 -30.35 -14.95
N GLY K 131 3.98 -29.22 -14.33
CA GLY K 131 3.81 -27.92 -14.96
C GLY K 131 2.41 -27.37 -14.93
N THR K 132 1.45 -28.07 -14.34
CA THR K 132 0.07 -27.65 -14.29
C THR K 132 -0.33 -27.35 -12.83
N PHE K 133 -1.60 -27.01 -12.66
CA PHE K 133 -2.18 -26.66 -11.37
C PHE K 133 -3.52 -27.35 -11.24
N PRO K 134 -4.02 -27.54 -10.01
CA PRO K 134 -5.29 -28.24 -9.83
C PRO K 134 -6.43 -27.57 -10.58
N THR K 135 -7.34 -28.39 -11.09
CA THR K 135 -8.49 -27.93 -11.88
C THR K 135 -9.77 -28.48 -11.26
N SER K 136 -10.88 -28.32 -11.99
CA SER K 136 -12.18 -28.74 -11.50
C SER K 136 -12.32 -30.25 -11.39
N ALA K 137 -11.40 -31.03 -11.94
CA ALA K 137 -11.46 -32.48 -11.90
C ALA K 137 -10.56 -33.07 -10.84
N THR K 138 -10.06 -32.26 -9.91
CA THR K 138 -9.15 -32.70 -8.87
C THR K 138 -9.92 -32.90 -7.56
N THR K 139 -9.55 -33.95 -6.83
CA THR K 139 -10.17 -34.28 -5.56
C THR K 139 -9.08 -34.54 -4.53
N PHE K 140 -9.27 -33.98 -3.33
CA PHE K 140 -8.31 -34.11 -2.25
C PHE K 140 -8.83 -35.11 -1.22
N ASN K 141 -7.99 -36.07 -0.84
CA ASN K 141 -8.35 -37.08 0.14
C ASN K 141 -7.53 -36.92 1.41
N PRO K 142 -8.10 -37.21 2.57
CA PRO K 142 -7.43 -36.90 3.84
C PRO K 142 -6.57 -38.05 4.36
N VAL K 143 -5.73 -37.71 5.34
CA VAL K 143 -4.94 -38.67 6.10
C VAL K 143 -5.15 -38.33 7.57
N ASN K 144 -5.60 -39.31 8.34
CA ASN K 144 -6.06 -39.07 9.71
C ASN K 144 -4.93 -39.12 10.72
N TYR K 145 -5.11 -38.41 11.83
CA TYR K 145 -4.26 -38.58 13.00
C TYR K 145 -4.60 -39.91 13.69
N PRO K 146 -3.67 -40.44 14.48
CA PRO K 146 -3.97 -41.68 15.22
C PRO K 146 -5.05 -41.48 16.26
N GLY K 147 -6.21 -42.12 16.06
CA GLY K 147 -7.28 -42.07 17.04
C GLY K 147 -8.44 -41.16 16.68
N PHE K 148 -8.84 -41.17 15.40
CA PHE K 148 -9.98 -40.37 14.98
C PHE K 148 -11.30 -40.96 15.47
N THR K 149 -11.46 -42.29 15.35
CA THR K 149 -12.71 -42.93 15.75
C THR K 149 -12.88 -42.87 17.27
N SER K 150 -11.78 -42.96 18.02
CA SER K 150 -11.85 -42.91 19.47
C SER K 150 -12.28 -41.54 19.98
N MET K 151 -12.32 -40.52 19.12
CA MET K 151 -12.72 -39.18 19.52
C MET K 151 -13.98 -38.67 18.85
N PHE K 152 -14.30 -39.13 17.64
CA PHE K 152 -15.42 -38.57 16.89
C PHE K 152 -16.37 -39.64 16.37
N GLY K 153 -16.44 -40.77 17.06
CA GLY K 153 -17.44 -41.78 16.73
C GLY K 153 -17.19 -42.48 15.41
N THR K 154 -18.21 -43.24 14.99
CA THR K 154 -18.16 -44.01 13.76
C THR K 154 -19.29 -43.68 12.79
N THR K 155 -20.07 -42.65 13.07
CA THR K 155 -21.17 -42.24 12.20
C THR K 155 -21.15 -40.72 12.05
N SER K 156 -21.73 -40.26 10.95
CA SER K 156 -21.73 -38.84 10.60
C SER K 156 -22.66 -37.99 11.48
N THR K 157 -23.27 -38.52 12.54
CA THR K 157 -24.15 -37.73 13.38
C THR K 157 -23.83 -37.88 14.87
N SER K 158 -22.68 -38.44 15.22
CA SER K 158 -22.28 -38.60 16.62
C SER K 158 -20.92 -37.96 16.88
N ARG K 159 -20.60 -36.90 16.15
CA ARG K 159 -19.31 -36.23 16.30
C ARG K 159 -19.19 -35.47 17.62
N SER K 160 -20.32 -35.12 18.25
CA SER K 160 -20.32 -34.29 19.44
C SER K 160 -20.65 -35.07 20.70
N ASP K 161 -20.41 -36.38 20.70
CA ASP K 161 -20.67 -37.20 21.88
C ASP K 161 -19.52 -37.18 22.88
N GLN K 162 -18.38 -36.59 22.52
CA GLN K 162 -17.24 -36.49 23.43
C GLN K 162 -16.87 -35.05 23.74
N VAL K 163 -16.77 -34.20 22.72
CA VAL K 163 -16.40 -32.80 22.90
C VAL K 163 -17.44 -31.92 22.17
N SER K 164 -17.33 -30.62 22.41
CA SER K 164 -18.27 -29.66 21.82
C SER K 164 -17.59 -28.46 21.18
N SER K 165 -16.35 -28.14 21.53
CA SER K 165 -15.67 -26.97 20.98
C SER K 165 -14.17 -27.19 21.00
N PHE K 166 -13.46 -26.32 20.28
CA PHE K 166 -12.01 -26.43 20.17
C PHE K 166 -11.44 -25.07 19.76
N ARG K 167 -10.13 -24.93 19.95
CA ARG K 167 -9.39 -23.80 19.41
C ARG K 167 -7.94 -24.22 19.22
N TYR K 168 -7.35 -23.79 18.12
CA TYR K 168 -5.99 -24.18 17.77
C TYR K 168 -4.96 -23.34 18.50
N ALA K 169 -3.82 -23.97 18.81
CA ALA K 169 -2.68 -23.27 19.40
C ALA K 169 -1.41 -23.38 18.56
N SER K 170 -1.24 -24.45 17.80
CA SER K 170 -0.07 -24.57 16.94
C SER K 170 -0.39 -25.50 15.77
N MET K 171 0.34 -25.31 14.68
CA MET K 171 0.17 -26.13 13.47
C MET K 171 1.49 -26.13 12.72
N ASN K 172 2.26 -27.20 12.84
CA ASN K 172 3.60 -27.28 12.28
C ASN K 172 3.74 -28.54 11.44
N VAL K 173 4.66 -28.49 10.47
CA VAL K 173 4.91 -29.59 9.56
C VAL K 173 6.39 -29.65 9.23
N GLY K 174 6.84 -30.82 8.79
CA GLY K 174 8.23 -30.99 8.39
C GLY K 174 8.37 -32.16 7.44
N ILE K 175 9.34 -32.04 6.53
CA ILE K 175 9.62 -33.07 5.53
C ILE K 175 11.11 -33.37 5.55
N TYR K 176 11.45 -34.66 5.63
CA TYR K 176 12.84 -35.09 5.70
C TYR K 176 13.14 -36.07 4.57
N PRO K 177 13.95 -35.71 3.58
CA PRO K 177 14.24 -36.63 2.48
C PRO K 177 14.99 -37.86 2.95
N THR K 178 14.77 -38.97 2.24
CA THR K 178 15.37 -40.25 2.60
C THR K 178 16.01 -40.98 1.43
N SER K 179 16.03 -40.38 0.24
CA SER K 179 16.64 -41.02 -0.92
C SER K 179 18.14 -40.69 -0.97
N ASN K 180 18.83 -41.24 -1.97
CA ASN K 180 20.25 -41.00 -2.14
C ASN K 180 20.46 -39.72 -2.96
N LEU K 181 21.74 -39.33 -3.10
CA LEU K 181 22.10 -38.08 -3.76
C LEU K 181 22.34 -38.25 -5.25
N MET K 182 22.18 -39.45 -5.80
CA MET K 182 22.48 -39.71 -7.20
C MET K 182 21.24 -40.06 -8.02
N GLN K 183 20.05 -39.92 -7.43
CA GLN K 183 18.81 -40.25 -8.14
C GLN K 183 17.71 -39.22 -7.99
N PHE K 184 17.83 -38.26 -7.07
CA PHE K 184 16.74 -37.32 -6.82
C PHE K 184 16.71 -36.24 -7.89
N ALA K 185 15.63 -35.45 -7.87
CA ALA K 185 15.42 -34.34 -8.79
C ALA K 185 14.20 -33.56 -8.32
N GLY K 186 14.12 -32.31 -8.77
CA GLY K 186 12.99 -31.47 -8.46
C GLY K 186 13.28 -30.45 -7.38
N SER K 187 12.20 -29.81 -6.92
CA SER K 187 12.29 -28.75 -5.94
C SER K 187 11.06 -28.77 -5.04
N ILE K 188 11.07 -27.90 -4.04
CA ILE K 188 9.97 -27.76 -3.08
C ILE K 188 9.59 -26.29 -3.01
N THR K 189 8.29 -26.00 -3.09
CA THR K 189 7.77 -24.64 -3.00
C THR K 189 6.71 -24.58 -1.91
N VAL K 190 6.83 -23.59 -1.03
CA VAL K 190 5.94 -23.45 0.12
C VAL K 190 5.38 -22.03 0.14
N TRP K 191 4.06 -21.92 0.29
CA TRP K 191 3.41 -20.63 0.52
C TRP K 191 2.09 -20.87 1.25
N LYS K 192 1.53 -19.80 1.82
CA LYS K 192 0.37 -19.88 2.68
C LYS K 192 -0.83 -19.18 2.05
N CYS K 193 -2.02 -19.69 2.33
CA CYS K 193 -3.25 -19.11 1.81
C CYS K 193 -4.26 -18.91 2.93
N PRO K 194 -4.97 -17.78 2.93
CA PRO K 194 -6.00 -17.50 3.95
C PRO K 194 -7.40 -17.98 3.59
N VAL K 195 -7.61 -19.30 3.68
CA VAL K 195 -8.89 -19.90 3.34
C VAL K 195 -9.79 -19.92 4.57
N LYS K 196 -11.08 -19.69 4.36
CA LYS K 196 -12.08 -19.70 5.42
C LYS K 196 -13.27 -20.55 5.00
N LEU K 197 -14.16 -20.80 5.95
CA LEU K 197 -15.38 -21.55 5.73
C LEU K 197 -16.57 -20.60 5.78
N SER K 198 -17.38 -20.60 4.72
CA SER K 198 -18.50 -19.67 4.58
C SER K 198 -19.68 -20.42 4.01
N THR K 199 -20.68 -19.66 3.55
CA THR K 199 -21.94 -20.22 3.05
C THR K 199 -22.24 -19.66 1.68
N VAL K 200 -23.07 -20.40 0.92
CA VAL K 200 -23.54 -19.99 -0.39
C VAL K 200 -25.06 -20.12 -0.41
N GLN K 201 -25.68 -19.37 -1.32
CA GLN K 201 -27.13 -19.34 -1.44
C GLN K 201 -27.51 -19.44 -2.92
N PHE K 202 -28.48 -20.32 -3.22
CA PHE K 202 -28.92 -20.53 -4.59
C PHE K 202 -30.32 -21.10 -4.58
N PRO K 203 -31.19 -20.70 -5.50
CA PRO K 203 -32.56 -21.23 -5.50
C PRO K 203 -32.64 -22.62 -6.09
N VAL K 204 -33.73 -23.31 -5.76
CA VAL K 204 -34.00 -24.65 -6.25
C VAL K 204 -35.43 -24.67 -6.81
N ALA K 205 -35.60 -25.27 -7.98
CA ALA K 205 -36.91 -25.33 -8.65
C ALA K 205 -37.63 -26.62 -8.28
N THR K 206 -38.17 -26.63 -7.06
CA THR K 206 -39.01 -27.71 -6.58
C THR K 206 -40.48 -27.31 -6.67
N ASP K 207 -41.35 -28.15 -6.16
CA ASP K 207 -42.80 -27.89 -6.15
C ASP K 207 -43.30 -27.96 -4.71
N PRO K 208 -43.47 -26.82 -4.02
CA PRO K 208 -43.19 -25.45 -4.48
C PRO K 208 -41.69 -25.13 -4.47
N ALA K 209 -41.29 -24.07 -5.16
CA ALA K 209 -39.88 -23.69 -5.22
C ALA K 209 -39.42 -23.12 -3.87
N THR K 210 -38.11 -23.17 -3.66
CA THR K 210 -37.51 -22.70 -2.42
C THR K 210 -36.05 -22.33 -2.69
N SER K 211 -35.37 -21.90 -1.63
CA SER K 211 -33.96 -21.52 -1.70
C SER K 211 -33.19 -22.26 -0.63
N SER K 212 -31.94 -22.62 -0.97
CA SER K 212 -31.10 -23.44 -0.14
C SER K 212 -29.98 -22.61 0.50
N LEU K 213 -29.21 -23.26 1.37
CA LEU K 213 -28.08 -22.63 2.04
C LEU K 213 -27.14 -23.73 2.50
N VAL K 214 -25.96 -23.82 1.87
CA VAL K 214 -24.99 -24.86 2.16
C VAL K 214 -23.64 -24.21 2.47
N HIS K 215 -22.69 -25.04 2.90
CA HIS K 215 -21.36 -24.58 3.28
C HIS K 215 -20.42 -24.56 2.08
N THR K 216 -19.56 -23.55 2.05
CA THR K 216 -18.54 -23.41 1.01
C THR K 216 -17.26 -22.91 1.64
N LEU K 217 -16.14 -23.16 0.95
CA LEU K 217 -14.83 -22.66 1.35
C LEU K 217 -14.42 -21.52 0.44
N VAL K 218 -14.05 -20.40 1.04
CA VAL K 218 -13.65 -19.19 0.31
C VAL K 218 -12.16 -18.96 0.51
N GLY K 219 -11.48 -18.62 -0.58
CA GLY K 219 -10.05 -18.41 -0.55
C GLY K 219 -9.22 -19.53 -1.13
N LEU K 220 -9.85 -20.57 -1.68
CA LEU K 220 -9.12 -21.68 -2.28
C LEU K 220 -8.41 -21.30 -3.58
N ASP K 221 -8.70 -20.11 -4.12
CA ASP K 221 -8.07 -19.68 -5.38
C ASP K 221 -6.58 -19.40 -5.24
N GLY K 222 -6.06 -19.33 -4.01
CA GLY K 222 -4.64 -19.10 -3.82
C GLY K 222 -3.76 -20.30 -4.06
N VAL K 223 -4.34 -21.47 -4.31
CA VAL K 223 -3.56 -22.66 -4.60
C VAL K 223 -3.19 -22.77 -6.09
N LEU K 224 -3.84 -21.98 -6.95
CA LEU K 224 -3.64 -22.09 -8.39
C LEU K 224 -2.47 -21.27 -8.91
N ALA K 225 -1.74 -20.59 -8.03
CA ALA K 225 -0.60 -19.80 -8.45
C ALA K 225 0.34 -19.62 -7.27
N VAL K 226 1.63 -19.53 -7.57
CA VAL K 226 2.66 -19.37 -6.55
C VAL K 226 2.61 -17.93 -6.04
N GLY K 227 2.58 -17.78 -4.71
CA GLY K 227 2.56 -16.48 -4.10
C GLY K 227 3.91 -15.80 -4.12
N PRO K 228 3.93 -14.46 -4.14
CA PRO K 228 5.21 -13.74 -4.11
C PRO K 228 6.04 -14.05 -2.88
N ASP K 229 5.42 -14.27 -1.73
CA ASP K 229 6.11 -14.61 -0.50
C ASP K 229 6.15 -16.13 -0.39
N ASN K 230 7.27 -16.73 -0.81
CA ASN K 230 7.37 -18.17 -0.90
C ASN K 230 8.80 -18.61 -0.61
N PHE K 231 8.96 -19.89 -0.31
CA PHE K 231 10.26 -20.52 -0.11
C PHE K 231 10.45 -21.60 -1.16
N SER K 232 11.59 -21.56 -1.85
CA SER K 232 11.90 -22.56 -2.87
C SER K 232 13.37 -22.93 -2.77
N GLU K 233 13.64 -24.23 -2.87
CA GLU K 233 15.01 -24.74 -2.81
C GLU K 233 15.01 -26.14 -3.42
N SER K 234 16.16 -26.81 -3.33
CA SER K 234 16.28 -28.16 -3.83
C SER K 234 15.54 -29.14 -2.94
N PHE K 235 15.15 -30.27 -3.53
CA PHE K 235 14.39 -31.28 -2.80
C PHE K 235 15.22 -31.93 -1.70
N ILE K 236 16.51 -32.16 -1.94
CA ILE K 236 17.34 -32.90 -1.00
C ILE K 236 17.61 -32.15 0.30
N LYS K 237 17.21 -30.89 0.40
CA LYS K 237 17.49 -30.09 1.58
C LYS K 237 16.40 -30.18 2.65
N GLY K 238 15.16 -30.45 2.25
CA GLY K 238 14.07 -30.54 3.20
C GLY K 238 13.40 -29.20 3.43
N VAL K 239 12.48 -29.20 4.40
CA VAL K 239 11.69 -28.00 4.71
C VAL K 239 11.13 -28.16 6.11
N PHE K 240 10.80 -27.02 6.74
CA PHE K 240 10.15 -27.00 8.05
C PHE K 240 9.46 -25.65 8.20
N SER K 241 8.13 -25.67 8.31
CA SER K 241 7.34 -24.45 8.34
C SER K 241 6.36 -24.48 9.49
N GLN K 242 5.93 -23.29 9.92
CA GLN K 242 4.97 -23.13 10.99
C GLN K 242 3.89 -22.13 10.58
N SER K 243 2.76 -22.19 11.28
CA SER K 243 1.63 -21.32 11.02
C SER K 243 1.23 -20.60 12.31
N ALA K 244 0.55 -19.46 12.13
CA ALA K 244 0.15 -18.62 13.24
C ALA K 244 -1.32 -18.27 13.11
N CYS K 245 -1.92 -17.88 14.25
CA CYS K 245 -3.32 -17.49 14.27
C CYS K 245 -3.53 -16.22 13.46
N ASN K 246 -4.65 -16.16 12.75
CA ASN K 246 -4.99 -15.02 11.90
C ASN K 246 -6.17 -14.23 12.44
N GLU K 247 -6.29 -14.14 13.76
CA GLU K 247 -7.33 -13.36 14.41
C GLU K 247 -6.73 -12.60 15.58
N PRO K 248 -7.32 -11.46 15.95
CA PRO K 248 -6.78 -10.69 17.07
C PRO K 248 -6.88 -11.40 18.41
N ASP K 249 -7.75 -12.39 18.54
CA ASP K 249 -7.94 -13.09 19.80
C ASP K 249 -8.24 -14.56 19.51
N PHE K 250 -7.99 -15.39 20.53
CA PHE K 250 -8.21 -16.84 20.43
C PHE K 250 -9.64 -17.15 20.80
N GLU K 251 -10.45 -17.53 19.82
CA GLU K 251 -11.87 -17.82 20.02
C GLU K 251 -12.14 -19.31 19.85
N PHE K 252 -13.27 -19.74 20.41
CA PHE K 252 -13.72 -21.12 20.31
C PHE K 252 -14.64 -21.30 19.11
N ASN K 253 -14.58 -22.49 18.52
CA ASN K 253 -15.42 -22.84 17.38
C ASN K 253 -16.28 -24.04 17.74
N ASP K 254 -17.45 -24.12 17.10
CA ASP K 254 -18.42 -25.15 17.41
C ASP K 254 -18.23 -26.36 16.51
N ILE K 255 -18.50 -27.55 17.06
CA ILE K 255 -18.38 -28.79 16.30
C ILE K 255 -19.53 -28.89 15.31
N LEU K 256 -19.20 -29.19 14.05
CA LEU K 256 -20.20 -29.36 13.01
C LEU K 256 -20.57 -30.84 12.88
N GLU K 257 -21.74 -31.08 12.29
CA GLU K 257 -22.28 -32.42 12.16
C GLU K 257 -22.76 -32.65 10.73
N GLY K 258 -22.61 -33.88 10.27
CA GLY K 258 -23.17 -34.31 9.00
C GLY K 258 -22.39 -33.95 7.76
N ILE K 259 -21.21 -33.35 7.90
CA ILE K 259 -20.42 -32.91 6.76
C ILE K 259 -19.43 -34.01 6.40
N GLN K 260 -19.56 -34.54 5.18
CA GLN K 260 -18.64 -35.54 4.65
C GLN K 260 -17.91 -35.09 3.39
N THR K 261 -18.52 -34.23 2.57
CA THR K 261 -17.92 -33.76 1.35
C THR K 261 -18.18 -32.28 1.18
N LEU K 262 -17.27 -31.61 0.48
CA LEU K 262 -17.43 -30.20 0.12
C LEU K 262 -17.09 -30.03 -1.34
N PRO K 263 -18.07 -29.79 -2.22
CA PRO K 263 -19.50 -29.54 -1.94
C PRO K 263 -20.25 -30.79 -1.46
N PRO K 264 -21.34 -30.59 -0.73
CA PRO K 264 -22.11 -31.74 -0.21
C PRO K 264 -22.81 -32.48 -1.34
N ALA K 265 -23.38 -33.62 -0.97
CA ALA K 265 -24.11 -34.43 -1.93
C ALA K 265 -25.33 -33.69 -2.46
N ASN K 266 -25.68 -33.99 -3.71
CA ASN K 266 -26.80 -33.41 -4.43
C ASN K 266 -26.59 -31.94 -4.76
N VAL K 267 -25.41 -31.40 -4.49
CA VAL K 267 -25.05 -30.04 -4.87
C VAL K 267 -23.88 -30.11 -5.84
N SER K 268 -24.07 -29.55 -7.03
CA SER K 268 -23.07 -29.65 -8.08
C SER K 268 -22.01 -28.58 -7.93
N LEU K 269 -20.81 -28.88 -8.44
CA LEU K 269 -19.73 -27.90 -8.45
C LEU K 269 -20.06 -26.77 -9.42
N GLY K 270 -19.45 -25.62 -9.17
CA GLY K 270 -19.73 -24.42 -9.94
C GLY K 270 -20.78 -23.54 -9.31
N SER K 271 -21.88 -24.15 -8.86
CA SER K 271 -22.87 -23.39 -8.08
C SER K 271 -22.30 -22.93 -6.75
N THR K 272 -21.42 -23.73 -6.15
CA THR K 272 -20.75 -23.34 -4.91
C THR K 272 -19.61 -22.37 -5.13
N GLY K 273 -19.10 -22.27 -6.37
CA GLY K 273 -18.00 -21.39 -6.68
C GLY K 273 -16.63 -21.92 -6.33
N GLN K 274 -16.51 -23.17 -5.89
CA GLN K 274 -15.24 -23.74 -5.53
C GLN K 274 -14.44 -24.13 -6.77
N PRO K 275 -13.10 -24.07 -6.68
CA PRO K 275 -12.28 -24.49 -7.83
C PRO K 275 -12.20 -26.00 -7.98
N PHE K 276 -12.20 -26.72 -6.86
CA PHE K 276 -12.13 -28.18 -6.87
C PHE K 276 -12.93 -28.72 -5.70
N THR K 277 -12.75 -30.00 -5.40
CA THR K 277 -13.58 -30.73 -4.46
C THR K 277 -12.75 -31.29 -3.32
N MET K 278 -13.30 -31.26 -2.11
CA MET K 278 -12.71 -31.89 -0.93
C MET K 278 -13.62 -33.04 -0.52
N ASP K 279 -13.04 -34.24 -0.41
CA ASP K 279 -13.78 -35.44 -0.11
C ASP K 279 -13.10 -36.20 1.03
N SER K 280 -13.90 -36.95 1.79
CA SER K 280 -13.41 -37.68 2.93
C SER K 280 -13.86 -39.14 2.98
N GLY K 281 -14.53 -39.64 1.95
CA GLY K 281 -14.87 -41.04 1.90
C GLY K 281 -16.01 -41.42 2.84
N ALA K 282 -15.92 -42.64 3.37
CA ALA K 282 -16.99 -43.18 4.19
C ALA K 282 -17.07 -42.46 5.54
N GLU K 283 -18.23 -42.62 6.20
CA GLU K 283 -18.50 -41.95 7.46
C GLU K 283 -17.91 -42.67 8.67
N ALA K 284 -17.46 -43.91 8.51
CA ALA K 284 -16.95 -44.70 9.62
C ALA K 284 -15.44 -44.59 9.78
N THR K 285 -14.75 -43.85 8.92
CA THR K 285 -13.30 -43.75 8.97
C THR K 285 -12.79 -42.33 9.15
N SER K 286 -13.41 -41.35 8.49
CA SER K 286 -12.89 -39.99 8.51
C SER K 286 -14.02 -39.00 8.28
N GLY K 287 -13.73 -37.73 8.55
CA GLY K 287 -14.69 -36.67 8.31
C GLY K 287 -14.07 -35.34 8.69
N VAL K 288 -14.86 -34.29 8.48
CA VAL K 288 -14.48 -32.93 8.82
C VAL K 288 -15.48 -32.40 9.84
N VAL K 289 -14.98 -31.95 10.99
CA VAL K 289 -15.81 -31.55 12.11
C VAL K 289 -15.68 -30.07 12.46
N GLY K 290 -14.82 -29.33 11.77
CA GLY K 290 -14.67 -27.93 12.09
C GLY K 290 -13.61 -27.28 11.22
N TRP K 291 -13.37 -26.00 11.50
CA TRP K 291 -12.38 -25.22 10.77
C TRP K 291 -11.91 -24.10 11.69
N GLY K 292 -10.64 -24.14 12.09
CA GLY K 292 -10.11 -23.19 13.05
C GLY K 292 -9.63 -21.91 12.40
N ASN K 293 -9.09 -21.02 13.26
CA ASN K 293 -8.60 -19.72 12.83
C ASN K 293 -7.10 -19.79 12.60
N MET K 294 -6.73 -20.53 11.56
CA MET K 294 -5.32 -20.68 11.18
C MET K 294 -5.20 -20.61 9.67
N ASP K 295 -4.00 -20.26 9.22
CA ASP K 295 -3.70 -20.18 7.79
C ASP K 295 -3.29 -21.55 7.25
N THR K 296 -3.63 -21.79 6.00
CA THR K 296 -3.37 -23.08 5.35
C THR K 296 -2.03 -23.02 4.63
N ILE K 297 -1.18 -24.03 4.88
CA ILE K 297 0.12 -24.14 4.22
C ILE K 297 -0.04 -24.98 2.97
N VAL K 298 0.51 -24.48 1.86
CA VAL K 298 0.45 -25.16 0.57
C VAL K 298 1.85 -25.57 0.18
N ILE K 299 2.03 -26.84 -0.16
CA ILE K 299 3.33 -27.40 -0.53
C ILE K 299 3.20 -28.08 -1.88
N ARG K 300 4.07 -27.73 -2.81
CA ARG K 300 4.13 -28.34 -4.13
C ARG K 300 5.48 -29.02 -4.30
N VAL K 301 5.47 -30.30 -4.65
CA VAL K 301 6.68 -31.07 -4.90
C VAL K 301 6.69 -31.46 -6.37
N SER K 302 7.71 -31.01 -7.09
CA SER K 302 7.84 -31.28 -8.52
C SER K 302 8.89 -32.36 -8.72
N ALA K 303 8.55 -33.35 -9.54
CA ALA K 303 9.45 -34.48 -9.80
C ALA K 303 9.50 -34.74 -11.30
N PRO K 304 10.61 -34.43 -11.97
CA PRO K 304 10.74 -34.76 -13.39
C PRO K 304 10.77 -36.27 -13.61
N GLU K 305 10.63 -36.65 -14.87
CA GLU K 305 10.63 -38.07 -15.23
C GLU K 305 11.98 -38.70 -14.91
N GLY K 306 11.94 -39.90 -14.34
CA GLY K 306 13.14 -40.60 -13.95
C GLY K 306 13.61 -40.34 -12.53
N ALA K 307 12.97 -39.44 -11.81
CA ALA K 307 13.37 -39.13 -10.45
C ALA K 307 12.86 -40.20 -9.48
N VAL K 308 13.58 -40.34 -8.37
CA VAL K 308 13.22 -41.25 -7.30
C VAL K 308 13.19 -40.44 -6.02
N ASN K 309 12.01 -39.98 -5.63
CA ASN K 309 11.85 -39.11 -4.47
C ASN K 309 11.03 -39.82 -3.40
N SER K 310 11.49 -39.73 -2.15
CA SER K 310 10.80 -40.30 -1.01
C SER K 310 11.26 -39.58 0.24
N ALA K 311 10.33 -39.37 1.18
CA ALA K 311 10.63 -38.61 2.38
C ALA K 311 9.72 -39.06 3.51
N ILE K 312 10.06 -38.64 4.72
CA ILE K 312 9.28 -38.93 5.92
C ILE K 312 8.62 -37.64 6.36
N LEU K 313 7.30 -37.66 6.47
CA LEU K 313 6.52 -36.48 6.82
C LEU K 313 6.13 -36.54 8.30
N LYS K 314 6.24 -35.38 8.96
CA LYS K 314 5.92 -35.26 10.39
C LYS K 314 5.02 -34.06 10.61
N ALA K 315 4.10 -34.19 11.55
CA ALA K 315 3.17 -33.11 11.88
C ALA K 315 3.03 -33.02 13.39
N TRP K 316 2.74 -31.80 13.87
CA TRP K 316 2.52 -31.55 15.29
C TRP K 316 1.36 -30.58 15.45
N SER K 317 0.73 -30.61 16.62
CA SER K 317 -0.42 -29.75 16.87
C SER K 317 -0.64 -29.60 18.37
N CYS K 318 -0.92 -28.38 18.79
CA CYS K 318 -1.36 -28.07 20.15
C CYS K 318 -2.80 -27.60 20.07
N ILE K 319 -3.72 -28.36 20.66
CA ILE K 319 -5.15 -28.07 20.60
C ILE K 319 -5.74 -28.09 22.00
N GLU K 320 -6.84 -27.35 22.17
CA GLU K 320 -7.60 -27.31 23.41
C GLU K 320 -9.05 -27.70 23.12
N TYR K 321 -9.61 -28.53 23.98
CA TYR K 321 -10.97 -29.05 23.78
C TYR K 321 -11.83 -28.74 25.00
N ARG K 322 -13.14 -28.77 24.78
CA ARG K 322 -14.12 -28.64 25.85
C ARG K 322 -14.79 -29.99 26.07
N PRO K 323 -14.49 -30.70 27.15
CA PRO K 323 -15.01 -32.05 27.33
C PRO K 323 -16.44 -32.04 27.88
N ASN K 324 -17.08 -33.24 27.80
CA ASN K 324 -18.42 -33.52 28.29
C ASN K 324 -18.35 -34.32 29.59
N PRO K 325 -19.31 -34.12 30.49
CA PRO K 325 -19.28 -34.84 31.77
C PRO K 325 -19.37 -36.35 31.61
N ASN K 326 -20.08 -36.85 30.60
CA ASN K 326 -20.30 -38.28 30.44
C ASN K 326 -19.18 -38.98 29.69
N ALA K 327 -18.16 -38.24 29.25
CA ALA K 327 -17.06 -38.83 28.50
C ALA K 327 -15.91 -39.21 29.43
N MET K 328 -15.11 -40.17 28.99
CA MET K 328 -13.93 -40.58 29.75
C MET K 328 -12.87 -39.49 29.80
N LEU K 329 -12.85 -38.59 28.80
CA LEU K 329 -11.83 -37.54 28.74
C LEU K 329 -11.90 -36.58 29.93
N TYR K 330 -13.05 -36.51 30.61
CA TYR K 330 -13.22 -35.55 31.70
C TYR K 330 -12.25 -35.79 32.85
N GLN K 331 -11.73 -37.01 32.99
CA GLN K 331 -10.83 -37.31 34.10
C GLN K 331 -9.52 -36.52 34.00
N PHE K 332 -9.09 -36.18 32.78
CA PHE K 332 -7.81 -35.55 32.55
C PHE K 332 -7.92 -34.05 32.27
N GLY K 333 -9.07 -33.45 32.52
CA GLY K 333 -9.23 -32.03 32.30
C GLY K 333 -8.53 -31.19 33.36
N HIS K 334 -8.28 -29.93 33.00
CA HIS K 334 -7.60 -29.01 33.90
C HIS K 334 -7.96 -27.58 33.51
N ASP K 335 -7.69 -26.67 34.45
CA ASP K 335 -7.96 -25.25 34.22
C ASP K 335 -6.94 -24.65 33.25
N SER K 336 -7.42 -23.70 32.43
CA SER K 336 -6.54 -23.02 31.50
C SER K 336 -5.61 -22.06 32.24
N PRO K 337 -4.39 -21.84 31.72
CA PRO K 337 -3.45 -20.95 32.40
C PRO K 337 -3.96 -19.52 32.40
N PRO K 338 -3.58 -18.73 33.41
CA PRO K 338 -4.02 -17.32 33.45
C PRO K 338 -3.36 -16.45 32.38
N LEU K 339 -3.64 -15.15 32.41
CA LEU K 339 -3.17 -14.23 31.39
C LEU K 339 -1.67 -13.99 31.50
N ASP K 340 -1.04 -13.77 30.35
CA ASP K 340 0.38 -13.42 30.30
C ASP K 340 0.57 -12.53 29.07
N GLU K 341 0.63 -11.22 29.29
CA GLU K 341 0.68 -10.26 28.18
C GLU K 341 2.00 -10.35 27.41
N VAL K 342 3.12 -10.48 28.14
CA VAL K 342 4.43 -10.50 27.50
C VAL K 342 4.55 -11.71 26.58
N ALA K 343 3.97 -12.84 26.99
CA ALA K 343 4.00 -14.03 26.14
C ALA K 343 3.28 -13.79 24.82
N LEU K 344 2.13 -13.12 24.86
CA LEU K 344 1.40 -12.83 23.63
C LEU K 344 2.16 -11.84 22.75
N GLN K 345 2.75 -10.81 23.36
CA GLN K 345 3.53 -9.85 22.57
C GLN K 345 4.72 -10.53 21.90
N GLU K 346 5.43 -11.39 22.64
CA GLU K 346 6.53 -12.15 22.06
C GLU K 346 6.04 -13.10 20.97
N TYR K 347 4.88 -13.73 21.18
CA TYR K 347 4.28 -14.56 20.13
C TYR K 347 4.12 -13.77 18.84
N ARG K 348 3.49 -12.58 18.93
CA ARG K 348 3.27 -11.79 17.72
C ARG K 348 4.58 -11.36 17.09
N THR K 349 5.53 -10.90 17.90
CA THR K 349 6.80 -10.41 17.35
C THR K 349 7.59 -11.53 16.67
N VAL K 350 7.70 -12.68 17.33
CA VAL K 350 8.44 -13.80 16.78
C VAL K 350 7.75 -14.32 15.52
N ALA K 351 6.41 -14.41 15.54
CA ALA K 351 5.70 -14.84 14.34
C ALA K 351 5.92 -13.87 13.18
N ARG K 352 6.04 -12.57 13.48
CA ARG K 352 6.31 -11.61 12.41
C ARG K 352 7.74 -11.70 11.89
N SER K 353 8.70 -11.98 12.77
CA SER K 353 10.11 -11.89 12.40
C SER K 353 10.66 -13.17 11.76
N LEU K 354 9.90 -14.28 11.77
CA LEU K 354 10.42 -15.52 11.23
C LEU K 354 10.24 -15.57 9.72
N PRO K 355 11.08 -16.34 9.02
CA PRO K 355 10.92 -16.53 7.58
C PRO K 355 9.75 -17.47 7.27
N VAL K 356 9.45 -17.59 5.98
CA VAL K 356 8.35 -18.47 5.56
C VAL K 356 8.68 -19.93 5.86
N ALA K 357 9.89 -20.35 5.51
CA ALA K 357 10.31 -21.72 5.77
C ALA K 357 11.82 -21.78 5.77
N VAL K 358 12.36 -22.84 6.38
CA VAL K 358 13.79 -23.08 6.44
C VAL K 358 14.05 -24.52 6.03
N ILE K 359 15.31 -24.80 5.70
CA ILE K 359 15.69 -26.16 5.33
C ILE K 359 15.59 -27.07 6.55
N ALA K 360 15.44 -28.37 6.29
CA ALA K 360 15.23 -29.34 7.36
C ALA K 360 16.41 -29.46 8.31
N ALA K 361 17.60 -29.04 7.88
CA ALA K 361 18.77 -29.13 8.75
C ALA K 361 18.70 -28.15 9.93
N GLN K 362 17.88 -27.11 9.82
CA GLN K 362 17.74 -26.11 10.87
C GLN K 362 16.36 -26.15 11.54
N ASN K 363 15.71 -27.30 11.52
CA ASN K 363 14.39 -27.43 12.12
C ASN K 363 14.47 -27.55 13.63
N ALA L 1 23.02 -22.20 13.45
CA ALA L 1 22.67 -22.95 14.65
C ALA L 1 21.25 -23.49 14.56
N SER L 2 20.68 -23.85 15.71
CA SER L 2 19.34 -24.40 15.75
C SER L 2 18.29 -23.29 15.77
N MET L 3 17.02 -23.69 15.69
CA MET L 3 15.93 -22.72 15.63
C MET L 3 15.66 -22.11 17.00
N TRP L 4 15.78 -22.90 18.07
CA TRP L 4 15.56 -22.37 19.42
C TRP L 4 16.52 -21.24 19.73
N GLU L 5 17.77 -21.35 19.27
CA GLU L 5 18.73 -20.26 19.45
C GLU L 5 18.26 -19.00 18.73
N ARG L 6 17.72 -19.15 17.52
CA ARG L 6 17.18 -18.01 16.79
C ARG L 6 16.04 -17.36 17.55
N VAL L 7 15.13 -18.17 18.08
CA VAL L 7 13.98 -17.64 18.83
C VAL L 7 14.45 -16.91 20.09
N LYS L 8 15.42 -17.51 20.80
CA LYS L 8 15.96 -16.87 21.99
C LYS L 8 16.62 -15.54 21.64
N SER L 9 17.38 -15.49 20.54
CA SER L 9 18.01 -14.24 20.14
C SER L 9 16.98 -13.18 19.80
N ILE L 10 15.93 -13.56 19.07
CA ILE L 10 14.89 -12.60 18.72
C ILE L 10 14.20 -12.07 19.97
N ILE L 11 13.85 -12.96 20.89
CA ILE L 11 13.15 -12.55 22.12
C ILE L 11 14.04 -11.64 22.96
N LYS L 12 15.32 -12.00 23.10
CA LYS L 12 16.23 -11.19 23.90
C LYS L 12 16.45 -9.82 23.28
N SER L 13 16.59 -9.76 21.95
CA SER L 13 16.73 -8.46 21.29
C SER L 13 15.48 -7.61 21.48
N SER L 14 14.30 -8.21 21.35
CA SER L 14 13.06 -7.47 21.54
C SER L 14 12.96 -6.94 22.97
N LEU L 15 13.31 -7.77 23.95
CA LEU L 15 13.23 -7.33 25.35
C LEU L 15 14.26 -6.25 25.65
N ALA L 16 15.46 -6.36 25.07
CA ALA L 16 16.48 -5.33 25.26
C ALA L 16 16.07 -4.01 24.64
N ALA L 17 15.38 -4.07 23.48
CA ALA L 17 14.94 -2.84 22.82
C ALA L 17 13.85 -2.13 23.59
N ALA L 18 13.25 -2.76 24.59
CA ALA L 18 12.20 -2.14 25.38
C ALA L 18 12.74 -1.69 26.74
#